data_3RSL
# 
_entry.id   3RSL 
# 
_audit_conform.dict_name       mmcif_pdbx.dic 
_audit_conform.dict_version    5.387 
_audit_conform.dict_location   http://mmcif.pdb.org/dictionaries/ascii/mmcif_pdbx.dic 
# 
loop_
_database_2.database_id 
_database_2.database_code 
_database_2.pdbx_database_accession 
_database_2.pdbx_DOI 
PDB   3RSL         pdb_00003rsl 10.2210/pdb3rsl/pdb 
RCSB  RCSB065325   ?            ?                   
WWPDB D_1000065325 ?            ?                   
# 
loop_
_pdbx_audit_revision_history.ordinal 
_pdbx_audit_revision_history.data_content_type 
_pdbx_audit_revision_history.major_revision 
_pdbx_audit_revision_history.minor_revision 
_pdbx_audit_revision_history.revision_date 
1 'Structure model' 1 0 2011-09-21 
2 'Structure model' 1 1 2011-10-12 
3 'Structure model' 1 2 2011-11-09 
4 'Structure model' 1 3 2017-11-08 
5 'Structure model' 1 4 2024-02-28 
# 
_pdbx_audit_revision_details.ordinal             1 
_pdbx_audit_revision_details.revision_ordinal    1 
_pdbx_audit_revision_details.data_content_type   'Structure model' 
_pdbx_audit_revision_details.provider            repository 
_pdbx_audit_revision_details.type                'Initial release' 
_pdbx_audit_revision_details.description         ? 
_pdbx_audit_revision_details.details             ? 
# 
loop_
_pdbx_audit_revision_group.ordinal 
_pdbx_audit_revision_group.revision_ordinal 
_pdbx_audit_revision_group.data_content_type 
_pdbx_audit_revision_group.group 
1 2 'Structure model' 'Database references'    
2 3 'Structure model' 'Database references'    
3 4 'Structure model' 'Refinement description' 
4 5 'Structure model' 'Data collection'        
5 5 'Structure model' 'Database references'    
6 5 'Structure model' 'Derived calculations'   
# 
loop_
_pdbx_audit_revision_category.ordinal 
_pdbx_audit_revision_category.revision_ordinal 
_pdbx_audit_revision_category.data_content_type 
_pdbx_audit_revision_category.category 
1 4 'Structure model' software               
2 5 'Structure model' chem_comp_atom         
3 5 'Structure model' chem_comp_bond         
4 5 'Structure model' database_2             
5 5 'Structure model' pdbx_struct_conn_angle 
6 5 'Structure model' struct_conn            
7 5 'Structure model' struct_site            
# 
loop_
_pdbx_audit_revision_item.ordinal 
_pdbx_audit_revision_item.revision_ordinal 
_pdbx_audit_revision_item.data_content_type 
_pdbx_audit_revision_item.item 
1  4 'Structure model' '_software.name'                              
2  5 'Structure model' '_database_2.pdbx_DOI'                        
3  5 'Structure model' '_database_2.pdbx_database_accession'         
4  5 'Structure model' '_pdbx_struct_conn_angle.ptnr1_auth_comp_id'  
5  5 'Structure model' '_pdbx_struct_conn_angle.ptnr1_auth_seq_id'   
6  5 'Structure model' '_pdbx_struct_conn_angle.ptnr1_label_asym_id' 
7  5 'Structure model' '_pdbx_struct_conn_angle.ptnr1_label_atom_id' 
8  5 'Structure model' '_pdbx_struct_conn_angle.ptnr1_label_comp_id' 
9  5 'Structure model' '_pdbx_struct_conn_angle.ptnr1_label_seq_id'  
10 5 'Structure model' '_pdbx_struct_conn_angle.ptnr2_auth_seq_id'   
11 5 'Structure model' '_pdbx_struct_conn_angle.ptnr2_label_asym_id' 
12 5 'Structure model' '_pdbx_struct_conn_angle.ptnr3_auth_comp_id'  
13 5 'Structure model' '_pdbx_struct_conn_angle.ptnr3_auth_seq_id'   
14 5 'Structure model' '_pdbx_struct_conn_angle.ptnr3_label_asym_id' 
15 5 'Structure model' '_pdbx_struct_conn_angle.ptnr3_label_atom_id' 
16 5 'Structure model' '_pdbx_struct_conn_angle.ptnr3_label_comp_id' 
17 5 'Structure model' '_pdbx_struct_conn_angle.ptnr3_label_seq_id'  
18 5 'Structure model' '_pdbx_struct_conn_angle.value'               
19 5 'Structure model' '_struct_conn.pdbx_dist_value'                
20 5 'Structure model' '_struct_conn.ptnr1_auth_comp_id'             
21 5 'Structure model' '_struct_conn.ptnr1_auth_seq_id'              
22 5 'Structure model' '_struct_conn.ptnr1_label_asym_id'            
23 5 'Structure model' '_struct_conn.ptnr1_label_atom_id'            
24 5 'Structure model' '_struct_conn.ptnr1_label_comp_id'            
25 5 'Structure model' '_struct_conn.ptnr1_label_seq_id'             
26 5 'Structure model' '_struct_conn.ptnr2_auth_comp_id'             
27 5 'Structure model' '_struct_conn.ptnr2_auth_seq_id'              
28 5 'Structure model' '_struct_conn.ptnr2_label_asym_id'            
29 5 'Structure model' '_struct_conn.ptnr2_label_atom_id'            
30 5 'Structure model' '_struct_conn.ptnr2_label_comp_id'            
31 5 'Structure model' '_struct_site.pdbx_auth_asym_id'              
32 5 'Structure model' '_struct_site.pdbx_auth_comp_id'              
33 5 'Structure model' '_struct_site.pdbx_auth_seq_id'               
# 
_pdbx_database_status.entry_id                        3RSL 
_pdbx_database_status.status_code                     REL 
_pdbx_database_status.deposit_site                    RCSB 
_pdbx_database_status.process_site                    RCSB 
_pdbx_database_status.recvd_initial_deposition_date   2011-05-02 
_pdbx_database_status.status_code_sf                  REL 
_pdbx_database_status.status_code_mr                  ? 
_pdbx_database_status.SG_entry                        ? 
_pdbx_database_status.status_code_cs                  ? 
_pdbx_database_status.pdb_format_compatible           Y 
_pdbx_database_status.methods_development_category    ? 
_pdbx_database_status.status_code_nmr_data            ? 
# 
loop_
_pdbx_database_related.db_name 
_pdbx_database_related.db_id 
_pdbx_database_related.details 
_pdbx_database_related.content_type 
PDB 3RRY 'H-Ras crosslinked and soaked in aqueous solution: 1 of 10 in MSCS set' unspecified 
PDB 3RRZ 'H-Ras soaked in 70% glycerol: 1 of 10 in MSCS set'                     unspecified 
PDB 3RS0 'H-Ras soaked in neat cyclopentanol: 1 of 10 in MSCS set'               unspecified 
PDB 3RS2 'H-Ras soaked in 50% trifluoroethanol: 1 of 10 in MSCS set'             unspecified 
PDB 3RS3 'H-Ras soaked in neat hexane: 1 of 10 in MSCS set'                      unspecified 
PDB 3RS4 'H-Ras soaked in 60% 1,6-hexanediol: 1 of 10 in MSCS set'               unspecified 
PDB 3RS5 'H-Ras soaked in 55% dimethylformamide: 1 of 10 in MSCS set'            unspecified 
PDB 3RS7 'H-Ras soaked in 50% isopropanol: 1 of 10 in MSCS set'                  unspecified 
PDB 3RSO 'H-Ras soaked in 20% S,R,S-bisfuranol: 1 of 10 in MSCS set'             unspecified 
# 
loop_
_audit_author.name 
_audit_author.pdbx_ordinal 
'Mattos, C.'  1 
'Buhrman, G.' 2 
'Kearney, B.' 3 
# 
_citation.id                        primary 
_citation.title                     'Analysis of Binding Site Hot Spots on the Surface of Ras GTPase.' 
_citation.journal_abbrev            J.Mol.Biol. 
_citation.journal_volume            413 
_citation.page_first                773 
_citation.page_last                 789 
_citation.year                      2011 
_citation.journal_id_ASTM           JMOBAK 
_citation.country                   UK 
_citation.journal_id_ISSN           0022-2836 
_citation.journal_id_CSD            0070 
_citation.book_publisher            ? 
_citation.pdbx_database_id_PubMed   21945529 
_citation.pdbx_database_id_DOI      10.1016/j.jmb.2011.09.011 
# 
loop_
_citation_author.citation_id 
_citation_author.name 
_citation_author.ordinal 
_citation_author.identifier_ORCID 
primary 'Buhrman, G.'     1  ? 
primary 'O Connor, C.'    2  ? 
primary 'Zerbe, B.'       3  ? 
primary 'Kearney, B.M.'   4  ? 
primary 'Napoleon, R.'    5  ? 
primary 'Kovrigina, E.A.' 6  ? 
primary 'Vajda, S.'       7  ? 
primary 'Kozakov, D.'     8  ? 
primary 'Kovrigin, E.L.'  9  ? 
primary 'Mattos, C.'      10 ? 
# 
loop_
_entity.id 
_entity.type 
_entity.src_method 
_entity.pdbx_description 
_entity.formula_weight 
_entity.pdbx_number_of_molecules 
_entity.pdbx_ec 
_entity.pdbx_mutation 
_entity.pdbx_fragment 
_entity.details 
1 polymer     man 'GTPase HRas'                                 18875.191 1  ? ? ? ? 
2 non-polymer syn 'PHOSPHOAMINOPHOSPHONIC ACID-GUANYLATE ESTER' 522.196   1  ? ? ? ? 
3 non-polymer syn '(3R,3aS,6aR)-hexahydrofuro[2,3-b]furan-3-ol' 130.142   13 ? ? ? ? 
4 non-polymer syn 'MAGNESIUM ION'                               24.305    1  ? ? ? ? 
5 non-polymer syn 'CALCIUM ION'                                 40.078    3  ? ? ? ? 
6 water       nat water                                         18.015    48 ? ? ? ? 
# 
_entity_name_com.entity_id   1 
_entity_name_com.name        'H-Ras-1, Ha-Ras, Transforming protein p21, c-H-ras, p21ras, GTPase HRas, N-terminally processed' 
# 
_entity_poly.entity_id                      1 
_entity_poly.type                           'polypeptide(L)' 
_entity_poly.nstd_linkage                   no 
_entity_poly.nstd_monomer                   no 
_entity_poly.pdbx_seq_one_letter_code       
;MTEYKLVVVGAGGVGKSALTIQLIQNHFVDEYDPTIEDSYRKQVVIDGETCLLDILDTAGQEEYSAMRDQYMRTGEGFLC
VFAINNTKSFEDIHQYREQIKRVKDSDDVPMVLVGNKCDLAARTVESRQAQDLARSYGIPYIETSAKTRQGVEDAFYTLV
REIRQH
;
_entity_poly.pdbx_seq_one_letter_code_can   
;MTEYKLVVVGAGGVGKSALTIQLIQNHFVDEYDPTIEDSYRKQVVIDGETCLLDILDTAGQEEYSAMRDQYMRTGEGFLC
VFAINNTKSFEDIHQYREQIKRVKDSDDVPMVLVGNKCDLAARTVESRQAQDLARSYGIPYIETSAKTRQGVEDAFYTLV
REIRQH
;
_entity_poly.pdbx_strand_id                 A 
_entity_poly.pdbx_target_identifier         ? 
# 
loop_
_pdbx_entity_nonpoly.entity_id 
_pdbx_entity_nonpoly.name 
_pdbx_entity_nonpoly.comp_id 
2 'PHOSPHOAMINOPHOSPHONIC ACID-GUANYLATE ESTER' GNP 
3 '(3R,3aS,6aR)-hexahydrofuro[2,3-b]furan-3-ol' RSF 
4 'MAGNESIUM ION'                               MG  
5 'CALCIUM ION'                                 CA  
6 water                                         HOH 
# 
loop_
_entity_poly_seq.entity_id 
_entity_poly_seq.num 
_entity_poly_seq.mon_id 
_entity_poly_seq.hetero 
1 1   MET n 
1 2   THR n 
1 3   GLU n 
1 4   TYR n 
1 5   LYS n 
1 6   LEU n 
1 7   VAL n 
1 8   VAL n 
1 9   VAL n 
1 10  GLY n 
1 11  ALA n 
1 12  GLY n 
1 13  GLY n 
1 14  VAL n 
1 15  GLY n 
1 16  LYS n 
1 17  SER n 
1 18  ALA n 
1 19  LEU n 
1 20  THR n 
1 21  ILE n 
1 22  GLN n 
1 23  LEU n 
1 24  ILE n 
1 25  GLN n 
1 26  ASN n 
1 27  HIS n 
1 28  PHE n 
1 29  VAL n 
1 30  ASP n 
1 31  GLU n 
1 32  TYR n 
1 33  ASP n 
1 34  PRO n 
1 35  THR n 
1 36  ILE n 
1 37  GLU n 
1 38  ASP n 
1 39  SER n 
1 40  TYR n 
1 41  ARG n 
1 42  LYS n 
1 43  GLN n 
1 44  VAL n 
1 45  VAL n 
1 46  ILE n 
1 47  ASP n 
1 48  GLY n 
1 49  GLU n 
1 50  THR n 
1 51  CYS n 
1 52  LEU n 
1 53  LEU n 
1 54  ASP n 
1 55  ILE n 
1 56  LEU n 
1 57  ASP n 
1 58  THR n 
1 59  ALA n 
1 60  GLY n 
1 61  GLN n 
1 62  GLU n 
1 63  GLU n 
1 64  TYR n 
1 65  SER n 
1 66  ALA n 
1 67  MET n 
1 68  ARG n 
1 69  ASP n 
1 70  GLN n 
1 71  TYR n 
1 72  MET n 
1 73  ARG n 
1 74  THR n 
1 75  GLY n 
1 76  GLU n 
1 77  GLY n 
1 78  PHE n 
1 79  LEU n 
1 80  CYS n 
1 81  VAL n 
1 82  PHE n 
1 83  ALA n 
1 84  ILE n 
1 85  ASN n 
1 86  ASN n 
1 87  THR n 
1 88  LYS n 
1 89  SER n 
1 90  PHE n 
1 91  GLU n 
1 92  ASP n 
1 93  ILE n 
1 94  HIS n 
1 95  GLN n 
1 96  TYR n 
1 97  ARG n 
1 98  GLU n 
1 99  GLN n 
1 100 ILE n 
1 101 LYS n 
1 102 ARG n 
1 103 VAL n 
1 104 LYS n 
1 105 ASP n 
1 106 SER n 
1 107 ASP n 
1 108 ASP n 
1 109 VAL n 
1 110 PRO n 
1 111 MET n 
1 112 VAL n 
1 113 LEU n 
1 114 VAL n 
1 115 GLY n 
1 116 ASN n 
1 117 LYS n 
1 118 CYS n 
1 119 ASP n 
1 120 LEU n 
1 121 ALA n 
1 122 ALA n 
1 123 ARG n 
1 124 THR n 
1 125 VAL n 
1 126 GLU n 
1 127 SER n 
1 128 ARG n 
1 129 GLN n 
1 130 ALA n 
1 131 GLN n 
1 132 ASP n 
1 133 LEU n 
1 134 ALA n 
1 135 ARG n 
1 136 SER n 
1 137 TYR n 
1 138 GLY n 
1 139 ILE n 
1 140 PRO n 
1 141 TYR n 
1 142 ILE n 
1 143 GLU n 
1 144 THR n 
1 145 SER n 
1 146 ALA n 
1 147 LYS n 
1 148 THR n 
1 149 ARG n 
1 150 GLN n 
1 151 GLY n 
1 152 VAL n 
1 153 GLU n 
1 154 ASP n 
1 155 ALA n 
1 156 PHE n 
1 157 TYR n 
1 158 THR n 
1 159 LEU n 
1 160 VAL n 
1 161 ARG n 
1 162 GLU n 
1 163 ILE n 
1 164 ARG n 
1 165 GLN n 
1 166 HIS n 
# 
_entity_src_gen.entity_id                          1 
_entity_src_gen.pdbx_src_id                        1 
_entity_src_gen.pdbx_alt_source_flag               sample 
_entity_src_gen.pdbx_seq_type                      ? 
_entity_src_gen.pdbx_beg_seq_num                   ? 
_entity_src_gen.pdbx_end_seq_num                   ? 
_entity_src_gen.gene_src_common_name               human 
_entity_src_gen.gene_src_genus                     ? 
_entity_src_gen.pdbx_gene_src_gene                 'HRAS, HRAS1' 
_entity_src_gen.gene_src_species                   ? 
_entity_src_gen.gene_src_strain                    ? 
_entity_src_gen.gene_src_tissue                    ? 
_entity_src_gen.gene_src_tissue_fraction           ? 
_entity_src_gen.gene_src_details                   ? 
_entity_src_gen.pdbx_gene_src_fragment             ? 
_entity_src_gen.pdbx_gene_src_scientific_name      'Homo sapiens' 
_entity_src_gen.pdbx_gene_src_ncbi_taxonomy_id     9606 
_entity_src_gen.pdbx_gene_src_variant              ? 
_entity_src_gen.pdbx_gene_src_cell_line            ? 
_entity_src_gen.pdbx_gene_src_atcc                 ? 
_entity_src_gen.pdbx_gene_src_organ                ? 
_entity_src_gen.pdbx_gene_src_organelle            ? 
_entity_src_gen.pdbx_gene_src_cell                 ? 
_entity_src_gen.pdbx_gene_src_cellular_location    ? 
_entity_src_gen.host_org_common_name               ? 
_entity_src_gen.pdbx_host_org_scientific_name      'ESCHERICHIA COLI' 
_entity_src_gen.pdbx_host_org_ncbi_taxonomy_id     562 
_entity_src_gen.host_org_genus                     ? 
_entity_src_gen.pdbx_host_org_gene                 ? 
_entity_src_gen.pdbx_host_org_organ                ? 
_entity_src_gen.host_org_species                   ? 
_entity_src_gen.pdbx_host_org_tissue               ? 
_entity_src_gen.pdbx_host_org_tissue_fraction      ? 
_entity_src_gen.pdbx_host_org_strain               'BL21 (DE3)' 
_entity_src_gen.pdbx_host_org_variant              ? 
_entity_src_gen.pdbx_host_org_cell_line            ? 
_entity_src_gen.pdbx_host_org_atcc                 ? 
_entity_src_gen.pdbx_host_org_culture_collection   ? 
_entity_src_gen.pdbx_host_org_cell                 ? 
_entity_src_gen.pdbx_host_org_organelle            ? 
_entity_src_gen.pdbx_host_org_cellular_location    ? 
_entity_src_gen.pdbx_host_org_vector_type          plasmid 
_entity_src_gen.pdbx_host_org_vector               ? 
_entity_src_gen.host_org_details                   ? 
_entity_src_gen.expression_system_id               ? 
_entity_src_gen.plasmid_name                       PET21 
_entity_src_gen.plasmid_details                    ? 
_entity_src_gen.pdbx_description                   ? 
# 
loop_
_chem_comp.id 
_chem_comp.type 
_chem_comp.mon_nstd_flag 
_chem_comp.name 
_chem_comp.pdbx_synonyms 
_chem_comp.formula 
_chem_comp.formula_weight 
ALA 'L-peptide linking' y ALANINE                                       ? 'C3 H7 N O2'        89.093  
ARG 'L-peptide linking' y ARGININE                                      ? 'C6 H15 N4 O2 1'    175.209 
ASN 'L-peptide linking' y ASPARAGINE                                    ? 'C4 H8 N2 O3'       132.118 
ASP 'L-peptide linking' y 'ASPARTIC ACID'                               ? 'C4 H7 N O4'        133.103 
CA  non-polymer         . 'CALCIUM ION'                                 ? 'Ca 2'              40.078  
CYS 'L-peptide linking' y CYSTEINE                                      ? 'C3 H7 N O2 S'      121.158 
GLN 'L-peptide linking' y GLUTAMINE                                     ? 'C5 H10 N2 O3'      146.144 
GLU 'L-peptide linking' y 'GLUTAMIC ACID'                               ? 'C5 H9 N O4'        147.129 
GLY 'peptide linking'   y GLYCINE                                       ? 'C2 H5 N O2'        75.067  
GNP non-polymer         . 'PHOSPHOAMINOPHOSPHONIC ACID-GUANYLATE ESTER' ? 'C10 H17 N6 O13 P3' 522.196 
HIS 'L-peptide linking' y HISTIDINE                                     ? 'C6 H10 N3 O2 1'    156.162 
HOH non-polymer         . WATER                                         ? 'H2 O'              18.015  
ILE 'L-peptide linking' y ISOLEUCINE                                    ? 'C6 H13 N O2'       131.173 
LEU 'L-peptide linking' y LEUCINE                                       ? 'C6 H13 N O2'       131.173 
LYS 'L-peptide linking' y LYSINE                                        ? 'C6 H15 N2 O2 1'    147.195 
MET 'L-peptide linking' y METHIONINE                                    ? 'C5 H11 N O2 S'     149.211 
MG  non-polymer         . 'MAGNESIUM ION'                               ? 'Mg 2'              24.305  
PHE 'L-peptide linking' y PHENYLALANINE                                 ? 'C9 H11 N O2'       165.189 
PRO 'L-peptide linking' y PROLINE                                       ? 'C5 H9 N O2'        115.130 
RSF non-polymer         . '(3R,3aS,6aR)-hexahydrofuro[2,3-b]furan-3-ol' ? 'C6 H10 O3'         130.142 
SER 'L-peptide linking' y SERINE                                        ? 'C3 H7 N O3'        105.093 
THR 'L-peptide linking' y THREONINE                                     ? 'C4 H9 N O3'        119.119 
TYR 'L-peptide linking' y TYROSINE                                      ? 'C9 H11 N O3'       181.189 
VAL 'L-peptide linking' y VALINE                                        ? 'C5 H11 N O2'       117.146 
# 
loop_
_pdbx_poly_seq_scheme.asym_id 
_pdbx_poly_seq_scheme.entity_id 
_pdbx_poly_seq_scheme.seq_id 
_pdbx_poly_seq_scheme.mon_id 
_pdbx_poly_seq_scheme.ndb_seq_num 
_pdbx_poly_seq_scheme.pdb_seq_num 
_pdbx_poly_seq_scheme.auth_seq_num 
_pdbx_poly_seq_scheme.pdb_mon_id 
_pdbx_poly_seq_scheme.auth_mon_id 
_pdbx_poly_seq_scheme.pdb_strand_id 
_pdbx_poly_seq_scheme.pdb_ins_code 
_pdbx_poly_seq_scheme.hetero 
A 1 1   MET 1   1   1   MET MET A . n 
A 1 2   THR 2   2   2   THR THR A . n 
A 1 3   GLU 3   3   3   GLU GLU A . n 
A 1 4   TYR 4   4   4   TYR TYR A . n 
A 1 5   LYS 5   5   5   LYS LYS A . n 
A 1 6   LEU 6   6   6   LEU LEU A . n 
A 1 7   VAL 7   7   7   VAL VAL A . n 
A 1 8   VAL 8   8   8   VAL VAL A . n 
A 1 9   VAL 9   9   9   VAL VAL A . n 
A 1 10  GLY 10  10  10  GLY GLY A . n 
A 1 11  ALA 11  11  11  ALA ALA A . n 
A 1 12  GLY 12  12  12  GLY GLY A . n 
A 1 13  GLY 13  13  13  GLY GLY A . n 
A 1 14  VAL 14  14  14  VAL VAL A . n 
A 1 15  GLY 15  15  15  GLY GLY A . n 
A 1 16  LYS 16  16  16  LYS LYS A . n 
A 1 17  SER 17  17  17  SER SER A . n 
A 1 18  ALA 18  18  18  ALA ALA A . n 
A 1 19  LEU 19  19  19  LEU LEU A . n 
A 1 20  THR 20  20  20  THR THR A . n 
A 1 21  ILE 21  21  21  ILE ILE A . n 
A 1 22  GLN 22  22  22  GLN GLN A . n 
A 1 23  LEU 23  23  23  LEU LEU A . n 
A 1 24  ILE 24  24  24  ILE ILE A . n 
A 1 25  GLN 25  25  25  GLN GLN A . n 
A 1 26  ASN 26  26  26  ASN ASN A . n 
A 1 27  HIS 27  27  27  HIS HIS A . n 
A 1 28  PHE 28  28  28  PHE PHE A . n 
A 1 29  VAL 29  29  29  VAL VAL A . n 
A 1 30  ASP 30  30  30  ASP ASP A . n 
A 1 31  GLU 31  31  31  GLU GLU A . n 
A 1 32  TYR 32  32  32  TYR TYR A . n 
A 1 33  ASP 33  33  33  ASP ASP A . n 
A 1 34  PRO 34  34  34  PRO PRO A . n 
A 1 35  THR 35  35  35  THR THR A . n 
A 1 36  ILE 36  36  36  ILE ILE A . n 
A 1 37  GLU 37  37  37  GLU GLU A . n 
A 1 38  ASP 38  38  38  ASP ASP A . n 
A 1 39  SER 39  39  39  SER SER A . n 
A 1 40  TYR 40  40  40  TYR TYR A . n 
A 1 41  ARG 41  41  41  ARG ARG A . n 
A 1 42  LYS 42  42  42  LYS LYS A . n 
A 1 43  GLN 43  43  43  GLN GLN A . n 
A 1 44  VAL 44  44  44  VAL VAL A . n 
A 1 45  VAL 45  45  45  VAL VAL A . n 
A 1 46  ILE 46  46  46  ILE ILE A . n 
A 1 47  ASP 47  47  47  ASP ASP A . n 
A 1 48  GLY 48  48  48  GLY GLY A . n 
A 1 49  GLU 49  49  49  GLU GLU A . n 
A 1 50  THR 50  50  50  THR THR A . n 
A 1 51  CYS 51  51  51  CYS CYS A . n 
A 1 52  LEU 52  52  52  LEU LEU A . n 
A 1 53  LEU 53  53  53  LEU LEU A . n 
A 1 54  ASP 54  54  54  ASP ASP A . n 
A 1 55  ILE 55  55  55  ILE ILE A . n 
A 1 56  LEU 56  56  56  LEU LEU A . n 
A 1 57  ASP 57  57  57  ASP ASP A . n 
A 1 58  THR 58  58  58  THR THR A . n 
A 1 59  ALA 59  59  59  ALA ALA A . n 
A 1 60  GLY 60  60  60  GLY GLY A . n 
A 1 61  GLN 61  61  61  GLN GLN A . n 
A 1 62  GLU 62  62  ?   ?   ?   A . n 
A 1 63  GLU 63  63  ?   ?   ?   A . n 
A 1 64  TYR 64  64  ?   ?   ?   A . n 
A 1 65  SER 65  65  ?   ?   ?   A . n 
A 1 66  ALA 66  66  ?   ?   ?   A . n 
A 1 67  MET 67  67  ?   ?   ?   A . n 
A 1 68  ARG 68  68  ?   ?   ?   A . n 
A 1 69  ASP 69  69  ?   ?   ?   A . n 
A 1 70  GLN 70  70  ?   ?   ?   A . n 
A 1 71  TYR 71  71  ?   ?   ?   A . n 
A 1 72  MET 72  72  72  MET MET A . n 
A 1 73  ARG 73  73  73  ARG ARG A . n 
A 1 74  THR 74  74  74  THR THR A . n 
A 1 75  GLY 75  75  75  GLY GLY A . n 
A 1 76  GLU 76  76  76  GLU GLU A . n 
A 1 77  GLY 77  77  77  GLY GLY A . n 
A 1 78  PHE 78  78  78  PHE PHE A . n 
A 1 79  LEU 79  79  79  LEU LEU A . n 
A 1 80  CYS 80  80  80  CYS CYS A . n 
A 1 81  VAL 81  81  81  VAL VAL A . n 
A 1 82  PHE 82  82  82  PHE PHE A . n 
A 1 83  ALA 83  83  83  ALA ALA A . n 
A 1 84  ILE 84  84  84  ILE ILE A . n 
A 1 85  ASN 85  85  85  ASN ASN A . n 
A 1 86  ASN 86  86  86  ASN ASN A . n 
A 1 87  THR 87  87  87  THR THR A . n 
A 1 88  LYS 88  88  88  LYS LYS A . n 
A 1 89  SER 89  89  89  SER SER A . n 
A 1 90  PHE 90  90  90  PHE PHE A . n 
A 1 91  GLU 91  91  91  GLU GLU A . n 
A 1 92  ASP 92  92  92  ASP ASP A . n 
A 1 93  ILE 93  93  93  ILE ILE A . n 
A 1 94  HIS 94  94  94  HIS HIS A . n 
A 1 95  GLN 95  95  95  GLN GLN A . n 
A 1 96  TYR 96  96  96  TYR TYR A . n 
A 1 97  ARG 97  97  97  ARG ARG A . n 
A 1 98  GLU 98  98  98  GLU GLU A . n 
A 1 99  GLN 99  99  99  GLN GLN A . n 
A 1 100 ILE 100 100 100 ILE ILE A . n 
A 1 101 LYS 101 101 101 LYS LYS A . n 
A 1 102 ARG 102 102 102 ARG ARG A . n 
A 1 103 VAL 103 103 103 VAL VAL A . n 
A 1 104 LYS 104 104 104 LYS LYS A . n 
A 1 105 ASP 105 105 105 ASP ASP A . n 
A 1 106 SER 106 106 106 SER SER A . n 
A 1 107 ASP 107 107 107 ASP ASP A . n 
A 1 108 ASP 108 108 108 ASP ASP A . n 
A 1 109 VAL 109 109 109 VAL VAL A . n 
A 1 110 PRO 110 110 110 PRO PRO A . n 
A 1 111 MET 111 111 111 MET MET A . n 
A 1 112 VAL 112 112 112 VAL VAL A . n 
A 1 113 LEU 113 113 113 LEU LEU A . n 
A 1 114 VAL 114 114 114 VAL VAL A . n 
A 1 115 GLY 115 115 115 GLY GLY A . n 
A 1 116 ASN 116 116 116 ASN ASN A . n 
A 1 117 LYS 117 117 117 LYS LYS A . n 
A 1 118 CYS 118 118 118 CYS CYS A . n 
A 1 119 ASP 119 119 119 ASP ASP A . n 
A 1 120 LEU 120 120 120 LEU LEU A . n 
A 1 121 ALA 121 121 121 ALA ALA A . n 
A 1 122 ALA 122 122 122 ALA ALA A . n 
A 1 123 ARG 123 123 123 ARG ARG A . n 
A 1 124 THR 124 124 124 THR THR A . n 
A 1 125 VAL 125 125 125 VAL VAL A . n 
A 1 126 GLU 126 126 126 GLU GLU A . n 
A 1 127 SER 127 127 127 SER SER A . n 
A 1 128 ARG 128 128 128 ARG ARG A . n 
A 1 129 GLN 129 129 129 GLN GLN A . n 
A 1 130 ALA 130 130 130 ALA ALA A . n 
A 1 131 GLN 131 131 131 GLN GLN A . n 
A 1 132 ASP 132 132 132 ASP ASP A . n 
A 1 133 LEU 133 133 133 LEU LEU A . n 
A 1 134 ALA 134 134 134 ALA ALA A . n 
A 1 135 ARG 135 135 135 ARG ARG A . n 
A 1 136 SER 136 136 136 SER SER A . n 
A 1 137 TYR 137 137 137 TYR TYR A . n 
A 1 138 GLY 138 138 138 GLY GLY A . n 
A 1 139 ILE 139 139 139 ILE ILE A . n 
A 1 140 PRO 140 140 140 PRO PRO A . n 
A 1 141 TYR 141 141 141 TYR TYR A . n 
A 1 142 ILE 142 142 142 ILE ILE A . n 
A 1 143 GLU 143 143 143 GLU GLU A . n 
A 1 144 THR 144 144 144 THR THR A . n 
A 1 145 SER 145 145 145 SER SER A . n 
A 1 146 ALA 146 146 146 ALA ALA A . n 
A 1 147 LYS 147 147 147 LYS LYS A . n 
A 1 148 THR 148 148 148 THR THR A . n 
A 1 149 ARG 149 149 149 ARG ARG A . n 
A 1 150 GLN 150 150 150 GLN GLN A . n 
A 1 151 GLY 151 151 151 GLY GLY A . n 
A 1 152 VAL 152 152 152 VAL VAL A . n 
A 1 153 GLU 153 153 153 GLU GLU A . n 
A 1 154 ASP 154 154 154 ASP ASP A . n 
A 1 155 ALA 155 155 155 ALA ALA A . n 
A 1 156 PHE 156 156 156 PHE PHE A . n 
A 1 157 TYR 157 157 157 TYR TYR A . n 
A 1 158 THR 158 158 158 THR THR A . n 
A 1 159 LEU 159 159 159 LEU LEU A . n 
A 1 160 VAL 160 160 160 VAL VAL A . n 
A 1 161 ARG 161 161 161 ARG ARG A . n 
A 1 162 GLU 162 162 162 GLU GLU A . n 
A 1 163 ILE 163 163 163 ILE ILE A . n 
A 1 164 ARG 164 164 164 ARG ARG A . n 
A 1 165 GLN 165 165 165 GLN GLN A . n 
A 1 166 HIS 166 166 166 HIS HIS A . n 
# 
loop_
_pdbx_nonpoly_scheme.asym_id 
_pdbx_nonpoly_scheme.entity_id 
_pdbx_nonpoly_scheme.mon_id 
_pdbx_nonpoly_scheme.ndb_seq_num 
_pdbx_nonpoly_scheme.pdb_seq_num 
_pdbx_nonpoly_scheme.auth_seq_num 
_pdbx_nonpoly_scheme.pdb_mon_id 
_pdbx_nonpoly_scheme.auth_mon_id 
_pdbx_nonpoly_scheme.pdb_strand_id 
_pdbx_nonpoly_scheme.pdb_ins_code 
B 2 GNP 1  190 190 GNP GNP A . 
C 3 RSF 1  203 203 RSF RSF A . 
D 3 RSF 1  204 204 RSF RSF A . 
E 3 RSF 1  206 206 RSF RSF A . 
F 3 RSF 1  209 209 RSF RSF A . 
G 3 RSF 1  207 207 RSF RSF A . 
H 3 RSF 1  211 211 RSF RSF A . 
I 3 RSF 1  208 208 RSF RSF A . 
J 3 RSF 1  212 212 RSF RSF A . 
K 3 RSF 1  213 213 RSF RSF A . 
L 3 RSF 1  214 214 RSF RSF A . 
M 3 RSF 1  205 205 RSF RSF A . 
N 3 RSF 1  215 215 RSF RSF A . 
O 3 RSF 1  210 210 RSF RSF A . 
P 4 MG  1  592 592 MG  MG  A . 
Q 5 CA  1  591 591 CA  CA  A . 
R 5 CA  1  596 596 CA  CA  A . 
S 5 CA  1  593 593 CA  CA  A . 
T 6 HOH 1  301 301 HOH HOH A . 
T 6 HOH 2  302 302 HOH HOH A . 
T 6 HOH 3  303 303 HOH HOH A . 
T 6 HOH 4  304 304 HOH HOH A . 
T 6 HOH 5  305 305 HOH HOH A . 
T 6 HOH 6  306 306 HOH HOH A . 
T 6 HOH 7  307 307 HOH HOH A . 
T 6 HOH 8  308 308 HOH HOH A . 
T 6 HOH 9  309 309 HOH HOH A . 
T 6 HOH 10 310 310 HOH HOH A . 
T 6 HOH 11 311 311 HOH HOH A . 
T 6 HOH 12 312 312 HOH HOH A . 
T 6 HOH 13 313 313 HOH HOH A . 
T 6 HOH 14 314 314 HOH HOH A . 
T 6 HOH 15 315 315 HOH HOH A . 
T 6 HOH 16 316 316 HOH HOH A . 
T 6 HOH 17 317 317 HOH HOH A . 
T 6 HOH 18 318 318 HOH HOH A . 
T 6 HOH 19 319 319 HOH HOH A . 
T 6 HOH 20 320 320 HOH HOH A . 
T 6 HOH 21 321 321 HOH HOH A . 
T 6 HOH 22 322 322 HOH HOH A . 
T 6 HOH 23 323 323 HOH HOH A . 
T 6 HOH 24 324 324 HOH HOH A . 
T 6 HOH 25 325 325 HOH HOH A . 
T 6 HOH 26 326 326 HOH HOH A . 
T 6 HOH 27 333 333 HOH HOH A . 
T 6 HOH 28 338 338 HOH HOH A . 
T 6 HOH 29 342 342 HOH HOH A . 
T 6 HOH 30 343 343 HOH HOH A . 
T 6 HOH 31 344 344 HOH HOH A . 
T 6 HOH 32 346 346 HOH HOH A . 
T 6 HOH 33 383 383 HOH HOH A . 
T 6 HOH 34 389 389 HOH HOH A . 
T 6 HOH 35 391 391 HOH HOH A . 
T 6 HOH 36 392 392 HOH HOH A . 
T 6 HOH 37 394 394 HOH HOH A . 
T 6 HOH 38 409 409 HOH HOH A . 
T 6 HOH 39 422 422 HOH HOH A . 
T 6 HOH 40 431 431 HOH HOH A . 
T 6 HOH 41 438 438 HOH HOH A . 
T 6 HOH 42 440 440 HOH HOH A . 
T 6 HOH 43 472 472 HOH HOH A . 
T 6 HOH 44 525 525 HOH HOH A . 
T 6 HOH 45 526 526 HOH HOH A . 
T 6 HOH 46 527 527 HOH HOH A . 
T 6 HOH 47 528 528 HOH HOH A . 
T 6 HOH 48 529 529 HOH HOH A . 
# 
loop_
_pdbx_unobs_or_zero_occ_atoms.id 
_pdbx_unobs_or_zero_occ_atoms.PDB_model_num 
_pdbx_unobs_or_zero_occ_atoms.polymer_flag 
_pdbx_unobs_or_zero_occ_atoms.occupancy_flag 
_pdbx_unobs_or_zero_occ_atoms.auth_asym_id 
_pdbx_unobs_or_zero_occ_atoms.auth_comp_id 
_pdbx_unobs_or_zero_occ_atoms.auth_seq_id 
_pdbx_unobs_or_zero_occ_atoms.PDB_ins_code 
_pdbx_unobs_or_zero_occ_atoms.auth_atom_id 
_pdbx_unobs_or_zero_occ_atoms.label_alt_id 
_pdbx_unobs_or_zero_occ_atoms.label_asym_id 
_pdbx_unobs_or_zero_occ_atoms.label_comp_id 
_pdbx_unobs_or_zero_occ_atoms.label_seq_id 
_pdbx_unobs_or_zero_occ_atoms.label_atom_id 
1 1 Y 1 A ARG 73 ? CG  ? A ARG 73 CG  
2 1 Y 1 A ARG 73 ? CD  ? A ARG 73 CD  
3 1 Y 1 A ARG 73 ? NE  ? A ARG 73 NE  
4 1 Y 1 A ARG 73 ? CZ  ? A ARG 73 CZ  
5 1 Y 1 A ARG 73 ? NH1 ? A ARG 73 NH1 
6 1 Y 1 A ARG 73 ? NH2 ? A ARG 73 NH2 
# 
loop_
_software.pdbx_ordinal 
_software.name 
_software.version 
_software.date 
_software.type 
_software.contact_author 
_software.contact_author_email 
_software.classification 
_software.location 
_software.language 
_software.citation_id 
1 SCALEPACK   .       ?               program 'Zbyszek Otwinowski' hkl@hkl-xray.com            'data scaling'    
http://www.hkl-xray.com/                    ?   ? 
2 PHASER      .       ?               program 'Randy J. Read'      cimr-phaser@lists.cam.ac.uk phasing           
http://www-structmed.cimr.cam.ac.uk/phaser/ ?   ? 
3 PHENIX      1.7_650 ?               package 'Paul D. Adams'      PDAdams@lbl.gov             refinement        
http://www.phenix-online.org/               C++ ? 
4 PDB_EXTRACT 3.10    'June 10, 2010' package PDB                  deposit@deposit.rcsb.org    'data extraction' 
http://sw-tools.pdb.org/apps/PDB_EXTRACT/   C++ ? 
5 HKL-2000    .       ?               ?       ?                    ?                           'data collection' ? ?   ? 
6 DENZO       .       ?               ?       ?                    ?                           'data reduction'  ? ?   ? 
# 
_cell.entry_id           3RSL 
_cell.length_a           89.140 
_cell.length_b           89.140 
_cell.length_c           133.089 
_cell.angle_alpha        90.00 
_cell.angle_beta         90.00 
_cell.angle_gamma        120.00 
_cell.Z_PDB              18 
_cell.pdbx_unique_axis   ? 
_cell.length_a_esd       ? 
_cell.length_b_esd       ? 
_cell.length_c_esd       ? 
_cell.angle_alpha_esd    ? 
_cell.angle_beta_esd     ? 
_cell.angle_gamma_esd    ? 
# 
_symmetry.entry_id                         3RSL 
_symmetry.space_group_name_H-M             'H 3 2' 
_symmetry.pdbx_full_space_group_name_H-M   ? 
_symmetry.cell_setting                     ? 
_symmetry.Int_Tables_number                155 
_symmetry.space_group_name_Hall            ? 
# 
_exptl.entry_id          3RSL 
_exptl.method            'X-RAY DIFFRACTION' 
_exptl.crystals_number   1 
# 
_exptl_crystal.id                    1 
_exptl_crystal.density_meas          ? 
_exptl_crystal.density_Matthews      2.70 
_exptl_crystal.density_percent_sol   54.37 
_exptl_crystal.description           ? 
_exptl_crystal.F_000                 ? 
_exptl_crystal.preparation           ? 
# 
_exptl_crystal_grow.crystal_id      1 
_exptl_crystal_grow.method          'hanging drop' 
_exptl_crystal_grow.temp            298 
_exptl_crystal_grow.temp_details    ? 
_exptl_crystal_grow.pH              7.5 
_exptl_crystal_grow.pdbx_pH_range   ? 
_exptl_crystal_grow.pdbx_details    '20 % PEG 3350, 200mM Calcium Chloride, pH 7.5, hanging drop, temperature 298K' 
# 
_diffrn.id                     1 
_diffrn.ambient_temp           100 
_diffrn.ambient_temp_details   ? 
_diffrn.crystal_id             1 
# 
_diffrn_detector.diffrn_id              1 
_diffrn_detector.detector               CCD 
_diffrn_detector.type                   MARRESEARCH 
_diffrn_detector.pdbx_collection_date   2002-12-16 
_diffrn_detector.details                ? 
# 
_diffrn_radiation.diffrn_id                        1 
_diffrn_radiation.wavelength_id                    1 
_diffrn_radiation.pdbx_monochromatic_or_laue_m_l   ? 
_diffrn_radiation.monochromator                    ? 
_diffrn_radiation.pdbx_diffrn_protocol             'SINGLE WAVELENGTH' 
_diffrn_radiation.pdbx_scattering_type             x-ray 
# 
_diffrn_radiation_wavelength.id           1 
_diffrn_radiation_wavelength.wavelength   1.0 
_diffrn_radiation_wavelength.wt           1.0 
# 
_diffrn_source.diffrn_id                   1 
_diffrn_source.source                      SYNCHROTRON 
_diffrn_source.type                        'APS BEAMLINE 22-ID' 
_diffrn_source.pdbx_synchrotron_site       APS 
_diffrn_source.pdbx_synchrotron_beamline   22-ID 
_diffrn_source.pdbx_wavelength             ? 
_diffrn_source.pdbx_wavelength_list        1.0 
# 
_reflns.pdbx_diffrn_id               1 
_reflns.pdbx_ordinal                 1 
_reflns.entry_id                     3RSL 
_reflns.observed_criterion_sigma_I   0.0 
_reflns.observed_criterion_sigma_F   0.0 
_reflns.d_resolution_low             50.000 
_reflns.d_resolution_high            1.700 
_reflns.number_obs                   22501 
_reflns.number_all                   22501 
_reflns.percent_possible_obs         99.500 
_reflns.pdbx_Rmerge_I_obs            0.037 
_reflns.pdbx_Rsym_value              ? 
_reflns.pdbx_netI_over_sigmaI        11.700 
_reflns.B_iso_Wilson_estimate        ? 
_reflns.pdbx_redundancy              8.700 
_reflns.R_free_details               ? 
_reflns.limit_h_max                  ? 
_reflns.limit_h_min                  ? 
_reflns.limit_k_max                  ? 
_reflns.limit_k_min                  ? 
_reflns.limit_l_max                  ? 
_reflns.limit_l_min                  ? 
_reflns.observed_criterion_F_max     ? 
_reflns.observed_criterion_F_min     ? 
_reflns.pdbx_chi_squared             ? 
_reflns.pdbx_scaling_rejects         ? 
# 
loop_
_reflns_shell.pdbx_diffrn_id 
_reflns_shell.pdbx_ordinal 
_reflns_shell.d_res_high 
_reflns_shell.d_res_low 
_reflns_shell.percent_possible_all 
_reflns_shell.Rmerge_I_obs 
_reflns_shell.pdbx_Rsym_value 
_reflns_shell.meanI_over_sigI_obs 
_reflns_shell.pdbx_redundancy 
_reflns_shell.percent_possible_obs 
_reflns_shell.number_unique_all 
_reflns_shell.number_measured_all 
_reflns_shell.number_measured_obs 
_reflns_shell.number_unique_obs 
_reflns_shell.pdbx_chi_squared 
1 1  1.700 1.760  99.700  0.522 ? ? 8.000 ? ? ? ? ? ? 
1 2  1.760 1.830  100.000 0.349 ? ? 8.700 ? ? ? ? ? ? 
1 3  1.830 1.910  100.000 0.242 ? ? 8.800 ? ? ? ? ? ? 
1 4  1.910 2.020  100.000 0.149 ? ? 8.800 ? ? ? ? ? ? 
1 5  2.020 2.140  100.000 0.102 ? ? 8.900 ? ? ? ? ? ? 
1 6  2.140 2.310  100.000 0.066 ? ? 8.900 ? ? ? ? ? ? 
1 7  2.310 2.540  100.000 0.049 ? ? 8.900 ? ? ? ? ? ? 
1 8  2.540 2.910  100.000 0.035 ? ? 8.900 ? ? ? ? ? ? 
1 9  2.910 3.660  100.000 0.023 ? ? 8.900 ? ? ? ? ? ? 
1 10 3.660 50.000 95.300  0.020 ? ? 7.800 ? ? ? ? ? ? 
# 
_refine.pdbx_refine_id                           'X-RAY DIFFRACTION' 
_refine.entry_id                                 3RSL 
_refine.pdbx_diffrn_id                           1 
_refine.pdbx_TLS_residual_ADP_flag               ? 
_refine.ls_number_reflns_obs                     21819 
_refine.ls_number_reflns_all                     21819 
_refine.pdbx_ls_sigma_I                          ? 
_refine.pdbx_ls_sigma_F                          0.00 
_refine.pdbx_data_cutoff_high_absF               ? 
_refine.pdbx_data_cutoff_low_absF                ? 
_refine.pdbx_data_cutoff_high_rms_absF           ? 
_refine.ls_d_res_low                             33.388 
_refine.ls_d_res_high                            1.700 
_refine.ls_percent_reflns_obs                    96.46 
_refine.ls_R_factor_obs                          0.1994 
_refine.ls_R_factor_all                          ? 
_refine.ls_R_factor_R_work                       0.1972 
_refine.ls_R_factor_R_free                       0.2198 
_refine.ls_R_factor_R_free_error                 ? 
_refine.ls_R_factor_R_free_error_details         ? 
_refine.ls_percent_reflns_R_free                 9.94 
_refine.ls_number_reflns_R_free                  2168 
_refine.ls_number_parameters                     ? 
_refine.ls_number_restraints                     ? 
_refine.occupancy_min                            0.500 
_refine.occupancy_max                            1.000 
_refine.correlation_coeff_Fo_to_Fc               ? 
_refine.correlation_coeff_Fo_to_Fc_free          ? 
_refine.B_iso_mean                               ? 
_refine.aniso_B[1][1]                            -0.5182 
_refine.aniso_B[2][2]                            -0.5182 
_refine.aniso_B[3][3]                            1.0316 
_refine.aniso_B[1][2]                            -0.0000 
_refine.aniso_B[1][3]                            0.0000 
_refine.aniso_B[2][3]                            -0.0000 
_refine.solvent_model_details                    'FLAT BULK SOLVENT MODEL' 
_refine.solvent_model_param_ksol                 0.446 
_refine.solvent_model_param_bsol                 69.217 
_refine.pdbx_solvent_vdw_probe_radii             1.20 
_refine.pdbx_solvent_ion_probe_radii             ? 
_refine.pdbx_solvent_shrinkage_radii             0.95 
_refine.pdbx_ls_cross_valid_method               ? 
_refine.details                                  ? 
_refine.pdbx_starting_model                      ? 
_refine.pdbx_method_to_determine_struct          'MOLECULAR REPLACEMENT' 
_refine.pdbx_isotropic_thermal_model             ? 
_refine.pdbx_stereochemistry_target_values       ML 
_refine.pdbx_stereochem_target_val_spec_case     ? 
_refine.pdbx_R_Free_selection_details            ? 
_refine.pdbx_overall_ESU_R_Free                  ? 
_refine.overall_SU_ML                            0.19 
_refine.pdbx_overall_phase_error                 19.22 
_refine.overall_SU_B                             ? 
_refine.overall_SU_R_Cruickshank_DPI             ? 
_refine.pdbx_overall_SU_R_free_Cruickshank_DPI   ? 
_refine.pdbx_overall_SU_R_Blow_DPI               ? 
_refine.pdbx_overall_SU_R_free_Blow_DPI          ? 
_refine.ls_redundancy_reflns_obs                 ? 
_refine.pdbx_overall_ESU_R                       ? 
_refine.B_iso_min                                ? 
_refine.B_iso_max                                ? 
_refine.overall_SU_R_free                        ? 
_refine.ls_wR_factor_R_free                      ? 
_refine.ls_wR_factor_R_work                      ? 
_refine.overall_FOM_free_R_set                   ? 
_refine.overall_FOM_work_R_set                   ? 
# 
_refine_hist.pdbx_refine_id                   'X-RAY DIFFRACTION' 
_refine_hist.cycle_id                         LAST 
_refine_hist.pdbx_number_atoms_protein        1227 
_refine_hist.pdbx_number_atoms_nucleic_acid   0 
_refine_hist.pdbx_number_atoms_ligand         153 
_refine_hist.number_atoms_solvent             48 
_refine_hist.number_atoms_total               1428 
_refine_hist.d_res_high                       1.700 
_refine_hist.d_res_low                        33.388 
# 
loop_
_refine_ls_restr.type 
_refine_ls_restr.dev_ideal 
_refine_ls_restr.dev_ideal_target 
_refine_ls_restr.weight 
_refine_ls_restr.number 
_refine_ls_restr.pdbx_refine_id 
_refine_ls_restr.pdbx_restraint_function 
f_bond_d           0.008  ? ? 1429 'X-RAY DIFFRACTION' ? 
f_angle_d          1.204  ? ? 1945 'X-RAY DIFFRACTION' ? 
f_dihedral_angle_d 16.231 ? ? 488  'X-RAY DIFFRACTION' ? 
f_chiral_restr     0.078  ? ? 238  'X-RAY DIFFRACTION' ? 
f_plane_restr      0.004  ? ? 225  'X-RAY DIFFRACTION' ? 
# 
loop_
_refine_ls_shell.pdbx_refine_id 
_refine_ls_shell.pdbx_total_number_of_bins_used 
_refine_ls_shell.d_res_high 
_refine_ls_shell.d_res_low 
_refine_ls_shell.number_reflns_R_work 
_refine_ls_shell.R_factor_R_work 
_refine_ls_shell.percent_reflns_obs 
_refine_ls_shell.R_factor_R_free 
_refine_ls_shell.R_factor_R_free_error 
_refine_ls_shell.percent_reflns_R_free 
_refine_ls_shell.number_reflns_R_free 
_refine_ls_shell.number_reflns_all 
_refine_ls_shell.R_factor_all 
_refine_ls_shell.redundancy_reflns_obs 
_refine_ls_shell.number_reflns_obs 
'X-RAY DIFFRACTION' . 1.700  1.7398  1167 0.2200 88.00  0.2509 . . 136 . . . . 
'X-RAY DIFFRACTION' . 1.7398 1.7833  1225 0.2139 91.00  0.2581 . . 146 . . . . 
'X-RAY DIFFRACTION' . 1.7833 1.8316  1260 0.1939 94.00  0.2500 . . 134 . . . . 
'X-RAY DIFFRACTION' . 1.8316 1.8854  1280 0.1852 95.00  0.2334 . . 142 . . . . 
'X-RAY DIFFRACTION' . 1.8854 1.9463  1269 0.1766 96.00  0.2142 . . 154 . . . . 
'X-RAY DIFFRACTION' . 1.9463 2.0158  1298 0.1733 97.00  0.2174 . . 142 . . . . 
'X-RAY DIFFRACTION' . 2.0158 2.0965  1335 0.1712 98.00  0.1873 . . 131 . . . . 
'X-RAY DIFFRACTION' . 2.0965 2.1919  1333 0.1731 98.00  0.2153 . . 148 . . . . 
'X-RAY DIFFRACTION' . 2.1919 2.3075  1313 0.1731 99.00  0.1940 . . 150 . . . . 
'X-RAY DIFFRACTION' . 2.3075 2.4520  1346 0.1913 99.00  0.2003 . . 148 . . . . 
'X-RAY DIFFRACTION' . 2.4520 2.6413  1374 0.1827 100.00 0.2109 . . 123 . . . . 
'X-RAY DIFFRACTION' . 2.6413 2.9069  1349 0.1880 99.00  0.2220 . . 159 . . . . 
'X-RAY DIFFRACTION' . 2.9069 3.3272  1365 0.1766 100.00 0.2056 . . 158 . . . . 
'X-RAY DIFFRACTION' . 3.3272 4.1907  1381 0.1749 100.00 0.1924 . . 152 . . . . 
'X-RAY DIFFRACTION' . 4.1907 33.3949 1356 0.2584 93.00  0.2636 . . 145 . . . . 
# 
_struct.entry_id                  3RSL 
_struct.title                     'H-Ras soaked in 90% R,S,R-bisfuranol: one of 10 in MSCS set' 
_struct.pdbx_model_details        ? 
_struct.pdbx_CASP_flag            ? 
_struct.pdbx_model_type_details   ? 
# 
_struct_keywords.entry_id        3RSL 
_struct_keywords.text            'GTP-BINDING, NUCLEOTIDE BINDING, SIGNALING PROTEIN' 
_struct_keywords.pdbx_keywords   'SIGNALING PROTEIN' 
# 
loop_
_struct_asym.id 
_struct_asym.pdbx_blank_PDB_chainid_flag 
_struct_asym.pdbx_modified 
_struct_asym.entity_id 
_struct_asym.details 
A N N 1 ? 
B N N 2 ? 
C N N 3 ? 
D N N 3 ? 
E N N 3 ? 
F N N 3 ? 
G N N 3 ? 
H N N 3 ? 
I N N 3 ? 
J N N 3 ? 
K N N 3 ? 
L N N 3 ? 
M N N 3 ? 
N N N 3 ? 
O N N 3 ? 
P N N 4 ? 
Q N N 5 ? 
R N N 5 ? 
S N N 5 ? 
T N N 6 ? 
# 
_struct_ref.id                         1 
_struct_ref.db_name                    UNP 
_struct_ref.db_code                    RASH_HUMAN 
_struct_ref.pdbx_db_accession          P01112 
_struct_ref.entity_id                  1 
_struct_ref.pdbx_seq_one_letter_code   
;MTEYKLVVVGAGGVGKSALTIQLIQNHFVDEYDPTIEDSYRKQVVIDGETCLLDILDTAGQEEYSAMRDQYMRTGEGFLC
VFAINNTKSFEDIHQYREQIKRVKDSDDVPMVLVGNKCDLAARTVESRQAQDLARSYGIPYIETSAKTRQGVEDAFYTLV
REIRQH
;
_struct_ref.pdbx_align_begin           1 
_struct_ref.pdbx_db_isoform            ? 
# 
_struct_ref_seq.align_id                      1 
_struct_ref_seq.ref_id                        1 
_struct_ref_seq.pdbx_PDB_id_code              3RSL 
_struct_ref_seq.pdbx_strand_id                A 
_struct_ref_seq.seq_align_beg                 1 
_struct_ref_seq.pdbx_seq_align_beg_ins_code   ? 
_struct_ref_seq.seq_align_end                 166 
_struct_ref_seq.pdbx_seq_align_end_ins_code   ? 
_struct_ref_seq.pdbx_db_accession             P01112 
_struct_ref_seq.db_align_beg                  1 
_struct_ref_seq.pdbx_db_align_beg_ins_code    ? 
_struct_ref_seq.db_align_end                  166 
_struct_ref_seq.pdbx_db_align_end_ins_code    ? 
_struct_ref_seq.pdbx_auth_seq_align_beg       1 
_struct_ref_seq.pdbx_auth_seq_align_end       166 
# 
_pdbx_struct_assembly.id                   1 
_pdbx_struct_assembly.details              author_defined_assembly 
_pdbx_struct_assembly.method_details       ? 
_pdbx_struct_assembly.oligomeric_details   monomeric 
_pdbx_struct_assembly.oligomeric_count     1 
# 
_pdbx_struct_assembly_gen.assembly_id       1 
_pdbx_struct_assembly_gen.oper_expression   1 
_pdbx_struct_assembly_gen.asym_id_list      A,B,C,D,E,F,G,H,I,J,K,L,M,N,O,P,Q,R,S,T 
# 
_pdbx_struct_oper_list.id                   1 
_pdbx_struct_oper_list.type                 'identity operation' 
_pdbx_struct_oper_list.name                 1_555 
_pdbx_struct_oper_list.symmetry_operation   x,y,z 
_pdbx_struct_oper_list.matrix[1][1]         1.0000000000 
_pdbx_struct_oper_list.matrix[1][2]         0.0000000000 
_pdbx_struct_oper_list.matrix[1][3]         0.0000000000 
_pdbx_struct_oper_list.vector[1]            0.0000000000 
_pdbx_struct_oper_list.matrix[2][1]         0.0000000000 
_pdbx_struct_oper_list.matrix[2][2]         1.0000000000 
_pdbx_struct_oper_list.matrix[2][3]         0.0000000000 
_pdbx_struct_oper_list.vector[2]            0.0000000000 
_pdbx_struct_oper_list.matrix[3][1]         0.0000000000 
_pdbx_struct_oper_list.matrix[3][2]         0.0000000000 
_pdbx_struct_oper_list.matrix[3][3]         1.0000000000 
_pdbx_struct_oper_list.vector[3]            0.0000000000 
# 
_struct_biol.id        1 
_struct_biol.details   ? 
# 
loop_
_struct_conf.conf_type_id 
_struct_conf.id 
_struct_conf.pdbx_PDB_helix_id 
_struct_conf.beg_label_comp_id 
_struct_conf.beg_label_asym_id 
_struct_conf.beg_label_seq_id 
_struct_conf.pdbx_beg_PDB_ins_code 
_struct_conf.end_label_comp_id 
_struct_conf.end_label_asym_id 
_struct_conf.end_label_seq_id 
_struct_conf.pdbx_end_PDB_ins_code 
_struct_conf.beg_auth_comp_id 
_struct_conf.beg_auth_asym_id 
_struct_conf.beg_auth_seq_id 
_struct_conf.end_auth_comp_id 
_struct_conf.end_auth_asym_id 
_struct_conf.end_auth_seq_id 
_struct_conf.pdbx_PDB_helix_class 
_struct_conf.details 
_struct_conf.pdbx_PDB_helix_length 
HELX_P HELX_P1 1 GLY A 15  ? ASN A 26  ? GLY A 15  ASN A 26  1 ? 12 
HELX_P HELX_P2 2 ASN A 86  ? ASP A 92  ? ASN A 86  ASP A 92  1 ? 7  
HELX_P HELX_P3 3 ASP A 92  ? ASP A 105 ? ASP A 92  ASP A 105 1 ? 14 
HELX_P HELX_P4 4 GLU A 126 ? GLY A 138 ? GLU A 126 GLY A 138 1 ? 13 
HELX_P HELX_P5 5 GLY A 151 ? ARG A 164 ? GLY A 151 ARG A 164 1 ? 14 
# 
_struct_conf_type.id          HELX_P 
_struct_conf_type.criteria    ? 
_struct_conf_type.reference   ? 
# 
loop_
_struct_conn.id 
_struct_conn.conn_type_id 
_struct_conn.pdbx_leaving_atom_flag 
_struct_conn.pdbx_PDB_id 
_struct_conn.ptnr1_label_asym_id 
_struct_conn.ptnr1_label_comp_id 
_struct_conn.ptnr1_label_seq_id 
_struct_conn.ptnr1_label_atom_id 
_struct_conn.pdbx_ptnr1_label_alt_id 
_struct_conn.pdbx_ptnr1_PDB_ins_code 
_struct_conn.pdbx_ptnr1_standard_comp_id 
_struct_conn.ptnr1_symmetry 
_struct_conn.ptnr2_label_asym_id 
_struct_conn.ptnr2_label_comp_id 
_struct_conn.ptnr2_label_seq_id 
_struct_conn.ptnr2_label_atom_id 
_struct_conn.pdbx_ptnr2_label_alt_id 
_struct_conn.pdbx_ptnr2_PDB_ins_code 
_struct_conn.ptnr1_auth_asym_id 
_struct_conn.ptnr1_auth_comp_id 
_struct_conn.ptnr1_auth_seq_id 
_struct_conn.ptnr2_auth_asym_id 
_struct_conn.ptnr2_auth_comp_id 
_struct_conn.ptnr2_auth_seq_id 
_struct_conn.ptnr2_symmetry 
_struct_conn.pdbx_ptnr3_label_atom_id 
_struct_conn.pdbx_ptnr3_label_seq_id 
_struct_conn.pdbx_ptnr3_label_comp_id 
_struct_conn.pdbx_ptnr3_label_asym_id 
_struct_conn.pdbx_ptnr3_label_alt_id 
_struct_conn.pdbx_ptnr3_PDB_ins_code 
_struct_conn.details 
_struct_conn.pdbx_dist_value 
_struct_conn.pdbx_value_order 
_struct_conn.pdbx_role 
metalc1  metalc ? ? A SER 17  OG  ? ? ? 1_555 P MG . MG ? ? A SER 17  A MG 592 1_555 ? ? ? ? ? ? ? 2.184 ? ? 
metalc2  metalc ? ? A PHE 28  O   ? ? ? 1_555 Q CA . CA ? ? A PHE 28  A CA 591 1_555 ? ? ? ? ? ? ? 2.358 ? ? 
metalc3  metalc ? ? A ASP 30  OD2 ? ? ? 1_555 Q CA . CA ? ? A ASP 30  A CA 591 1_555 ? ? ? ? ? ? ? 2.365 ? ? 
metalc4  metalc ? ? A THR 35  OG1 ? ? ? 1_555 P MG . MG ? ? A THR 35  A MG 592 1_555 ? ? ? ? ? ? ? 2.090 ? ? 
metalc5  metalc ? ? A ARG 102 O   ? ? ? 1_555 S CA . CA ? ? A ARG 102 A CA 593 1_555 ? ? ? ? ? ? ? 2.378 ? ? 
metalc6  metalc ? ? A ASP 105 OD2 ? ? ? 1_555 S CA . CA ? ? A ASP 105 A CA 593 1_555 ? ? ? ? ? ? ? 2.493 ? ? 
metalc7  metalc ? ? A ASP 105 OD1 ? ? ? 1_555 S CA . CA ? ? A ASP 105 A CA 593 1_555 ? ? ? ? ? ? ? 2.617 ? ? 
metalc8  metalc ? ? A GLU 153 OE1 ? ? ? 1_555 R CA . CA ? ? A GLU 153 A CA 596 1_555 ? ? ? ? ? ? ? 2.396 ? ? 
metalc9  metalc ? ? A ASP 154 OD1 ? ? ? 1_555 R CA . CA ? ? A ASP 154 A CA 596 1_555 ? ? ? ? ? ? ? 2.292 ? ? 
metalc10 metalc ? ? B GNP .   O2G ? ? ? 1_555 P MG . MG ? ? A GNP 190 A MG 592 1_555 ? ? ? ? ? ? ? 2.082 ? ? 
metalc11 metalc ? ? B GNP .   O2B ? ? ? 1_555 P MG . MG ? ? A GNP 190 A MG 592 1_555 ? ? ? ? ? ? ? 2.107 ? ? 
metalc12 metalc ? ? T HOH .   O   ? ? ? 1_555 P MG . MG ? ? A HOH 301 A MG 592 1_555 ? ? ? ? ? ? ? 2.186 ? ? 
metalc13 metalc ? ? T HOH .   O   ? ? ? 1_555 P MG . MG ? ? A HOH 303 A MG 592 1_555 ? ? ? ? ? ? ? 2.156 ? ? 
metalc14 metalc ? ? T HOH .   O   ? ? ? 1_555 Q CA . CA ? ? A HOH 309 A CA 591 1_555 ? ? ? ? ? ? ? 2.521 ? ? 
metalc15 metalc ? ? T HOH .   O   ? ? ? 1_555 R CA . CA ? ? A HOH 321 A CA 596 1_555 ? ? ? ? ? ? ? 3.187 ? ? 
# 
_struct_conn_type.id          metalc 
_struct_conn_type.criteria    ? 
_struct_conn_type.reference   ? 
# 
loop_
_pdbx_struct_conn_angle.id 
_pdbx_struct_conn_angle.ptnr1_label_atom_id 
_pdbx_struct_conn_angle.ptnr1_label_alt_id 
_pdbx_struct_conn_angle.ptnr1_label_asym_id 
_pdbx_struct_conn_angle.ptnr1_label_comp_id 
_pdbx_struct_conn_angle.ptnr1_label_seq_id 
_pdbx_struct_conn_angle.ptnr1_auth_atom_id 
_pdbx_struct_conn_angle.ptnr1_auth_asym_id 
_pdbx_struct_conn_angle.ptnr1_auth_comp_id 
_pdbx_struct_conn_angle.ptnr1_auth_seq_id 
_pdbx_struct_conn_angle.ptnr1_PDB_ins_code 
_pdbx_struct_conn_angle.ptnr1_symmetry 
_pdbx_struct_conn_angle.ptnr2_label_atom_id 
_pdbx_struct_conn_angle.ptnr2_label_alt_id 
_pdbx_struct_conn_angle.ptnr2_label_asym_id 
_pdbx_struct_conn_angle.ptnr2_label_comp_id 
_pdbx_struct_conn_angle.ptnr2_label_seq_id 
_pdbx_struct_conn_angle.ptnr2_auth_atom_id 
_pdbx_struct_conn_angle.ptnr2_auth_asym_id 
_pdbx_struct_conn_angle.ptnr2_auth_comp_id 
_pdbx_struct_conn_angle.ptnr2_auth_seq_id 
_pdbx_struct_conn_angle.ptnr2_PDB_ins_code 
_pdbx_struct_conn_angle.ptnr2_symmetry 
_pdbx_struct_conn_angle.ptnr3_label_atom_id 
_pdbx_struct_conn_angle.ptnr3_label_alt_id 
_pdbx_struct_conn_angle.ptnr3_label_asym_id 
_pdbx_struct_conn_angle.ptnr3_label_comp_id 
_pdbx_struct_conn_angle.ptnr3_label_seq_id 
_pdbx_struct_conn_angle.ptnr3_auth_atom_id 
_pdbx_struct_conn_angle.ptnr3_auth_asym_id 
_pdbx_struct_conn_angle.ptnr3_auth_comp_id 
_pdbx_struct_conn_angle.ptnr3_auth_seq_id 
_pdbx_struct_conn_angle.ptnr3_PDB_ins_code 
_pdbx_struct_conn_angle.ptnr3_symmetry 
_pdbx_struct_conn_angle.value 
_pdbx_struct_conn_angle.value_esd 
1  OG  ? A SER 17  ? A SER 17  ? 1_555 MG ? P MG . ? A MG 592 ? 1_555 OG1 ? A THR 35  ? A THR 35  ? 1_555 81.1  ? 
2  OG  ? A SER 17  ? A SER 17  ? 1_555 MG ? P MG . ? A MG 592 ? 1_555 O2G ? B GNP .   ? A GNP 190 ? 1_555 172.5 ? 
3  OG1 ? A THR 35  ? A THR 35  ? 1_555 MG ? P MG . ? A MG 592 ? 1_555 O2G ? B GNP .   ? A GNP 190 ? 1_555 93.1  ? 
4  OG  ? A SER 17  ? A SER 17  ? 1_555 MG ? P MG . ? A MG 592 ? 1_555 O2B ? B GNP .   ? A GNP 190 ? 1_555 92.1  ? 
5  OG1 ? A THR 35  ? A THR 35  ? 1_555 MG ? P MG . ? A MG 592 ? 1_555 O2B ? B GNP .   ? A GNP 190 ? 1_555 172.9 ? 
6  O2G ? B GNP .   ? A GNP 190 ? 1_555 MG ? P MG . ? A MG 592 ? 1_555 O2B ? B GNP .   ? A GNP 190 ? 1_555 93.9  ? 
7  OG  ? A SER 17  ? A SER 17  ? 1_555 MG ? P MG . ? A MG 592 ? 1_555 O   ? T HOH .   ? A HOH 301 ? 1_555 92.6  ? 
8  OG1 ? A THR 35  ? A THR 35  ? 1_555 MG ? P MG . ? A MG 592 ? 1_555 O   ? T HOH .   ? A HOH 301 ? 1_555 88.4  ? 
9  O2G ? B GNP .   ? A GNP 190 ? 1_555 MG ? P MG . ? A MG 592 ? 1_555 O   ? T HOH .   ? A HOH 301 ? 1_555 92.0  ? 
10 O2B ? B GNP .   ? A GNP 190 ? 1_555 MG ? P MG . ? A MG 592 ? 1_555 O   ? T HOH .   ? A HOH 301 ? 1_555 89.7  ? 
11 OG  ? A SER 17  ? A SER 17  ? 1_555 MG ? P MG . ? A MG 592 ? 1_555 O   ? T HOH .   ? A HOH 303 ? 1_555 85.1  ? 
12 OG1 ? A THR 35  ? A THR 35  ? 1_555 MG ? P MG . ? A MG 592 ? 1_555 O   ? T HOH .   ? A HOH 303 ? 1_555 91.3  ? 
13 O2G ? B GNP .   ? A GNP 190 ? 1_555 MG ? P MG . ? A MG 592 ? 1_555 O   ? T HOH .   ? A HOH 303 ? 1_555 90.3  ? 
14 O2B ? B GNP .   ? A GNP 190 ? 1_555 MG ? P MG . ? A MG 592 ? 1_555 O   ? T HOH .   ? A HOH 303 ? 1_555 90.3  ? 
15 O   ? T HOH .   ? A HOH 301 ? 1_555 MG ? P MG . ? A MG 592 ? 1_555 O   ? T HOH .   ? A HOH 303 ? 1_555 177.7 ? 
16 O   ? A PHE 28  ? A PHE 28  ? 1_555 CA ? Q CA . ? A CA 591 ? 1_555 OD2 ? A ASP 30  ? A ASP 30  ? 1_555 85.3  ? 
17 O   ? A PHE 28  ? A PHE 28  ? 1_555 CA ? Q CA . ? A CA 591 ? 1_555 O   ? T HOH .   ? A HOH 309 ? 1_555 89.0  ? 
18 OD2 ? A ASP 30  ? A ASP 30  ? 1_555 CA ? Q CA . ? A CA 591 ? 1_555 O   ? T HOH .   ? A HOH 309 ? 1_555 82.1  ? 
19 O   ? A ARG 102 ? A ARG 102 ? 1_555 CA ? S CA . ? A CA 593 ? 1_555 OD2 ? A ASP 105 ? A ASP 105 ? 1_555 83.1  ? 
20 O   ? A ARG 102 ? A ARG 102 ? 1_555 CA ? S CA . ? A CA 593 ? 1_555 OD1 ? A ASP 105 ? A ASP 105 ? 1_555 109.1 ? 
21 OD2 ? A ASP 105 ? A ASP 105 ? 1_555 CA ? S CA . ? A CA 593 ? 1_555 OD1 ? A ASP 105 ? A ASP 105 ? 1_555 51.1  ? 
22 OE1 ? A GLU 153 ? A GLU 153 ? 1_555 CA ? R CA . ? A CA 596 ? 1_555 OD1 ? A ASP 154 ? A ASP 154 ? 1_555 88.6  ? 
23 OE1 ? A GLU 153 ? A GLU 153 ? 1_555 CA ? R CA . ? A CA 596 ? 1_555 O   ? T HOH .   ? A HOH 321 ? 1_555 79.6  ? 
24 OD1 ? A ASP 154 ? A ASP 154 ? 1_555 CA ? R CA . ? A CA 596 ? 1_555 O   ? T HOH .   ? A HOH 321 ? 1_555 49.2  ? 
# 
_struct_sheet.id               A 
_struct_sheet.type             ? 
_struct_sheet.number_strands   6 
_struct_sheet.details          ? 
# 
loop_
_struct_sheet_order.sheet_id 
_struct_sheet_order.range_id_1 
_struct_sheet_order.range_id_2 
_struct_sheet_order.offset 
_struct_sheet_order.sense 
A 1 2 ? anti-parallel 
A 2 3 ? parallel      
A 3 4 ? parallel      
A 4 5 ? parallel      
A 5 6 ? parallel      
# 
loop_
_struct_sheet_range.sheet_id 
_struct_sheet_range.id 
_struct_sheet_range.beg_label_comp_id 
_struct_sheet_range.beg_label_asym_id 
_struct_sheet_range.beg_label_seq_id 
_struct_sheet_range.pdbx_beg_PDB_ins_code 
_struct_sheet_range.end_label_comp_id 
_struct_sheet_range.end_label_asym_id 
_struct_sheet_range.end_label_seq_id 
_struct_sheet_range.pdbx_end_PDB_ins_code 
_struct_sheet_range.beg_auth_comp_id 
_struct_sheet_range.beg_auth_asym_id 
_struct_sheet_range.beg_auth_seq_id 
_struct_sheet_range.end_auth_comp_id 
_struct_sheet_range.end_auth_asym_id 
_struct_sheet_range.end_auth_seq_id 
A 1 GLU A 37  ? ILE A 46  ? GLU A 37  ILE A 46  
A 2 GLU A 49  ? THR A 58  ? GLU A 49  THR A 58  
A 3 GLU A 3   ? GLY A 10  ? GLU A 3   GLY A 10  
A 4 GLY A 77  ? ALA A 83  ? GLY A 77  ALA A 83  
A 5 MET A 111 ? ASN A 116 ? MET A 111 ASN A 116 
A 6 TYR A 141 ? GLU A 143 ? TYR A 141 GLU A 143 
# 
loop_
_pdbx_struct_sheet_hbond.sheet_id 
_pdbx_struct_sheet_hbond.range_id_1 
_pdbx_struct_sheet_hbond.range_id_2 
_pdbx_struct_sheet_hbond.range_1_label_atom_id 
_pdbx_struct_sheet_hbond.range_1_label_comp_id 
_pdbx_struct_sheet_hbond.range_1_label_asym_id 
_pdbx_struct_sheet_hbond.range_1_label_seq_id 
_pdbx_struct_sheet_hbond.range_1_PDB_ins_code 
_pdbx_struct_sheet_hbond.range_1_auth_atom_id 
_pdbx_struct_sheet_hbond.range_1_auth_comp_id 
_pdbx_struct_sheet_hbond.range_1_auth_asym_id 
_pdbx_struct_sheet_hbond.range_1_auth_seq_id 
_pdbx_struct_sheet_hbond.range_2_label_atom_id 
_pdbx_struct_sheet_hbond.range_2_label_comp_id 
_pdbx_struct_sheet_hbond.range_2_label_asym_id 
_pdbx_struct_sheet_hbond.range_2_label_seq_id 
_pdbx_struct_sheet_hbond.range_2_PDB_ins_code 
_pdbx_struct_sheet_hbond.range_2_auth_atom_id 
_pdbx_struct_sheet_hbond.range_2_auth_comp_id 
_pdbx_struct_sheet_hbond.range_2_auth_asym_id 
_pdbx_struct_sheet_hbond.range_2_auth_seq_id 
A 1 2 N ASP A 38  ? N ASP A 38  O ASP A 57  ? O ASP A 57  
A 2 3 O LEU A 56  ? O LEU A 56  N LEU A 6   ? N LEU A 6   
A 3 4 N VAL A 9   ? N VAL A 9   O VAL A 81  ? O VAL A 81  
A 4 5 N PHE A 82  ? N PHE A 82  O ASN A 116 ? O ASN A 116 
A 5 6 N LEU A 113 ? N LEU A 113 O ILE A 142 ? O ILE A 142 
# 
loop_
_struct_site.id 
_struct_site.pdbx_evidence_code 
_struct_site.pdbx_auth_asym_id 
_struct_site.pdbx_auth_comp_id 
_struct_site.pdbx_auth_seq_id 
_struct_site.pdbx_auth_ins_code 
_struct_site.pdbx_num_residues 
_struct_site.details 
AC1 Software A GNP 190 ? 30 'BINDING SITE FOR RESIDUE GNP A 190' 
AC2 Software A RSF 203 ? 4  'BINDING SITE FOR RESIDUE RSF A 203' 
AC3 Software A RSF 204 ? 5  'BINDING SITE FOR RESIDUE RSF A 204' 
AC4 Software A RSF 206 ? 4  'BINDING SITE FOR RESIDUE RSF A 206' 
AC5 Software A RSF 209 ? 4  'BINDING SITE FOR RESIDUE RSF A 209' 
AC6 Software A RSF 207 ? 5  'BINDING SITE FOR RESIDUE RSF A 207' 
AC7 Software A RSF 211 ? 4  'BINDING SITE FOR RESIDUE RSF A 211' 
AC8 Software A RSF 208 ? 5  'BINDING SITE FOR RESIDUE RSF A 208' 
AC9 Software A RSF 212 ? 4  'BINDING SITE FOR RESIDUE RSF A 212' 
BC1 Software A RSF 213 ? 4  'BINDING SITE FOR RESIDUE RSF A 213' 
BC2 Software A RSF 214 ? 7  'BINDING SITE FOR RESIDUE RSF A 214' 
BC3 Software A RSF 205 ? 6  'BINDING SITE FOR RESIDUE RSF A 205' 
BC4 Software A RSF 215 ? 5  'BINDING SITE FOR RESIDUE RSF A 215' 
BC5 Software A RSF 210 ? 4  'BINDING SITE FOR RESIDUE RSF A 210' 
BC6 Software A MG  592 ? 5  'BINDING SITE FOR RESIDUE MG A 592'  
BC7 Software A CA  591 ? 6  'BINDING SITE FOR RESIDUE CA A 591'  
BC8 Software A CA  596 ? 4  'BINDING SITE FOR RESIDUE CA A 596'  
BC9 Software A CA  593 ? 4  'BINDING SITE FOR RESIDUE CA A 593'  
# 
loop_
_struct_site_gen.id 
_struct_site_gen.site_id 
_struct_site_gen.pdbx_num_res 
_struct_site_gen.label_comp_id 
_struct_site_gen.label_asym_id 
_struct_site_gen.label_seq_id 
_struct_site_gen.pdbx_auth_ins_code 
_struct_site_gen.auth_comp_id 
_struct_site_gen.auth_asym_id 
_struct_site_gen.auth_seq_id 
_struct_site_gen.label_atom_id 
_struct_site_gen.label_alt_id 
_struct_site_gen.symmetry 
_struct_site_gen.details 
1   AC1 30 GLY A 12  ? GLY A 12  . ? 1_555  ? 
2   AC1 30 GLY A 13  ? GLY A 13  . ? 1_555  ? 
3   AC1 30 VAL A 14  ? VAL A 14  . ? 1_555  ? 
4   AC1 30 GLY A 15  ? GLY A 15  . ? 1_555  ? 
5   AC1 30 LYS A 16  ? LYS A 16  . ? 1_555  ? 
6   AC1 30 SER A 17  ? SER A 17  . ? 1_555  ? 
7   AC1 30 ALA A 18  ? ALA A 18  . ? 1_555  ? 
8   AC1 30 PHE A 28  ? PHE A 28  . ? 1_555  ? 
9   AC1 30 VAL A 29  ? VAL A 29  . ? 1_555  ? 
10  AC1 30 ASP A 30  ? ASP A 30  . ? 1_555  ? 
11  AC1 30 GLU A 31  ? GLU A 31  . ? 1_555  ? 
12  AC1 30 TYR A 32  ? TYR A 32  . ? 1_555  ? 
13  AC1 30 PRO A 34  ? PRO A 34  . ? 1_555  ? 
14  AC1 30 THR A 35  ? THR A 35  . ? 1_555  ? 
15  AC1 30 GLY A 60  ? GLY A 60  . ? 1_555  ? 
16  AC1 30 GLN A 61  ? GLN A 61  . ? 1_555  ? 
17  AC1 30 ASN A 116 ? ASN A 116 . ? 1_555  ? 
18  AC1 30 LYS A 117 ? LYS A 117 . ? 1_555  ? 
19  AC1 30 ASP A 119 ? ASP A 119 . ? 1_555  ? 
20  AC1 30 LEU A 120 ? LEU A 120 . ? 1_555  ? 
21  AC1 30 SER A 145 ? SER A 145 . ? 1_555  ? 
22  AC1 30 ALA A 146 ? ALA A 146 . ? 1_555  ? 
23  AC1 30 LYS A 147 ? LYS A 147 . ? 1_555  ? 
24  AC1 30 RSF E .   ? RSF A 206 . ? 1_555  ? 
25  AC1 30 RSF F .   ? RSF A 209 . ? 1_555  ? 
26  AC1 30 HOH T .   ? HOH A 301 . ? 1_555  ? 
27  AC1 30 HOH T .   ? HOH A 303 . ? 1_555  ? 
28  AC1 30 HOH T .   ? HOH A 304 . ? 1_555  ? 
29  AC1 30 HOH T .   ? HOH A 305 . ? 1_555  ? 
30  AC1 30 MG  P .   ? MG  A 592 . ? 1_555  ? 
31  AC2 4  GLN A 25  ? GLN A 25  . ? 5_674  ? 
32  AC2 4  HIS A 27  ? HIS A 27  . ? 5_674  ? 
33  AC2 4  TYR A 40  ? TYR A 40  . ? 1_555  ? 
34  AC2 4  HOH T .   ? HOH A 310 . ? 1_555  ? 
35  AC3 5  PHE A 28  ? PHE A 28  . ? 1_555  ? 
36  AC3 5  ASP A 30  ? ASP A 30  . ? 1_555  ? 
37  AC3 5  LYS A 147 ? LYS A 147 . ? 1_555  ? 
38  AC3 5  RSF H .   ? RSF A 211 . ? 5_674  ? 
39  AC3 5  HOH T .   ? HOH A 309 . ? 1_555  ? 
40  AC4 4  ASP A 30  ? ASP A 30  . ? 1_555  ? 
41  AC4 4  TYR A 32  ? TYR A 32  . ? 1_555  ? 
42  AC4 4  GNP B .   ? GNP A 190 . ? 1_555  ? 
43  AC4 4  RSF K .   ? RSF A 213 . ? 3_565  ? 
44  AC5 4  ASP A 30  ? ASP A 30  . ? 1_555  ? 
45  AC5 4  HIS A 94  ? HIS A 94  . ? 3_565  ? 
46  AC5 4  LYS A 147 ? LYS A 147 . ? 1_555  ? 
47  AC5 4  GNP B .   ? GNP A 190 . ? 1_555  ? 
48  AC6 5  LEU A 23  ? LEU A 23  . ? 1_555  ? 
49  AC6 5  LYS A 42  ? LYS A 42  . ? 1_555  ? 
50  AC6 5  VAL A 44  ? VAL A 44  . ? 1_555  ? 
51  AC6 5  ARG A 149 ? ARG A 149 . ? 1_555  ? 
52  AC6 5  TYR A 157 ? TYR A 157 . ? 1_555  ? 
53  AC7 4  ASP A 33  ? ASP A 33  . ? 1_555  ? 
54  AC7 4  RSF D .   ? RSF A 204 . ? 5_674  ? 
55  AC7 4  RSF O .   ? RSF A 210 . ? 1_555  ? 
56  AC7 4  HOH T .   ? HOH A 309 . ? 5_674  ? 
57  AC8 5  GLY A 12  ? GLY A 12  . ? 1_555  ? 
58  AC8 5  GLY A 13  ? GLY A 13  . ? 1_555  ? 
59  AC8 5  TYR A 32  ? TYR A 32  . ? 1_555  ? 
60  AC8 5  ASN A 86  ? ASN A 86  . ? 1_555  ? 
61  AC8 5  RSF M .   ? RSF A 205 . ? 1_555  ? 
62  AC9 4  GLU A 37  ? GLU A 37  . ? 1_555  ? 
63  AC9 4  ALA A 59  ? ALA A 59  . ? 1_555  ? 
64  AC9 4  TYR A 96  ? TYR A 96  . ? 1_555  ? 
65  AC9 4  GLN A 99  ? GLN A 99  . ? 1_555  ? 
66  BC1 4  GLN A 95  ? GLN A 95  . ? 1_555  ? 
67  BC1 4  GLN A 99  ? GLN A 99  . ? 1_555  ? 
68  BC1 4  RSF E .   ? RSF A 206 . ? 2_665  ? 
69  BC1 4  HOH T .   ? HOH A 529 . ? 1_555  ? 
70  BC2 7  ILE A 46  ? ILE A 46  . ? 16_453 ? 
71  BC2 7  ASP A 47  ? ASP A 47  . ? 16_453 ? 
72  BC2 7  GLU A 143 ? GLU A 143 . ? 1_555  ? 
73  BC2 7  GLN A 150 ? GLN A 150 . ? 1_555  ? 
74  BC2 7  GLY A 151 ? GLY A 151 . ? 1_555  ? 
75  BC2 7  TYR A 157 ? TYR A 157 . ? 16_453 ? 
76  BC2 7  HOH T .   ? HOH A 318 . ? 1_555  ? 
77  BC3 6  ALA A 11  ? ALA A 11  . ? 1_555  ? 
78  BC3 6  GLY A 12  ? GLY A 12  . ? 1_555  ? 
79  BC3 6  ASN A 86  ? ASN A 86  . ? 1_555  ? 
80  BC3 6  LYS A 88  ? LYS A 88  . ? 1_555  ? 
81  BC3 6  SER A 89  ? SER A 89  . ? 1_555  ? 
82  BC3 6  RSF I .   ? RSF A 208 . ? 1_555  ? 
83  BC4 5  ILE A 24  ? ILE A 24  . ? 1_555  ? 
84  BC4 5  GLN A 25  ? GLN A 25  . ? 1_555  ? 
85  BC4 5  ASP A 38  ? ASP A 38  . ? 5_674  ? 
86  BC4 5  SER A 39  ? SER A 39  . ? 5_674  ? 
87  BC4 5  ARG A 41  ? ARG A 41  . ? 1_555  ? 
88  BC5 4  GLN A 25  ? GLN A 25  . ? 5_674  ? 
89  BC5 4  ASN A 26  ? ASN A 26  . ? 5_674  ? 
90  BC5 4  PRO A 34  ? PRO A 34  . ? 1_555  ? 
91  BC5 4  RSF H .   ? RSF A 211 . ? 1_555  ? 
92  BC6 5  SER A 17  ? SER A 17  . ? 1_555  ? 
93  BC6 5  THR A 35  ? THR A 35  . ? 1_555  ? 
94  BC6 5  GNP B .   ? GNP A 190 . ? 1_555  ? 
95  BC6 5  HOH T .   ? HOH A 301 . ? 1_555  ? 
96  BC6 5  HOH T .   ? HOH A 303 . ? 1_555  ? 
97  BC7 6  PHE A 28  ? PHE A 28  . ? 1_555  ? 
98  BC7 6  ASP A 30  ? ASP A 30  . ? 1_555  ? 
99  BC7 6  GLU A 31  ? GLU A 31  . ? 5_674  ? 
100 BC7 6  ASP A 33  ? ASP A 33  . ? 5_674  ? 
101 BC7 6  HOH T .   ? HOH A 309 . ? 1_555  ? 
102 BC7 6  HOH T .   ? HOH A 319 . ? 5_674  ? 
103 BC8 4  GLU A 153 ? GLU A 153 . ? 1_555  ? 
104 BC8 4  GLU A 153 ? GLU A 153 . ? 16_453 ? 
105 BC8 4  ASP A 154 ? ASP A 154 . ? 16_453 ? 
106 BC8 4  ASP A 154 ? ASP A 154 . ? 1_555  ? 
107 BC9 4  ARG A 102 ? ARG A 102 . ? 6_554  ? 
108 BC9 4  ARG A 102 ? ARG A 102 . ? 1_555  ? 
109 BC9 4  ASP A 105 ? ASP A 105 . ? 6_554  ? 
110 BC9 4  ASP A 105 ? ASP A 105 . ? 1_555  ? 
# 
_pdbx_validate_close_contact.id               1 
_pdbx_validate_close_contact.PDB_model_num    1 
_pdbx_validate_close_contact.auth_atom_id_1   O 
_pdbx_validate_close_contact.auth_asym_id_1   A 
_pdbx_validate_close_contact.auth_comp_id_1   HOH 
_pdbx_validate_close_contact.auth_seq_id_1    342 
_pdbx_validate_close_contact.PDB_ins_code_1   ? 
_pdbx_validate_close_contact.label_alt_id_1   ? 
_pdbx_validate_close_contact.auth_atom_id_2   O 
_pdbx_validate_close_contact.auth_asym_id_2   A 
_pdbx_validate_close_contact.auth_comp_id_2   HOH 
_pdbx_validate_close_contact.auth_seq_id_2    526 
_pdbx_validate_close_contact.PDB_ins_code_2   ? 
_pdbx_validate_close_contact.label_alt_id_2   ? 
_pdbx_validate_close_contact.dist             2.14 
# 
_pdbx_validate_symm_contact.id                1 
_pdbx_validate_symm_contact.PDB_model_num     1 
_pdbx_validate_symm_contact.auth_atom_id_1    O 
_pdbx_validate_symm_contact.auth_asym_id_1    A 
_pdbx_validate_symm_contact.auth_comp_id_1    HOH 
_pdbx_validate_symm_contact.auth_seq_id_1     338 
_pdbx_validate_symm_contact.PDB_ins_code_1    ? 
_pdbx_validate_symm_contact.label_alt_id_1    ? 
_pdbx_validate_symm_contact.site_symmetry_1   1_555 
_pdbx_validate_symm_contact.auth_atom_id_2    O 
_pdbx_validate_symm_contact.auth_asym_id_2    A 
_pdbx_validate_symm_contact.auth_comp_id_2    HOH 
_pdbx_validate_symm_contact.auth_seq_id_2     342 
_pdbx_validate_symm_contact.PDB_ins_code_2    ? 
_pdbx_validate_symm_contact.label_alt_id_2    ? 
_pdbx_validate_symm_contact.site_symmetry_2   2_665 
_pdbx_validate_symm_contact.dist              2.16 
# 
loop_
_pdbx_validate_torsion.id 
_pdbx_validate_torsion.PDB_model_num 
_pdbx_validate_torsion.auth_comp_id 
_pdbx_validate_torsion.auth_asym_id 
_pdbx_validate_torsion.auth_seq_id 
_pdbx_validate_torsion.PDB_ins_code 
_pdbx_validate_torsion.label_alt_id 
_pdbx_validate_torsion.phi 
_pdbx_validate_torsion.psi 
1 1 THR A 2   ? ? 64.47  95.27  
2 1 ILE A 36  ? ? -97.78 -73.53 
3 1 ARG A 149 ? ? 73.68  -2.68  
# 
loop_
_pdbx_struct_special_symmetry.id 
_pdbx_struct_special_symmetry.PDB_model_num 
_pdbx_struct_special_symmetry.auth_asym_id 
_pdbx_struct_special_symmetry.auth_comp_id 
_pdbx_struct_special_symmetry.auth_seq_id 
_pdbx_struct_special_symmetry.PDB_ins_code 
_pdbx_struct_special_symmetry.label_asym_id 
_pdbx_struct_special_symmetry.label_comp_id 
_pdbx_struct_special_symmetry.label_seq_id 
1 1 A CA  596 ? R CA  . 
2 1 A HOH 392 ? T HOH . 
3 1 A HOH 440 ? T HOH . 
# 
_phasing.method   MR 
# 
loop_
_pdbx_unobs_or_zero_occ_residues.id 
_pdbx_unobs_or_zero_occ_residues.PDB_model_num 
_pdbx_unobs_or_zero_occ_residues.polymer_flag 
_pdbx_unobs_or_zero_occ_residues.occupancy_flag 
_pdbx_unobs_or_zero_occ_residues.auth_asym_id 
_pdbx_unobs_or_zero_occ_residues.auth_comp_id 
_pdbx_unobs_or_zero_occ_residues.auth_seq_id 
_pdbx_unobs_or_zero_occ_residues.PDB_ins_code 
_pdbx_unobs_or_zero_occ_residues.label_asym_id 
_pdbx_unobs_or_zero_occ_residues.label_comp_id 
_pdbx_unobs_or_zero_occ_residues.label_seq_id 
1  1 Y 1 A GLU 62 ? A GLU 62 
2  1 Y 1 A GLU 63 ? A GLU 63 
3  1 Y 1 A TYR 64 ? A TYR 64 
4  1 Y 1 A SER 65 ? A SER 65 
5  1 Y 1 A ALA 66 ? A ALA 66 
6  1 Y 1 A MET 67 ? A MET 67 
7  1 Y 1 A ARG 68 ? A ARG 68 
8  1 Y 1 A ASP 69 ? A ASP 69 
9  1 Y 1 A GLN 70 ? A GLN 70 
10 1 Y 1 A TYR 71 ? A TYR 71 
# 
loop_
_chem_comp_atom.comp_id 
_chem_comp_atom.atom_id 
_chem_comp_atom.type_symbol 
_chem_comp_atom.pdbx_aromatic_flag 
_chem_comp_atom.pdbx_stereo_config 
_chem_comp_atom.pdbx_ordinal 
ALA N      N  N N 1   
ALA CA     C  N S 2   
ALA C      C  N N 3   
ALA O      O  N N 4   
ALA CB     C  N N 5   
ALA OXT    O  N N 6   
ALA H      H  N N 7   
ALA H2     H  N N 8   
ALA HA     H  N N 9   
ALA HB1    H  N N 10  
ALA HB2    H  N N 11  
ALA HB3    H  N N 12  
ALA HXT    H  N N 13  
ARG N      N  N N 14  
ARG CA     C  N S 15  
ARG C      C  N N 16  
ARG O      O  N N 17  
ARG CB     C  N N 18  
ARG CG     C  N N 19  
ARG CD     C  N N 20  
ARG NE     N  N N 21  
ARG CZ     C  N N 22  
ARG NH1    N  N N 23  
ARG NH2    N  N N 24  
ARG OXT    O  N N 25  
ARG H      H  N N 26  
ARG H2     H  N N 27  
ARG HA     H  N N 28  
ARG HB2    H  N N 29  
ARG HB3    H  N N 30  
ARG HG2    H  N N 31  
ARG HG3    H  N N 32  
ARG HD2    H  N N 33  
ARG HD3    H  N N 34  
ARG HE     H  N N 35  
ARG HH11   H  N N 36  
ARG HH12   H  N N 37  
ARG HH21   H  N N 38  
ARG HH22   H  N N 39  
ARG HXT    H  N N 40  
ASN N      N  N N 41  
ASN CA     C  N S 42  
ASN C      C  N N 43  
ASN O      O  N N 44  
ASN CB     C  N N 45  
ASN CG     C  N N 46  
ASN OD1    O  N N 47  
ASN ND2    N  N N 48  
ASN OXT    O  N N 49  
ASN H      H  N N 50  
ASN H2     H  N N 51  
ASN HA     H  N N 52  
ASN HB2    H  N N 53  
ASN HB3    H  N N 54  
ASN HD21   H  N N 55  
ASN HD22   H  N N 56  
ASN HXT    H  N N 57  
ASP N      N  N N 58  
ASP CA     C  N S 59  
ASP C      C  N N 60  
ASP O      O  N N 61  
ASP CB     C  N N 62  
ASP CG     C  N N 63  
ASP OD1    O  N N 64  
ASP OD2    O  N N 65  
ASP OXT    O  N N 66  
ASP H      H  N N 67  
ASP H2     H  N N 68  
ASP HA     H  N N 69  
ASP HB2    H  N N 70  
ASP HB3    H  N N 71  
ASP HD2    H  N N 72  
ASP HXT    H  N N 73  
CA  CA     CA N N 74  
CYS N      N  N N 75  
CYS CA     C  N R 76  
CYS C      C  N N 77  
CYS O      O  N N 78  
CYS CB     C  N N 79  
CYS SG     S  N N 80  
CYS OXT    O  N N 81  
CYS H      H  N N 82  
CYS H2     H  N N 83  
CYS HA     H  N N 84  
CYS HB2    H  N N 85  
CYS HB3    H  N N 86  
CYS HG     H  N N 87  
CYS HXT    H  N N 88  
GLN N      N  N N 89  
GLN CA     C  N S 90  
GLN C      C  N N 91  
GLN O      O  N N 92  
GLN CB     C  N N 93  
GLN CG     C  N N 94  
GLN CD     C  N N 95  
GLN OE1    O  N N 96  
GLN NE2    N  N N 97  
GLN OXT    O  N N 98  
GLN H      H  N N 99  
GLN H2     H  N N 100 
GLN HA     H  N N 101 
GLN HB2    H  N N 102 
GLN HB3    H  N N 103 
GLN HG2    H  N N 104 
GLN HG3    H  N N 105 
GLN HE21   H  N N 106 
GLN HE22   H  N N 107 
GLN HXT    H  N N 108 
GLU N      N  N N 109 
GLU CA     C  N S 110 
GLU C      C  N N 111 
GLU O      O  N N 112 
GLU CB     C  N N 113 
GLU CG     C  N N 114 
GLU CD     C  N N 115 
GLU OE1    O  N N 116 
GLU OE2    O  N N 117 
GLU OXT    O  N N 118 
GLU H      H  N N 119 
GLU H2     H  N N 120 
GLU HA     H  N N 121 
GLU HB2    H  N N 122 
GLU HB3    H  N N 123 
GLU HG2    H  N N 124 
GLU HG3    H  N N 125 
GLU HE2    H  N N 126 
GLU HXT    H  N N 127 
GLY N      N  N N 128 
GLY CA     C  N N 129 
GLY C      C  N N 130 
GLY O      O  N N 131 
GLY OXT    O  N N 132 
GLY H      H  N N 133 
GLY H2     H  N N 134 
GLY HA2    H  N N 135 
GLY HA3    H  N N 136 
GLY HXT    H  N N 137 
GNP PG     P  N N 138 
GNP O1G    O  N N 139 
GNP O2G    O  N N 140 
GNP O3G    O  N N 141 
GNP N3B    N  N N 142 
GNP PB     P  N R 143 
GNP O1B    O  N N 144 
GNP O2B    O  N N 145 
GNP O3A    O  N N 146 
GNP PA     P  N S 147 
GNP O1A    O  N N 148 
GNP O2A    O  N N 149 
GNP "O5'"  O  N N 150 
GNP "C5'"  C  N N 151 
GNP "C4'"  C  N R 152 
GNP "O4'"  O  N N 153 
GNP "C3'"  C  N S 154 
GNP "O3'"  O  N N 155 
GNP "C2'"  C  N R 156 
GNP "O2'"  O  N N 157 
GNP "C1'"  C  N R 158 
GNP N9     N  Y N 159 
GNP C8     C  Y N 160 
GNP N7     N  Y N 161 
GNP C5     C  Y N 162 
GNP C6     C  Y N 163 
GNP O6     O  N N 164 
GNP N1     N  Y N 165 
GNP C2     C  Y N 166 
GNP N2     N  N N 167 
GNP N3     N  Y N 168 
GNP C4     C  Y N 169 
GNP HOG2   H  N N 170 
GNP HOG3   H  N N 171 
GNP HNB3   H  N N 172 
GNP HOB2   H  N N 173 
GNP HOA2   H  N N 174 
GNP "H5'2" H  N N 175 
GNP "H5'1" H  N N 176 
GNP "H4'"  H  N N 177 
GNP "H3'"  H  N N 178 
GNP "HO3'" H  N N 179 
GNP "H2'"  H  N N 180 
GNP "HO2'" H  N N 181 
GNP "H1'"  H  N N 182 
GNP H8     H  N N 183 
GNP HN1    H  N N 184 
GNP HN21   H  N N 185 
GNP HN22   H  N N 186 
HIS N      N  N N 187 
HIS CA     C  N S 188 
HIS C      C  N N 189 
HIS O      O  N N 190 
HIS CB     C  N N 191 
HIS CG     C  Y N 192 
HIS ND1    N  Y N 193 
HIS CD2    C  Y N 194 
HIS CE1    C  Y N 195 
HIS NE2    N  Y N 196 
HIS OXT    O  N N 197 
HIS H      H  N N 198 
HIS H2     H  N N 199 
HIS HA     H  N N 200 
HIS HB2    H  N N 201 
HIS HB3    H  N N 202 
HIS HD1    H  N N 203 
HIS HD2    H  N N 204 
HIS HE1    H  N N 205 
HIS HE2    H  N N 206 
HIS HXT    H  N N 207 
HOH O      O  N N 208 
HOH H1     H  N N 209 
HOH H2     H  N N 210 
ILE N      N  N N 211 
ILE CA     C  N S 212 
ILE C      C  N N 213 
ILE O      O  N N 214 
ILE CB     C  N S 215 
ILE CG1    C  N N 216 
ILE CG2    C  N N 217 
ILE CD1    C  N N 218 
ILE OXT    O  N N 219 
ILE H      H  N N 220 
ILE H2     H  N N 221 
ILE HA     H  N N 222 
ILE HB     H  N N 223 
ILE HG12   H  N N 224 
ILE HG13   H  N N 225 
ILE HG21   H  N N 226 
ILE HG22   H  N N 227 
ILE HG23   H  N N 228 
ILE HD11   H  N N 229 
ILE HD12   H  N N 230 
ILE HD13   H  N N 231 
ILE HXT    H  N N 232 
LEU N      N  N N 233 
LEU CA     C  N S 234 
LEU C      C  N N 235 
LEU O      O  N N 236 
LEU CB     C  N N 237 
LEU CG     C  N N 238 
LEU CD1    C  N N 239 
LEU CD2    C  N N 240 
LEU OXT    O  N N 241 
LEU H      H  N N 242 
LEU H2     H  N N 243 
LEU HA     H  N N 244 
LEU HB2    H  N N 245 
LEU HB3    H  N N 246 
LEU HG     H  N N 247 
LEU HD11   H  N N 248 
LEU HD12   H  N N 249 
LEU HD13   H  N N 250 
LEU HD21   H  N N 251 
LEU HD22   H  N N 252 
LEU HD23   H  N N 253 
LEU HXT    H  N N 254 
LYS N      N  N N 255 
LYS CA     C  N S 256 
LYS C      C  N N 257 
LYS O      O  N N 258 
LYS CB     C  N N 259 
LYS CG     C  N N 260 
LYS CD     C  N N 261 
LYS CE     C  N N 262 
LYS NZ     N  N N 263 
LYS OXT    O  N N 264 
LYS H      H  N N 265 
LYS H2     H  N N 266 
LYS HA     H  N N 267 
LYS HB2    H  N N 268 
LYS HB3    H  N N 269 
LYS HG2    H  N N 270 
LYS HG3    H  N N 271 
LYS HD2    H  N N 272 
LYS HD3    H  N N 273 
LYS HE2    H  N N 274 
LYS HE3    H  N N 275 
LYS HZ1    H  N N 276 
LYS HZ2    H  N N 277 
LYS HZ3    H  N N 278 
LYS HXT    H  N N 279 
MET N      N  N N 280 
MET CA     C  N S 281 
MET C      C  N N 282 
MET O      O  N N 283 
MET CB     C  N N 284 
MET CG     C  N N 285 
MET SD     S  N N 286 
MET CE     C  N N 287 
MET OXT    O  N N 288 
MET H      H  N N 289 
MET H2     H  N N 290 
MET HA     H  N N 291 
MET HB2    H  N N 292 
MET HB3    H  N N 293 
MET HG2    H  N N 294 
MET HG3    H  N N 295 
MET HE1    H  N N 296 
MET HE2    H  N N 297 
MET HE3    H  N N 298 
MET HXT    H  N N 299 
MG  MG     MG N N 300 
PHE N      N  N N 301 
PHE CA     C  N S 302 
PHE C      C  N N 303 
PHE O      O  N N 304 
PHE CB     C  N N 305 
PHE CG     C  Y N 306 
PHE CD1    C  Y N 307 
PHE CD2    C  Y N 308 
PHE CE1    C  Y N 309 
PHE CE2    C  Y N 310 
PHE CZ     C  Y N 311 
PHE OXT    O  N N 312 
PHE H      H  N N 313 
PHE H2     H  N N 314 
PHE HA     H  N N 315 
PHE HB2    H  N N 316 
PHE HB3    H  N N 317 
PHE HD1    H  N N 318 
PHE HD2    H  N N 319 
PHE HE1    H  N N 320 
PHE HE2    H  N N 321 
PHE HZ     H  N N 322 
PHE HXT    H  N N 323 
PRO N      N  N N 324 
PRO CA     C  N S 325 
PRO C      C  N N 326 
PRO O      O  N N 327 
PRO CB     C  N N 328 
PRO CG     C  N N 329 
PRO CD     C  N N 330 
PRO OXT    O  N N 331 
PRO H      H  N N 332 
PRO HA     H  N N 333 
PRO HB2    H  N N 334 
PRO HB3    H  N N 335 
PRO HG2    H  N N 336 
PRO HG3    H  N N 337 
PRO HD2    H  N N 338 
PRO HD3    H  N N 339 
PRO HXT    H  N N 340 
RSF C5     C  N N 341 
RSF C6     C  N N 342 
RSF O1     O  N N 343 
RSF C4     C  N N 344 
RSF O2     O  N N 345 
RSF C1     C  N R 346 
RSF C2     C  N S 347 
RSF C3     C  N R 348 
RSF O3     O  N N 349 
RSF H15    H  N N 350 
RSF H25    H  N N 351 
RSF H16    H  N N 352 
RSF H26    H  N N 353 
RSF H14    H  N N 354 
RSF H24    H  N N 355 
RSF H1     H  N N 356 
RSF H2     H  N N 357 
RSF H3     H  N N 358 
RSF HO3    H  N N 359 
SER N      N  N N 360 
SER CA     C  N S 361 
SER C      C  N N 362 
SER O      O  N N 363 
SER CB     C  N N 364 
SER OG     O  N N 365 
SER OXT    O  N N 366 
SER H      H  N N 367 
SER H2     H  N N 368 
SER HA     H  N N 369 
SER HB2    H  N N 370 
SER HB3    H  N N 371 
SER HG     H  N N 372 
SER HXT    H  N N 373 
THR N      N  N N 374 
THR CA     C  N S 375 
THR C      C  N N 376 
THR O      O  N N 377 
THR CB     C  N R 378 
THR OG1    O  N N 379 
THR CG2    C  N N 380 
THR OXT    O  N N 381 
THR H      H  N N 382 
THR H2     H  N N 383 
THR HA     H  N N 384 
THR HB     H  N N 385 
THR HG1    H  N N 386 
THR HG21   H  N N 387 
THR HG22   H  N N 388 
THR HG23   H  N N 389 
THR HXT    H  N N 390 
TYR N      N  N N 391 
TYR CA     C  N S 392 
TYR C      C  N N 393 
TYR O      O  N N 394 
TYR CB     C  N N 395 
TYR CG     C  Y N 396 
TYR CD1    C  Y N 397 
TYR CD2    C  Y N 398 
TYR CE1    C  Y N 399 
TYR CE2    C  Y N 400 
TYR CZ     C  Y N 401 
TYR OH     O  N N 402 
TYR OXT    O  N N 403 
TYR H      H  N N 404 
TYR H2     H  N N 405 
TYR HA     H  N N 406 
TYR HB2    H  N N 407 
TYR HB3    H  N N 408 
TYR HD1    H  N N 409 
TYR HD2    H  N N 410 
TYR HE1    H  N N 411 
TYR HE2    H  N N 412 
TYR HH     H  N N 413 
TYR HXT    H  N N 414 
VAL N      N  N N 415 
VAL CA     C  N S 416 
VAL C      C  N N 417 
VAL O      O  N N 418 
VAL CB     C  N N 419 
VAL CG1    C  N N 420 
VAL CG2    C  N N 421 
VAL OXT    O  N N 422 
VAL H      H  N N 423 
VAL H2     H  N N 424 
VAL HA     H  N N 425 
VAL HB     H  N N 426 
VAL HG11   H  N N 427 
VAL HG12   H  N N 428 
VAL HG13   H  N N 429 
VAL HG21   H  N N 430 
VAL HG22   H  N N 431 
VAL HG23   H  N N 432 
VAL HXT    H  N N 433 
# 
loop_
_chem_comp_bond.comp_id 
_chem_comp_bond.atom_id_1 
_chem_comp_bond.atom_id_2 
_chem_comp_bond.value_order 
_chem_comp_bond.pdbx_aromatic_flag 
_chem_comp_bond.pdbx_stereo_config 
_chem_comp_bond.pdbx_ordinal 
ALA N     CA     sing N N 1   
ALA N     H      sing N N 2   
ALA N     H2     sing N N 3   
ALA CA    C      sing N N 4   
ALA CA    CB     sing N N 5   
ALA CA    HA     sing N N 6   
ALA C     O      doub N N 7   
ALA C     OXT    sing N N 8   
ALA CB    HB1    sing N N 9   
ALA CB    HB2    sing N N 10  
ALA CB    HB3    sing N N 11  
ALA OXT   HXT    sing N N 12  
ARG N     CA     sing N N 13  
ARG N     H      sing N N 14  
ARG N     H2     sing N N 15  
ARG CA    C      sing N N 16  
ARG CA    CB     sing N N 17  
ARG CA    HA     sing N N 18  
ARG C     O      doub N N 19  
ARG C     OXT    sing N N 20  
ARG CB    CG     sing N N 21  
ARG CB    HB2    sing N N 22  
ARG CB    HB3    sing N N 23  
ARG CG    CD     sing N N 24  
ARG CG    HG2    sing N N 25  
ARG CG    HG3    sing N N 26  
ARG CD    NE     sing N N 27  
ARG CD    HD2    sing N N 28  
ARG CD    HD3    sing N N 29  
ARG NE    CZ     sing N N 30  
ARG NE    HE     sing N N 31  
ARG CZ    NH1    sing N N 32  
ARG CZ    NH2    doub N N 33  
ARG NH1   HH11   sing N N 34  
ARG NH1   HH12   sing N N 35  
ARG NH2   HH21   sing N N 36  
ARG NH2   HH22   sing N N 37  
ARG OXT   HXT    sing N N 38  
ASN N     CA     sing N N 39  
ASN N     H      sing N N 40  
ASN N     H2     sing N N 41  
ASN CA    C      sing N N 42  
ASN CA    CB     sing N N 43  
ASN CA    HA     sing N N 44  
ASN C     O      doub N N 45  
ASN C     OXT    sing N N 46  
ASN CB    CG     sing N N 47  
ASN CB    HB2    sing N N 48  
ASN CB    HB3    sing N N 49  
ASN CG    OD1    doub N N 50  
ASN CG    ND2    sing N N 51  
ASN ND2   HD21   sing N N 52  
ASN ND2   HD22   sing N N 53  
ASN OXT   HXT    sing N N 54  
ASP N     CA     sing N N 55  
ASP N     H      sing N N 56  
ASP N     H2     sing N N 57  
ASP CA    C      sing N N 58  
ASP CA    CB     sing N N 59  
ASP CA    HA     sing N N 60  
ASP C     O      doub N N 61  
ASP C     OXT    sing N N 62  
ASP CB    CG     sing N N 63  
ASP CB    HB2    sing N N 64  
ASP CB    HB3    sing N N 65  
ASP CG    OD1    doub N N 66  
ASP CG    OD2    sing N N 67  
ASP OD2   HD2    sing N N 68  
ASP OXT   HXT    sing N N 69  
CYS N     CA     sing N N 70  
CYS N     H      sing N N 71  
CYS N     H2     sing N N 72  
CYS CA    C      sing N N 73  
CYS CA    CB     sing N N 74  
CYS CA    HA     sing N N 75  
CYS C     O      doub N N 76  
CYS C     OXT    sing N N 77  
CYS CB    SG     sing N N 78  
CYS CB    HB2    sing N N 79  
CYS CB    HB3    sing N N 80  
CYS SG    HG     sing N N 81  
CYS OXT   HXT    sing N N 82  
GLN N     CA     sing N N 83  
GLN N     H      sing N N 84  
GLN N     H2     sing N N 85  
GLN CA    C      sing N N 86  
GLN CA    CB     sing N N 87  
GLN CA    HA     sing N N 88  
GLN C     O      doub N N 89  
GLN C     OXT    sing N N 90  
GLN CB    CG     sing N N 91  
GLN CB    HB2    sing N N 92  
GLN CB    HB3    sing N N 93  
GLN CG    CD     sing N N 94  
GLN CG    HG2    sing N N 95  
GLN CG    HG3    sing N N 96  
GLN CD    OE1    doub N N 97  
GLN CD    NE2    sing N N 98  
GLN NE2   HE21   sing N N 99  
GLN NE2   HE22   sing N N 100 
GLN OXT   HXT    sing N N 101 
GLU N     CA     sing N N 102 
GLU N     H      sing N N 103 
GLU N     H2     sing N N 104 
GLU CA    C      sing N N 105 
GLU CA    CB     sing N N 106 
GLU CA    HA     sing N N 107 
GLU C     O      doub N N 108 
GLU C     OXT    sing N N 109 
GLU CB    CG     sing N N 110 
GLU CB    HB2    sing N N 111 
GLU CB    HB3    sing N N 112 
GLU CG    CD     sing N N 113 
GLU CG    HG2    sing N N 114 
GLU CG    HG3    sing N N 115 
GLU CD    OE1    doub N N 116 
GLU CD    OE2    sing N N 117 
GLU OE2   HE2    sing N N 118 
GLU OXT   HXT    sing N N 119 
GLY N     CA     sing N N 120 
GLY N     H      sing N N 121 
GLY N     H2     sing N N 122 
GLY CA    C      sing N N 123 
GLY CA    HA2    sing N N 124 
GLY CA    HA3    sing N N 125 
GLY C     O      doub N N 126 
GLY C     OXT    sing N N 127 
GLY OXT   HXT    sing N N 128 
GNP PG    O1G    doub N N 129 
GNP PG    O2G    sing N N 130 
GNP PG    O3G    sing N N 131 
GNP PG    N3B    sing N N 132 
GNP O2G   HOG2   sing N N 133 
GNP O3G   HOG3   sing N N 134 
GNP N3B   PB     sing N N 135 
GNP N3B   HNB3   sing N N 136 
GNP PB    O1B    doub N N 137 
GNP PB    O2B    sing N N 138 
GNP PB    O3A    sing N N 139 
GNP O2B   HOB2   sing N N 140 
GNP O3A   PA     sing N N 141 
GNP PA    O1A    doub N N 142 
GNP PA    O2A    sing N N 143 
GNP PA    "O5'"  sing N N 144 
GNP O2A   HOA2   sing N N 145 
GNP "O5'" "C5'"  sing N N 146 
GNP "C5'" "C4'"  sing N N 147 
GNP "C5'" "H5'2" sing N N 148 
GNP "C5'" "H5'1" sing N N 149 
GNP "C4'" "O4'"  sing N N 150 
GNP "C4'" "C3'"  sing N N 151 
GNP "C4'" "H4'"  sing N N 152 
GNP "O4'" "C1'"  sing N N 153 
GNP "C3'" "O3'"  sing N N 154 
GNP "C3'" "C2'"  sing N N 155 
GNP "C3'" "H3'"  sing N N 156 
GNP "O3'" "HO3'" sing N N 157 
GNP "C2'" "O2'"  sing N N 158 
GNP "C2'" "C1'"  sing N N 159 
GNP "C2'" "H2'"  sing N N 160 
GNP "O2'" "HO2'" sing N N 161 
GNP "C1'" N9     sing N N 162 
GNP "C1'" "H1'"  sing N N 163 
GNP N9    C8     sing Y N 164 
GNP N9    C4     sing Y N 165 
GNP C8    N7     doub Y N 166 
GNP C8    H8     sing N N 167 
GNP N7    C5     sing Y N 168 
GNP C5    C6     sing Y N 169 
GNP C5    C4     doub Y N 170 
GNP C6    O6     doub N N 171 
GNP C6    N1     sing Y N 172 
GNP N1    C2     sing Y N 173 
GNP N1    HN1    sing N N 174 
GNP C2    N2     sing N N 175 
GNP C2    N3     doub Y N 176 
GNP N2    HN21   sing N N 177 
GNP N2    HN22   sing N N 178 
GNP N3    C4     sing Y N 179 
HIS N     CA     sing N N 180 
HIS N     H      sing N N 181 
HIS N     H2     sing N N 182 
HIS CA    C      sing N N 183 
HIS CA    CB     sing N N 184 
HIS CA    HA     sing N N 185 
HIS C     O      doub N N 186 
HIS C     OXT    sing N N 187 
HIS CB    CG     sing N N 188 
HIS CB    HB2    sing N N 189 
HIS CB    HB3    sing N N 190 
HIS CG    ND1    sing Y N 191 
HIS CG    CD2    doub Y N 192 
HIS ND1   CE1    doub Y N 193 
HIS ND1   HD1    sing N N 194 
HIS CD2   NE2    sing Y N 195 
HIS CD2   HD2    sing N N 196 
HIS CE1   NE2    sing Y N 197 
HIS CE1   HE1    sing N N 198 
HIS NE2   HE2    sing N N 199 
HIS OXT   HXT    sing N N 200 
HOH O     H1     sing N N 201 
HOH O     H2     sing N N 202 
ILE N     CA     sing N N 203 
ILE N     H      sing N N 204 
ILE N     H2     sing N N 205 
ILE CA    C      sing N N 206 
ILE CA    CB     sing N N 207 
ILE CA    HA     sing N N 208 
ILE C     O      doub N N 209 
ILE C     OXT    sing N N 210 
ILE CB    CG1    sing N N 211 
ILE CB    CG2    sing N N 212 
ILE CB    HB     sing N N 213 
ILE CG1   CD1    sing N N 214 
ILE CG1   HG12   sing N N 215 
ILE CG1   HG13   sing N N 216 
ILE CG2   HG21   sing N N 217 
ILE CG2   HG22   sing N N 218 
ILE CG2   HG23   sing N N 219 
ILE CD1   HD11   sing N N 220 
ILE CD1   HD12   sing N N 221 
ILE CD1   HD13   sing N N 222 
ILE OXT   HXT    sing N N 223 
LEU N     CA     sing N N 224 
LEU N     H      sing N N 225 
LEU N     H2     sing N N 226 
LEU CA    C      sing N N 227 
LEU CA    CB     sing N N 228 
LEU CA    HA     sing N N 229 
LEU C     O      doub N N 230 
LEU C     OXT    sing N N 231 
LEU CB    CG     sing N N 232 
LEU CB    HB2    sing N N 233 
LEU CB    HB3    sing N N 234 
LEU CG    CD1    sing N N 235 
LEU CG    CD2    sing N N 236 
LEU CG    HG     sing N N 237 
LEU CD1   HD11   sing N N 238 
LEU CD1   HD12   sing N N 239 
LEU CD1   HD13   sing N N 240 
LEU CD2   HD21   sing N N 241 
LEU CD2   HD22   sing N N 242 
LEU CD2   HD23   sing N N 243 
LEU OXT   HXT    sing N N 244 
LYS N     CA     sing N N 245 
LYS N     H      sing N N 246 
LYS N     H2     sing N N 247 
LYS CA    C      sing N N 248 
LYS CA    CB     sing N N 249 
LYS CA    HA     sing N N 250 
LYS C     O      doub N N 251 
LYS C     OXT    sing N N 252 
LYS CB    CG     sing N N 253 
LYS CB    HB2    sing N N 254 
LYS CB    HB3    sing N N 255 
LYS CG    CD     sing N N 256 
LYS CG    HG2    sing N N 257 
LYS CG    HG3    sing N N 258 
LYS CD    CE     sing N N 259 
LYS CD    HD2    sing N N 260 
LYS CD    HD3    sing N N 261 
LYS CE    NZ     sing N N 262 
LYS CE    HE2    sing N N 263 
LYS CE    HE3    sing N N 264 
LYS NZ    HZ1    sing N N 265 
LYS NZ    HZ2    sing N N 266 
LYS NZ    HZ3    sing N N 267 
LYS OXT   HXT    sing N N 268 
MET N     CA     sing N N 269 
MET N     H      sing N N 270 
MET N     H2     sing N N 271 
MET CA    C      sing N N 272 
MET CA    CB     sing N N 273 
MET CA    HA     sing N N 274 
MET C     O      doub N N 275 
MET C     OXT    sing N N 276 
MET CB    CG     sing N N 277 
MET CB    HB2    sing N N 278 
MET CB    HB3    sing N N 279 
MET CG    SD     sing N N 280 
MET CG    HG2    sing N N 281 
MET CG    HG3    sing N N 282 
MET SD    CE     sing N N 283 
MET CE    HE1    sing N N 284 
MET CE    HE2    sing N N 285 
MET CE    HE3    sing N N 286 
MET OXT   HXT    sing N N 287 
PHE N     CA     sing N N 288 
PHE N     H      sing N N 289 
PHE N     H2     sing N N 290 
PHE CA    C      sing N N 291 
PHE CA    CB     sing N N 292 
PHE CA    HA     sing N N 293 
PHE C     O      doub N N 294 
PHE C     OXT    sing N N 295 
PHE CB    CG     sing N N 296 
PHE CB    HB2    sing N N 297 
PHE CB    HB3    sing N N 298 
PHE CG    CD1    doub Y N 299 
PHE CG    CD2    sing Y N 300 
PHE CD1   CE1    sing Y N 301 
PHE CD1   HD1    sing N N 302 
PHE CD2   CE2    doub Y N 303 
PHE CD2   HD2    sing N N 304 
PHE CE1   CZ     doub Y N 305 
PHE CE1   HE1    sing N N 306 
PHE CE2   CZ     sing Y N 307 
PHE CE2   HE2    sing N N 308 
PHE CZ    HZ     sing N N 309 
PHE OXT   HXT    sing N N 310 
PRO N     CA     sing N N 311 
PRO N     CD     sing N N 312 
PRO N     H      sing N N 313 
PRO CA    C      sing N N 314 
PRO CA    CB     sing N N 315 
PRO CA    HA     sing N N 316 
PRO C     O      doub N N 317 
PRO C     OXT    sing N N 318 
PRO CB    CG     sing N N 319 
PRO CB    HB2    sing N N 320 
PRO CB    HB3    sing N N 321 
PRO CG    CD     sing N N 322 
PRO CG    HG2    sing N N 323 
PRO CG    HG3    sing N N 324 
PRO CD    HD2    sing N N 325 
PRO CD    HD3    sing N N 326 
PRO OXT   HXT    sing N N 327 
RSF C5    C6     sing N N 328 
RSF C5    O1     sing N N 329 
RSF C6    C2     sing N N 330 
RSF O1    C1     sing N N 331 
RSF C4    O2     sing N N 332 
RSF C4    C3     sing N N 333 
RSF O2    C1     sing N N 334 
RSF C1    C2     sing N N 335 
RSF C2    C3     sing N N 336 
RSF C3    O3     sing N N 337 
RSF C5    H15    sing N N 338 
RSF C5    H25    sing N N 339 
RSF C6    H16    sing N N 340 
RSF C6    H26    sing N N 341 
RSF C4    H14    sing N N 342 
RSF C4    H24    sing N N 343 
RSF C1    H1     sing N N 344 
RSF C2    H2     sing N N 345 
RSF C3    H3     sing N N 346 
RSF O3    HO3    sing N N 347 
SER N     CA     sing N N 348 
SER N     H      sing N N 349 
SER N     H2     sing N N 350 
SER CA    C      sing N N 351 
SER CA    CB     sing N N 352 
SER CA    HA     sing N N 353 
SER C     O      doub N N 354 
SER C     OXT    sing N N 355 
SER CB    OG     sing N N 356 
SER CB    HB2    sing N N 357 
SER CB    HB3    sing N N 358 
SER OG    HG     sing N N 359 
SER OXT   HXT    sing N N 360 
THR N     CA     sing N N 361 
THR N     H      sing N N 362 
THR N     H2     sing N N 363 
THR CA    C      sing N N 364 
THR CA    CB     sing N N 365 
THR CA    HA     sing N N 366 
THR C     O      doub N N 367 
THR C     OXT    sing N N 368 
THR CB    OG1    sing N N 369 
THR CB    CG2    sing N N 370 
THR CB    HB     sing N N 371 
THR OG1   HG1    sing N N 372 
THR CG2   HG21   sing N N 373 
THR CG2   HG22   sing N N 374 
THR CG2   HG23   sing N N 375 
THR OXT   HXT    sing N N 376 
TYR N     CA     sing N N 377 
TYR N     H      sing N N 378 
TYR N     H2     sing N N 379 
TYR CA    C      sing N N 380 
TYR CA    CB     sing N N 381 
TYR CA    HA     sing N N 382 
TYR C     O      doub N N 383 
TYR C     OXT    sing N N 384 
TYR CB    CG     sing N N 385 
TYR CB    HB2    sing N N 386 
TYR CB    HB3    sing N N 387 
TYR CG    CD1    doub Y N 388 
TYR CG    CD2    sing Y N 389 
TYR CD1   CE1    sing Y N 390 
TYR CD1   HD1    sing N N 391 
TYR CD2   CE2    doub Y N 392 
TYR CD2   HD2    sing N N 393 
TYR CE1   CZ     doub Y N 394 
TYR CE1   HE1    sing N N 395 
TYR CE2   CZ     sing Y N 396 
TYR CE2   HE2    sing N N 397 
TYR CZ    OH     sing N N 398 
TYR OH    HH     sing N N 399 
TYR OXT   HXT    sing N N 400 
VAL N     CA     sing N N 401 
VAL N     H      sing N N 402 
VAL N     H2     sing N N 403 
VAL CA    C      sing N N 404 
VAL CA    CB     sing N N 405 
VAL CA    HA     sing N N 406 
VAL C     O      doub N N 407 
VAL C     OXT    sing N N 408 
VAL CB    CG1    sing N N 409 
VAL CB    CG2    sing N N 410 
VAL CB    HB     sing N N 411 
VAL CG1   HG11   sing N N 412 
VAL CG1   HG12   sing N N 413 
VAL CG1   HG13   sing N N 414 
VAL CG2   HG21   sing N N 415 
VAL CG2   HG22   sing N N 416 
VAL CG2   HG23   sing N N 417 
VAL OXT   HXT    sing N N 418 
# 
_atom_sites.entry_id                    3RSL 
_atom_sites.fract_transf_matrix[1][1]   -0.00413380 
_atom_sites.fract_transf_matrix[1][2]   -0.00759176 
_atom_sites.fract_transf_matrix[1][3]   -0.00964737 
_atom_sites.fract_transf_matrix[2][1]   0.00130623 
_atom_sites.fract_transf_matrix[2][2]   -0.01285908 
_atom_sites.fract_transf_matrix[2][3]   0.00086245 
_atom_sites.fract_transf_matrix[3][1]   -0.00675318 
_atom_sites.fract_transf_matrix[3][2]   -0.00046725 
_atom_sites.fract_transf_matrix[3][3]   0.00326136 
_atom_sites.fract_transf_vector[1]      0.226639 
_atom_sites.fract_transf_vector[2]      0.833028 
_atom_sites.fract_transf_vector[3]      -0.577332 
# 
loop_
_atom_type.symbol 
C  
CA 
MG 
N  
O  
P  
S  
# 
loop_
_atom_site.group_PDB 
_atom_site.id 
_atom_site.type_symbol 
_atom_site.label_atom_id 
_atom_site.label_alt_id 
_atom_site.label_comp_id 
_atom_site.label_asym_id 
_atom_site.label_entity_id 
_atom_site.label_seq_id 
_atom_site.pdbx_PDB_ins_code 
_atom_site.Cartn_x 
_atom_site.Cartn_y 
_atom_site.Cartn_z 
_atom_site.occupancy 
_atom_site.B_iso_or_equiv 
_atom_site.pdbx_formal_charge 
_atom_site.auth_seq_id 
_atom_site.auth_comp_id 
_atom_site.auth_asym_id 
_atom_site.auth_atom_id 
_atom_site.pdbx_PDB_model_num 
ATOM   1    N  N     . MET A 1 1   ? 7.279   -9.363  19.858  1.00 67.05 ? 1   MET A N     1 
ATOM   2    C  CA    . MET A 1 1   ? 8.338   -10.012 19.091  1.00 61.79 ? 1   MET A CA    1 
ATOM   3    C  C     . MET A 1 1   ? 8.676   -9.200  17.847  1.00 63.14 ? 1   MET A C     1 
ATOM   4    O  O     . MET A 1 1   ? 8.935   -9.763  16.783  1.00 68.44 ? 1   MET A O     1 
ATOM   5    C  CB    . MET A 1 1   ? 7.915   -11.427 18.688  1.00 64.50 ? 1   MET A CB    1 
ATOM   6    C  CG    . MET A 1 1   ? 9.026   -12.258 18.056  1.00 68.56 ? 1   MET A CG    1 
ATOM   7    S  SD    . MET A 1 1   ? 8.462   -13.874 17.489  1.00 80.46 ? 1   MET A SD    1 
ATOM   8    C  CE    . MET A 1 1   ? 7.519   -13.421 16.030  1.00 51.60 ? 1   MET A CE    1 
ATOM   9    N  N     . THR A 1 2   ? 8.675   -7.878  17.984  1.00 60.95 ? 2   THR A N     1 
ATOM   10   C  CA    . THR A 1 2   ? 8.890   -6.995  16.844  1.00 60.19 ? 2   THR A CA    1 
ATOM   11   C  C     . THR A 1 2   ? 7.750   -7.147  15.844  1.00 55.15 ? 2   THR A C     1 
ATOM   12   O  O     . THR A 1 2   ? 7.751   -8.052  15.009  1.00 43.02 ? 2   THR A O     1 
ATOM   13   C  CB    . THR A 1 2   ? 10.227  -7.281  16.134  1.00 62.75 ? 2   THR A CB    1 
ATOM   14   O  OG1   . THR A 1 2   ? 11.275  -7.380  17.105  1.00 67.11 ? 2   THR A OG1   1 
ATOM   15   C  CG2   . THR A 1 2   ? 10.552  -6.170  15.140  1.00 59.05 ? 2   THR A CG2   1 
ATOM   16   N  N     . GLU A 1 3   ? 6.760   -6.274  15.946  1.00 52.11 ? 3   GLU A N     1 
ATOM   17   C  CA    . GLU A 1 3   ? 5.659   -6.296  15.002  1.00 38.96 ? 3   GLU A CA    1 
ATOM   18   C  C     . GLU A 1 3   ? 5.573   -4.953  14.292  1.00 34.40 ? 3   GLU A C     1 
ATOM   19   O  O     . GLU A 1 3   ? 6.005   -3.928  14.818  1.00 33.31 ? 3   GLU A O     1 
ATOM   20   C  CB    . GLU A 1 3   ? 4.331   -6.664  15.681  1.00 50.57 ? 3   GLU A CB    1 
ATOM   21   C  CG    . GLU A 1 3   ? 3.716   -5.573  16.534  1.00 44.80 ? 3   GLU A CG    1 
ATOM   22   C  CD    . GLU A 1 3   ? 2.780   -4.663  15.756  1.00 43.12 ? 3   GLU A CD    1 
ATOM   23   O  OE1   . GLU A 1 3   ? 1.755   -5.146  15.231  1.00 46.10 ? 3   GLU A OE1   1 
ATOM   24   O  OE2   . GLU A 1 3   ? 3.064   -3.456  15.671  1.00 44.11 ? 3   GLU A OE2   1 
ATOM   25   N  N     . TYR A 1 4   ? 5.050   -4.988  13.073  1.00 33.71 ? 4   TYR A N     1 
ATOM   26   C  CA    . TYR A 1 4   ? 4.889   -3.794  12.266  1.00 30.26 ? 4   TYR A CA    1 
ATOM   27   C  C     . TYR A 1 4   ? 3.438   -3.744  11.835  1.00 25.83 ? 4   TYR A C     1 
ATOM   28   O  O     . TYR A 1 4   ? 2.910   -4.717  11.315  1.00 29.57 ? 4   TYR A O     1 
ATOM   29   C  CB    . TYR A 1 4   ? 5.793   -3.865  11.031  1.00 26.31 ? 4   TYR A CB    1 
ATOM   30   C  CG    . TYR A 1 4   ? 7.269   -3.906  11.364  1.00 27.67 ? 4   TYR A CG    1 
ATOM   31   C  CD1   . TYR A 1 4   ? 7.975   -2.740  11.606  1.00 33.43 ? 4   TYR A CD1   1 
ATOM   32   C  CD2   . TYR A 1 4   ? 7.957   -5.110  11.428  1.00 28.29 ? 4   TYR A CD2   1 
ATOM   33   C  CE1   . TYR A 1 4   ? 9.324   -2.775  11.908  1.00 30.54 ? 4   TYR A CE1   1 
ATOM   34   C  CE2   . TYR A 1 4   ? 9.302   -5.152  11.731  1.00 32.65 ? 4   TYR A CE2   1 
ATOM   35   C  CZ    . TYR A 1 4   ? 9.977   -3.984  11.969  1.00 30.69 ? 4   TYR A CZ    1 
ATOM   36   O  OH    . TYR A 1 4   ? 11.325  -4.013  12.270  1.00 34.79 ? 4   TYR A OH    1 
ATOM   37   N  N     . LYS A 1 5   ? 2.793   -2.615  12.076  1.00 27.26 ? 5   LYS A N     1 
ATOM   38   C  CA    . LYS A 1 5   ? 1.391   -2.461  11.730  1.00 26.91 ? 5   LYS A CA    1 
ATOM   39   C  C     . LYS A 1 5   ? 1.329   -1.704  10.417  1.00 25.40 ? 5   LYS A C     1 
ATOM   40   O  O     . LYS A 1 5   ? 1.628   -0.522  10.379  1.00 24.66 ? 5   LYS A O     1 
ATOM   41   C  CB    . LYS A 1 5   ? 0.671   -1.674  12.826  1.00 33.83 ? 5   LYS A CB    1 
ATOM   42   C  CG    . LYS A 1 5   ? -0.810  -1.382  12.546  1.00 43.54 ? 5   LYS A CG    1 
ATOM   43   C  CD    . LYS A 1 5   ? -1.714  -2.546  12.947  1.00 49.93 ? 5   LYS A CD    1 
ATOM   44   C  CE    . LYS A 1 5   ? -1.720  -2.760  14.462  1.00 54.87 ? 5   LYS A CE    1 
ATOM   45   N  NZ    . LYS A 1 5   ? -2.519  -3.957  14.870  1.00 51.70 ? 5   LYS A NZ    1 
ATOM   46   N  N     . LEU A 1 6   ? 0.968   -2.397  9.342   1.00 22.91 ? 6   LEU A N     1 
ATOM   47   C  CA    . LEU A 1 6   ? 0.910   -1.764  8.023   1.00 22.89 ? 6   LEU A CA    1 
ATOM   48   C  C     . LEU A 1 6   ? -0.542  -1.522  7.651   1.00 22.06 ? 6   LEU A C     1 
ATOM   49   O  O     . LEU A 1 6   ? -1.359  -2.431  7.768   1.00 28.50 ? 6   LEU A O     1 
ATOM   50   C  CB    . LEU A 1 6   ? 1.544   -2.678  6.980   1.00 22.44 ? 6   LEU A CB    1 
ATOM   51   C  CG    . LEU A 1 6   ? 2.873   -3.328  7.380   1.00 25.36 ? 6   LEU A CG    1 
ATOM   52   C  CD1   . LEU A 1 6   ? 3.437   -4.135  6.221   1.00 26.46 ? 6   LEU A CD1   1 
ATOM   53   C  CD2   . LEU A 1 6   ? 3.861   -2.281  7.843   1.00 25.89 ? 6   LEU A CD2   1 
ATOM   54   N  N     . VAL A 1 7   ? -0.862  -0.312  7.206   1.00 21.52 ? 7   VAL A N     1 
ATOM   55   C  CA    . VAL A 1 7   ? -2.226  0.013   6.817   1.00 20.11 ? 7   VAL A CA    1 
ATOM   56   C  C     . VAL A 1 7   ? -2.274  0.256   5.315   1.00 20.03 ? 7   VAL A C     1 
ATOM   57   O  O     . VAL A 1 7   ? -1.507  1.040   4.810   1.00 20.19 ? 7   VAL A O     1 
ATOM   58   C  CB    . VAL A 1 7   ? -2.732  1.276   7.529   1.00 23.81 ? 7   VAL A CB    1 
ATOM   59   C  CG1   . VAL A 1 7   ? -4.189  1.525   7.191   1.00 22.59 ? 7   VAL A CG1   1 
ATOM   60   C  CG2   . VAL A 1 7   ? -2.559  1.130   9.036   1.00 24.44 ? 7   VAL A CG2   1 
ATOM   61   N  N     . VAL A 1 8   ? -3.188  -0.410  4.623   1.00 18.21 ? 8   VAL A N     1 
ATOM   62   C  CA    . VAL A 1 8   ? -3.278  -0.281  3.172   1.00 18.57 ? 8   VAL A CA    1 
ATOM   63   C  C     . VAL A 1 8   ? -4.485  0.591   2.849   1.00 19.01 ? 8   VAL A C     1 
ATOM   64   O  O     . VAL A 1 8   ? -5.611  0.254   3.216   1.00 20.11 ? 8   VAL A O     1 
ATOM   65   C  CB    . VAL A 1 8   ? -3.429  -1.668  2.502   1.00 18.00 ? 8   VAL A CB    1 
ATOM   66   C  CG1   . VAL A 1 8   ? -3.338  -1.533  0.979   1.00 19.92 ? 8   VAL A CG1   1 
ATOM   67   C  CG2   . VAL A 1 8   ? -2.316  -2.612  2.982   1.00 18.56 ? 8   VAL A CG2   1 
ATOM   68   N  N     . VAL A 1 9   ? -4.247  1.724   2.179   1.00 17.28 ? 9   VAL A N     1 
ATOM   69   C  CA    . VAL A 1 9   ? -5.323  2.671   1.875   1.00 17.76 ? 9   VAL A CA    1 
ATOM   70   C  C     . VAL A 1 9   ? -5.344  3.049   0.409   1.00 18.63 ? 9   VAL A C     1 
ATOM   71   O  O     . VAL A 1 9   ? -4.354  2.884   -0.291  1.00 19.79 ? 9   VAL A O     1 
ATOM   72   C  CB    . VAL A 1 9   ? -5.186  3.958   2.711   1.00 21.53 ? 9   VAL A CB    1 
ATOM   73   C  CG1   . VAL A 1 9   ? -5.119  3.590   4.182   1.00 22.04 ? 9   VAL A CG1   1 
ATOM   74   C  CG2   . VAL A 1 9   ? -3.951  4.739   2.302   1.00 21.51 ? 9   VAL A CG2   1 
ATOM   75   N  N     . GLY A 1 10  ? -6.479  3.553   -0.058  1.00 18.15 ? 10  GLY A N     1 
ATOM   76   C  CA    . GLY A 1 10  ? -6.606  3.892   -1.459  1.00 19.41 ? 10  GLY A CA    1 
ATOM   77   C  C     . GLY A 1 10  ? -8.047  3.736   -1.899  1.00 19.97 ? 10  GLY A C     1 
ATOM   78   O  O     . GLY A 1 10  ? -8.872  3.146   -1.197  1.00 18.80 ? 10  GLY A O     1 
ATOM   79   N  N     . ALA A 1 11  ? -8.333  4.230   -3.095  1.00 18.12 ? 11  ALA A N     1 
ATOM   80   C  CA    . ALA A 1 11  ? -9.705  4.263   -3.597  1.00 17.74 ? 11  ALA A CA    1 
ATOM   81   C  C     . ALA A 1 11  ? -10.309 2.874   -3.777  1.00 21.99 ? 11  ALA A C     1 
ATOM   82   O  O     . ALA A 1 11  ? -9.596  1.872   -3.904  1.00 18.69 ? 11  ALA A O     1 
ATOM   83   C  CB    . ALA A 1 11  ? -9.745  4.993   -4.923  1.00 19.47 ? 11  ALA A CB    1 
ATOM   84   N  N     . GLY A 1 12  ? -11.637 2.827   -3.831  1.00 21.05 ? 12  GLY A N     1 
ATOM   85   C  CA    . GLY A 1 12  ? -12.330 1.568   -4.055  1.00 19.63 ? 12  GLY A CA    1 
ATOM   86   C  C     . GLY A 1 12  ? -11.866 0.833   -5.298  1.00 18.96 ? 12  GLY A C     1 
ATOM   87   O  O     . GLY A 1 12  ? -11.723 1.413   -6.375  1.00 20.14 ? 12  GLY A O     1 
ATOM   88   N  N     . GLY A 1 13  ? -11.601 -0.465  -5.140  1.00 20.31 ? 13  GLY A N     1 
ATOM   89   C  CA    . GLY A 1 13  ? -11.320 -1.314  -6.275  1.00 20.23 ? 13  GLY A CA    1 
ATOM   90   C  C     . GLY A 1 13  ? -9.903  -1.294  -6.822  1.00 20.06 ? 13  GLY A C     1 
ATOM   91   O  O     . GLY A 1 13  ? -9.633  -1.936  -7.832  1.00 20.78 ? 13  GLY A O     1 
ATOM   92   N  N     . VAL A 1 14  ? -8.994  -0.563  -6.182  1.00 16.55 ? 14  VAL A N     1 
ATOM   93   C  CA    . VAL A 1 14  ? -7.643  -0.470  -6.732  1.00 17.09 ? 14  VAL A CA    1 
ATOM   94   C  C     . VAL A 1 14  ? -6.812  -1.717  -6.499  1.00 17.54 ? 14  VAL A C     1 
ATOM   95   O  O     . VAL A 1 14  ? -5.760  -1.870  -7.124  1.00 16.36 ? 14  VAL A O     1 
ATOM   96   C  CB    . VAL A 1 14  ? -6.853  0.756   -6.195  1.00 16.22 ? 14  VAL A CB    1 
ATOM   97   C  CG1   . VAL A 1 14  ? -7.572  2.054   -6.580  1.00 18.89 ? 14  VAL A CG1   1 
ATOM   98   C  CG2   . VAL A 1 14  ? -6.628  0.645   -4.680  1.00 18.60 ? 14  VAL A CG2   1 
ATOM   99   N  N     . GLY A 1 15  ? -7.280  -2.599  -5.604  1.00 16.40 ? 15  GLY A N     1 
ATOM   100  C  CA    . GLY A 1 15  ? -6.607  -3.868  -5.380  1.00 15.80 ? 15  GLY A CA    1 
ATOM   101  C  C     . GLY A 1 15  ? -5.933  -3.987  -4.009  1.00 17.21 ? 15  GLY A C     1 
ATOM   102  O  O     . GLY A 1 15  ? -5.018  -4.796  -3.851  1.00 18.39 ? 15  GLY A O     1 
ATOM   103  N  N     . LYS A 1 16  ? -6.394  -3.218  -3.029  1.00 16.67 ? 16  LYS A N     1 
ATOM   104  C  CA    . LYS A 1 16  ? -5.814  -3.292  -1.673  1.00 15.55 ? 16  LYS A CA    1 
ATOM   105  C  C     . LYS A 1 16  ? -5.904  -4.712  -1.096  1.00 17.99 ? 16  LYS A C     1 
ATOM   106  O  O     . LYS A 1 16  ? -4.924  -5.263  -0.589  1.00 16.97 ? 16  LYS A O     1 
ATOM   107  C  CB    . LYS A 1 16  ? -6.511  -2.301  -0.729  1.00 16.96 ? 16  LYS A CB    1 
ATOM   108  C  CG    . LYS A 1 16  ? -6.356  -0.832  -1.169  1.00 18.73 ? 16  LYS A CG    1 
ATOM   109  C  CD    . LYS A 1 16  ? -7.057  0.141   -0.208  1.00 21.28 ? 16  LYS A CD    1 
ATOM   110  C  CE    . LYS A 1 16  ? -8.591  -0.032  -0.210  1.00 20.48 ? 16  LYS A CE    1 
ATOM   111  N  NZ    . LYS A 1 16  ? -9.196  0.230   -1.561  1.00 18.57 ? 16  LYS A NZ    1 
ATOM   112  N  N     . SER A 1 17  ? -7.090  -5.299  -1.176  1.00 19.45 ? 17  SER A N     1 
ATOM   113  C  CA    . SER A 1 17  ? -7.286  -6.637  -0.626  1.00 19.07 ? 17  SER A CA    1 
ATOM   114  C  C     . SER A 1 17  ? -6.563  -7.706  -1.425  1.00 19.18 ? 17  SER A C     1 
ATOM   115  O  O     . SER A 1 17  ? -5.943  -8.615  -0.866  1.00 20.92 ? 17  SER A O     1 
ATOM   116  C  CB    . SER A 1 17  ? -8.778  -6.954  -0.554  1.00 21.94 ? 17  SER A CB    1 
ATOM   117  O  OG    . SER A 1 17  ? -9.400  -6.045  0.327   1.00 19.09 ? 17  SER A OG    1 
ATOM   118  N  N     . ALA A 1 18  ? -6.636  -7.616  -2.743  1.00 17.09 ? 18  ALA A N     1 
ATOM   119  C  CA    . ALA A 1 18  ? -5.887  -8.561  -3.559  1.00 18.68 ? 18  ALA A CA    1 
ATOM   120  C  C     . ALA A 1 18  ? -4.376  -8.513  -3.272  1.00 18.32 ? 18  ALA A C     1 
ATOM   121  O  O     . ALA A 1 18  ? -3.695  -9.552  -3.269  1.00 19.66 ? 18  ALA A O     1 
ATOM   122  C  CB    . ALA A 1 18  ? -6.176  -8.319  -5.041  1.00 19.70 ? 18  ALA A CB    1 
ATOM   123  N  N     . LEU A 1 19  ? -3.837  -7.314  -3.036  1.00 17.42 ? 19  LEU A N     1 
ATOM   124  C  CA    . LEU A 1 19  ? -2.410  -7.196  -2.748  1.00 15.81 ? 19  LEU A CA    1 
ATOM   125  C  C     . LEU A 1 19  ? -2.097  -7.892  -1.426  1.00 18.67 ? 19  LEU A C     1 
ATOM   126  O  O     . LEU A 1 19  ? -1.127  -8.637  -1.305  1.00 19.76 ? 19  LEU A O     1 
ATOM   127  C  CB    . LEU A 1 19  ? -2.003  -5.726  -2.651  1.00 15.58 ? 19  LEU A CB    1 
ATOM   128  C  CG    . LEU A 1 19  ? -1.771  -5.033  -4.011  1.00 16.34 ? 19  LEU A CG    1 
ATOM   129  C  CD1   . LEU A 1 19  ? -1.612  -3.519  -3.819  1.00 18.76 ? 19  LEU A CD1   1 
ATOM   130  C  CD2   . LEU A 1 19  ? -0.530  -5.608  -4.698  1.00 18.88 ? 19  LEU A CD2   1 
ATOM   131  N  N     . THR A 1 20  ? -2.938  -7.614  -0.448  1.00 19.34 ? 20  THR A N     1 
ATOM   132  C  CA    . THR A 1 20  ? -2.754  -8.126  0.901   1.00 21.94 ? 20  THR A CA    1 
ATOM   133  C  C     . THR A 1 20  ? -2.846  -9.655  0.904   1.00 20.77 ? 20  THR A C     1 
ATOM   134  O  O     . THR A 1 20  ? -2.005  -10.355 1.499   1.00 21.74 ? 20  THR A O     1 
ATOM   135  C  CB    . THR A 1 20  ? -3.819  -7.517  1.843   1.00 19.95 ? 20  THR A CB    1 
ATOM   136  O  OG1   . THR A 1 20  ? -3.641  -6.098  1.913   1.00 22.88 ? 20  THR A OG1   1 
ATOM   137  C  CG2   . THR A 1 20  ? -3.709  -8.104  3.265   1.00 22.87 ? 20  THR A CG2   1 
ATOM   138  N  N     . ILE A 1 21  ? -3.848  -10.177 0.215   1.00 19.83 ? 21  ILE A N     1 
ATOM   139  C  CA    . ILE A 1 21  ? -4.013  -11.632 0.133   1.00 20.10 ? 21  ILE A CA    1 
ATOM   140  C  C     . ILE A 1 21  ? -2.865  -12.296 -0.641  1.00 24.29 ? 21  ILE A C     1 
ATOM   141  O  O     . ILE A 1 21  ? -2.418  -13.400 -0.299  1.00 23.04 ? 21  ILE A O     1 
ATOM   142  C  CB    . ILE A 1 21  ? -5.372  -12.013 -0.472  1.00 19.37 ? 21  ILE A CB    1 
ATOM   143  C  CG1   . ILE A 1 21  ? -6.514  -11.590 0.465   1.00 22.04 ? 21  ILE A CG1   1 
ATOM   144  C  CG2   . ILE A 1 21  ? -5.442  -13.501 -0.713  1.00 21.37 ? 21  ILE A CG2   1 
ATOM   145  C  CD1   . ILE A 1 21  ? -6.527  -12.304 1.803   1.00 29.07 ? 21  ILE A CD1   1 
ATOM   146  N  N     . GLN A 1 22  ? -2.366  -11.624 -1.676  1.00 18.64 ? 22  GLN A N     1 
ATOM   147  C  CA    . GLN A 1 22  ? -1.240  -12.173 -2.424  1.00 19.95 ? 22  GLN A CA    1 
ATOM   148  C  C     . GLN A 1 22  ? -0.025  -12.244 -1.487  1.00 22.60 ? 22  GLN A C     1 
ATOM   149  O  O     . GLN A 1 22  ? 0.687   -13.254 -1.441  1.00 24.96 ? 22  GLN A O     1 
ATOM   150  C  CB    . GLN A 1 22  ? -0.976  -11.308 -3.671  1.00 21.26 ? 22  GLN A CB    1 
ATOM   151  C  CG    . GLN A 1 22  ? 0.023   -11.858 -4.677  1.00 31.71 ? 22  GLN A CG    1 
ATOM   152  C  CD    . GLN A 1 22  ? -0.333  -13.248 -5.185  1.00 24.23 ? 22  GLN A CD    1 
ATOM   153  O  OE1   . GLN A 1 22  ? 0.110   -14.228 -4.618  1.00 28.47 ? 22  GLN A OE1   1 
ATOM   154  N  NE2   . GLN A 1 22  ? -1.104  -13.332 -6.273  1.00 23.63 ? 22  GLN A NE2   1 
ATOM   155  N  N     . LEU A 1 23  ? 0.199   -11.189 -0.704  1.00 21.06 ? 23  LEU A N     1 
ATOM   156  C  CA    . LEU A 1 23  ? 1.347   -11.185 0.203   1.00 23.78 ? 23  LEU A CA    1 
ATOM   157  C  C     . LEU A 1 23  ? 1.275   -12.311 1.235   1.00 27.99 ? 23  LEU A C     1 
ATOM   158  O  O     . LEU A 1 23  ? 2.258   -13.003 1.480   1.00 29.10 ? 23  LEU A O     1 
ATOM   159  C  CB    . LEU A 1 23  ? 1.460   -9.856  0.943   1.00 24.75 ? 23  LEU A CB    1 
ATOM   160  C  CG    . LEU A 1 23  ? 2.675   -9.798  1.873   1.00 26.55 ? 23  LEU A CG    1 
ATOM   161  C  CD1   . LEU A 1 23  ? 3.951   -9.564  1.074   1.00 24.79 ? 23  LEU A CD1   1 
ATOM   162  C  CD2   . LEU A 1 23  ? 2.481   -8.712  2.923   1.00 30.54 ? 23  LEU A CD2   1 
ATOM   163  N  N     . ILE A 1 24  ? 0.103   -12.483 1.829   1.00 26.71 ? 24  ILE A N     1 
ATOM   164  C  CA    . ILE A 1 24  ? -0.050  -13.395 2.955   1.00 30.24 ? 24  ILE A CA    1 
ATOM   165  C  C     . ILE A 1 24  ? -0.279  -14.852 2.536   1.00 30.33 ? 24  ILE A C     1 
ATOM   166  O  O     . ILE A 1 24  ? 0.197   -15.777 3.201   1.00 29.27 ? 24  ILE A O     1 
ATOM   167  C  CB    . ILE A 1 24  ? -1.208  -12.948 3.829   1.00 30.49 ? 24  ILE A CB    1 
ATOM   168  C  CG1   . ILE A 1 24  ? -0.928  -11.573 4.420   1.00 33.17 ? 24  ILE A CG1   1 
ATOM   169  C  CG2   . ILE A 1 24  ? -1.427  -13.925 4.946   1.00 40.20 ? 24  ILE A CG2   1 
ATOM   170  C  CD1   . ILE A 1 24  ? -2.161  -10.935 4.981   1.00 40.58 ? 24  ILE A CD1   1 
ATOM   171  N  N     . GLN A 1 25  ? -0.987  -15.052 1.424   1.00 24.75 ? 25  GLN A N     1 
ATOM   172  C  CA    . GLN A 1 25  ? -1.449  -16.383 1.051   1.00 27.11 ? 25  GLN A CA    1 
ATOM   173  C  C     . GLN A 1 25  ? -0.998  -16.867 -0.327  1.00 32.60 ? 25  GLN A C     1 
ATOM   174  O  O     . GLN A 1 25  ? -1.254  -18.005 -0.685  1.00 26.92 ? 25  GLN A O     1 
ATOM   175  C  CB    . GLN A 1 25  ? -2.980  -16.443 1.150   1.00 23.97 ? 25  GLN A CB    1 
ATOM   176  C  CG    . GLN A 1 25  ? -3.481  -16.120 2.548   1.00 30.48 ? 25  GLN A CG    1 
ATOM   177  C  CD    . GLN A 1 25  ? -4.977  -16.255 2.686   1.00 28.39 ? 25  GLN A CD    1 
ATOM   178  O  OE1   . GLN A 1 25  ? -5.683  -16.505 1.711   1.00 31.06 ? 25  GLN A OE1   1 
ATOM   179  N  NE2   . GLN A 1 25  ? -5.476  -16.073 3.905   1.00 32.17 ? 25  GLN A NE2   1 
ATOM   180  N  N     . ASN A 1 26  ? -0.331  -16.009 -1.091  1.00 22.42 ? 26  ASN A N     1 
ATOM   181  C  CA    . ASN A 1 26  ? 0.205   -16.395 -2.396  1.00 28.78 ? 26  ASN A CA    1 
ATOM   182  C  C     . ASN A 1 26  ? -0.833  -16.897 -3.392  1.00 30.55 ? 26  ASN A C     1 
ATOM   183  O  O     . ASN A 1 26  ? -0.564  -17.814 -4.171  1.00 30.09 ? 26  ASN A O     1 
ATOM   184  C  CB    . ASN A 1 26  ? 1.309   -17.447 -2.245  1.00 29.57 ? 26  ASN A CB    1 
ATOM   185  C  CG    . ASN A 1 26  ? 2.448   -16.968 -1.381  1.00 45.17 ? 26  ASN A CG    1 
ATOM   186  O  OD1   . ASN A 1 26  ? 3.389   -16.338 -1.868  1.00 55.08 ? 26  ASN A OD1   1 
ATOM   187  N  ND2   . ASN A 1 26  ? 2.374   -17.261 -0.086  1.00 51.96 ? 26  ASN A ND2   1 
ATOM   188  N  N     . HIS A 1 27  ? -2.020  -16.302 -3.390  1.00 23.98 ? 27  HIS A N     1 
ATOM   189  C  CA    . HIS A 1 27  ? -2.917  -16.505 -4.516  1.00 25.19 ? 27  HIS A CA    1 
ATOM   190  C  C     . HIS A 1 27  ? -3.627  -15.197 -4.838  1.00 22.51 ? 27  HIS A C     1 
ATOM   191  O  O     . HIS A 1 27  ? -3.608  -14.258 -4.033  1.00 22.82 ? 27  HIS A O     1 
ATOM   192  C  CB    . HIS A 1 27  ? -3.921  -17.618 -4.228  1.00 24.66 ? 27  HIS A CB    1 
ATOM   193  C  CG    . HIS A 1 27  ? -4.778  -17.350 -3.036  1.00 29.09 ? 27  HIS A CG    1 
ATOM   194  N  ND1   . HIS A 1 27  ? -6.065  -16.871 -3.142  1.00 28.56 ? 27  HIS A ND1   1 
ATOM   195  C  CD2   . HIS A 1 27  ? -4.535  -17.483 -1.713  1.00 26.76 ? 27  HIS A CD2   1 
ATOM   196  C  CE1   . HIS A 1 27  ? -6.578  -16.725 -1.936  1.00 30.06 ? 27  HIS A CE1   1 
ATOM   197  N  NE2   . HIS A 1 27  ? -5.667  -17.085 -1.049  1.00 30.79 ? 27  HIS A NE2   1 
ATOM   198  N  N     . PHE A 1 28  ? -4.240  -15.149 -6.016  1.00 21.50 ? 28  PHE A N     1 
ATOM   199  C  CA    . PHE A 1 28  ? -4.887  -13.940 -6.514  1.00 20.72 ? 28  PHE A CA    1 
ATOM   200  C  C     . PHE A 1 28  ? -6.394  -13.984 -6.326  1.00 24.59 ? 28  PHE A C     1 
ATOM   201  O  O     . PHE A 1 28  ? -7.042  -14.919 -6.753  1.00 24.08 ? 28  PHE A O     1 
ATOM   202  C  CB    . PHE A 1 28  ? -4.558  -13.748 -7.998  1.00 21.15 ? 28  PHE A CB    1 
ATOM   203  C  CG    . PHE A 1 28  ? -5.264  -12.587 -8.643  1.00 23.70 ? 28  PHE A CG    1 
ATOM   204  C  CD1   . PHE A 1 28  ? -5.098  -11.299 -8.152  1.00 22.83 ? 28  PHE A CD1   1 
ATOM   205  C  CD2   . PHE A 1 28  ? -6.073  -12.776 -9.754  1.00 22.67 ? 28  PHE A CD2   1 
ATOM   206  C  CE1   . PHE A 1 28  ? -5.729  -10.226 -8.740  1.00 22.98 ? 28  PHE A CE1   1 
ATOM   207  C  CE2   . PHE A 1 28  ? -6.710  -11.703 -10.354 1.00 24.63 ? 28  PHE A CE2   1 
ATOM   208  C  CZ    . PHE A 1 28  ? -6.534  -10.419 -9.838  1.00 20.35 ? 28  PHE A CZ    1 
ATOM   209  N  N     . VAL A 1 29  ? -6.947  -12.972 -5.678  1.00 18.59 ? 29  VAL A N     1 
ATOM   210  C  CA    . VAL A 1 29  ? -8.380  -12.821 -5.574  1.00 18.37 ? 29  VAL A CA    1 
ATOM   211  C  C     . VAL A 1 29  ? -8.937  -12.172 -6.845  1.00 20.79 ? 29  VAL A C     1 
ATOM   212  O  O     . VAL A 1 29  ? -8.692  -10.991 -7.087  1.00 22.35 ? 29  VAL A O     1 
ATOM   213  C  CB    . VAL A 1 29  ? -8.737  -11.949 -4.356  1.00 19.89 ? 29  VAL A CB    1 
ATOM   214  C  CG1   . VAL A 1 29  ? -10.234 -11.774 -4.254  1.00 25.86 ? 29  VAL A CG1   1 
ATOM   215  C  CG2   . VAL A 1 29  ? -8.172  -12.563 -3.059  1.00 25.22 ? 29  VAL A CG2   1 
ATOM   216  N  N     . ASP A 1 30  ? -9.682  -12.944 -7.644  1.00 20.86 ? 30  ASP A N     1 
ATOM   217  C  CA    . ASP A 1 30  ? -10.247 -12.492 -8.923  1.00 22.93 ? 30  ASP A CA    1 
ATOM   218  C  C     . ASP A 1 30  ? -11.560 -11.713 -8.789  1.00 20.57 ? 30  ASP A C     1 
ATOM   219  O  O     . ASP A 1 30  ? -11.894 -10.869 -9.633  1.00 22.72 ? 30  ASP A O     1 
ATOM   220  C  CB    . ASP A 1 30  ? -10.530 -13.692 -9.850  1.00 24.15 ? 30  ASP A CB    1 
ATOM   221  C  CG    . ASP A 1 30  ? -9.288  -14.468 -10.233 1.00 23.58 ? 30  ASP A CG    1 
ATOM   222  O  OD1   . ASP A 1 30  ? -8.809  -14.339 -11.379 1.00 24.92 ? 30  ASP A OD1   1 
ATOM   223  O  OD2   . ASP A 1 30  ? -8.794  -15.250 -9.409  1.00 23.34 ? 30  ASP A OD2   1 
ATOM   224  N  N     . GLU A 1 31  ? -12.333 -12.029 -7.753  1.00 21.93 ? 31  GLU A N     1 
ATOM   225  C  CA    . GLU A 1 31  ? -13.639 -11.415 -7.578  1.00 22.14 ? 31  GLU A CA    1 
ATOM   226  C  C     . GLU A 1 31  ? -13.512 -10.116 -6.812  1.00 22.36 ? 31  GLU A C     1 
ATOM   227  O  O     . GLU A 1 31  ? -12.502 -9.870  -6.164  1.00 23.49 ? 31  GLU A O     1 
ATOM   228  C  CB    . GLU A 1 31  ? -14.569 -12.338 -6.801  1.00 21.27 ? 31  GLU A CB    1 
ATOM   229  C  CG    . GLU A 1 31  ? -14.214 -12.456 -5.329  1.00 21.31 ? 31  GLU A CG    1 
ATOM   230  C  CD    . GLU A 1 31  ? -14.752 -13.755 -4.756  1.00 25.20 ? 31  GLU A CD    1 
ATOM   231  O  OE1   . GLU A 1 31  ? -14.104 -14.804 -4.944  1.00 23.91 ? 31  GLU A OE1   1 
ATOM   232  O  OE2   . GLU A 1 31  ? -15.839 -13.723 -4.160  1.00 24.23 ? 31  GLU A OE2   1 
ATOM   233  N  N     . TYR A 1 32  ? -14.550 -9.291  -6.889  1.00 21.19 ? 32  TYR A N     1 
ATOM   234  C  CA    . TYR A 1 32  ? -14.559 -8.020  -6.171  1.00 20.61 ? 32  TYR A CA    1 
ATOM   235  C  C     . TYR A 1 32  ? -15.625 -7.982  -5.086  1.00 24.71 ? 32  TYR A C     1 
ATOM   236  O  O     . TYR A 1 32  ? -16.815 -7.796  -5.374  1.00 28.15 ? 32  TYR A O     1 
ATOM   237  C  CB    . TYR A 1 32  ? -14.759 -6.854  -7.152  1.00 23.08 ? 32  TYR A CB    1 
ATOM   238  C  CG    . TYR A 1 32  ? -14.731 -5.497  -6.479  1.00 27.39 ? 32  TYR A CG    1 
ATOM   239  C  CD1   . TYR A 1 32  ? -15.111 -4.344  -7.163  1.00 36.48 ? 32  TYR A CD1   1 
ATOM   240  C  CD2   . TYR A 1 32  ? -14.310 -5.365  -5.163  1.00 24.36 ? 32  TYR A CD2   1 
ATOM   241  C  CE1   . TYR A 1 32  ? -15.084 -3.097  -6.537  1.00 27.88 ? 32  TYR A CE1   1 
ATOM   242  C  CE2   . TYR A 1 32  ? -14.291 -4.127  -4.530  1.00 27.13 ? 32  TYR A CE2   1 
ATOM   243  C  CZ    . TYR A 1 32  ? -14.674 -3.002  -5.219  1.00 31.30 ? 32  TYR A CZ    1 
ATOM   244  O  OH    . TYR A 1 32  ? -14.641 -1.769  -4.584  1.00 32.26 ? 32  TYR A OH    1 
ATOM   245  N  N     . ASP A 1 33  ? -15.192 -8.161  -3.839  1.00 22.85 ? 33  ASP A N     1 
ATOM   246  C  CA    . ASP A 1 33  ? -16.044 -7.960  -2.681  1.00 21.88 ? 33  ASP A CA    1 
ATOM   247  C  C     . ASP A 1 33  ? -15.500 -6.770  -1.909  1.00 21.20 ? 33  ASP A C     1 
ATOM   248  O  O     . ASP A 1 33  ? -14.408 -6.856  -1.334  1.00 22.32 ? 33  ASP A O     1 
ATOM   249  C  CB    . ASP A 1 33  ? -16.009 -9.188  -1.754  1.00 23.19 ? 33  ASP A CB    1 
ATOM   250  C  CG    . ASP A 1 33  ? -16.729 -10.379 -2.327  1.00 30.36 ? 33  ASP A CG    1 
ATOM   251  O  OD1   . ASP A 1 33  ? -16.786 -11.411 -1.634  1.00 31.81 ? 33  ASP A OD1   1 
ATOM   252  O  OD2   . ASP A 1 33  ? -17.241 -10.299 -3.462  1.00 29.78 ? 33  ASP A OD2   1 
ATOM   253  N  N     . PRO A 1 34  ? -16.251 -5.660  -1.883  1.00 23.85 ? 34  PRO A N     1 
ATOM   254  C  CA    . PRO A 1 34  ? -15.768 -4.472  -1.162  1.00 23.63 ? 34  PRO A CA    1 
ATOM   255  C  C     . PRO A 1 34  ? -15.509 -4.748  0.313   1.00 25.22 ? 34  PRO A C     1 
ATOM   256  O  O     . PRO A 1 34  ? -16.272 -5.445  0.985   1.00 27.67 ? 34  PRO A O     1 
ATOM   257  C  CB    . PRO A 1 34  ? -16.914 -3.479  -1.318  1.00 25.55 ? 34  PRO A CB    1 
ATOM   258  C  CG    . PRO A 1 34  ? -17.561 -3.860  -2.630  1.00 29.86 ? 34  PRO A CG    1 
ATOM   259  C  CD    . PRO A 1 34  ? -17.481 -5.378  -2.646  1.00 26.68 ? 34  PRO A CD    1 
ATOM   260  N  N     . THR A 1 35  ? -14.429 -4.163  0.812   1.00 22.10 ? 35  THR A N     1 
ATOM   261  C  CA    . THR A 1 35  ? -13.947 -4.394  2.168   1.00 26.78 ? 35  THR A CA    1 
ATOM   262  C  C     . THR A 1 35  ? -14.515 -3.359  3.099   1.00 26.13 ? 35  THR A C     1 
ATOM   263  O  O     . THR A 1 35  ? -14.726 -2.226  2.704   1.00 30.12 ? 35  THR A O     1 
ATOM   264  C  CB    . THR A 1 35  ? -12.417 -4.223  2.188   1.00 25.75 ? 35  THR A CB    1 
ATOM   265  O  OG1   . THR A 1 35  ? -11.849 -5.233  1.360   1.00 21.33 ? 35  THR A OG1   1 
ATOM   266  C  CG2   . THR A 1 35  ? -11.835 -4.331  3.601   1.00 24.94 ? 35  THR A CG2   1 
ATOM   267  N  N     . ILE A 1 36  ? -14.751 -3.742  4.345   1.00 29.01 ? 36  ILE A N     1 
ATOM   268  C  CA    . ILE A 1 36  ? -14.977 -2.716  5.347   1.00 34.43 ? 36  ILE A CA    1 
ATOM   269  C  C     . ILE A 1 36  ? -13.695 -2.440  6.123   1.00 33.35 ? 36  ILE A C     1 
ATOM   270  O  O     . ILE A 1 36  ? -13.044 -1.420  5.894   1.00 38.22 ? 36  ILE A O     1 
ATOM   271  C  CB    . ILE A 1 36  ? -16.198 -2.998  6.224   1.00 34.61 ? 36  ILE A CB    1 
ATOM   272  C  CG1   . ILE A 1 36  ? -17.451 -2.724  5.395   1.00 39.68 ? 36  ILE A CG1   1 
ATOM   273  C  CG2   . ILE A 1 36  ? -16.180 -2.101  7.458   1.00 33.53 ? 36  ILE A CG2   1 
ATOM   274  C  CD1   . ILE A 1 36  ? -17.348 -1.440  4.579   1.00 49.45 ? 36  ILE A CD1   1 
ATOM   275  N  N     . GLU A 1 37  ? -13.308 -3.352  6.998   1.00 35.91 ? 37  GLU A N     1 
ATOM   276  C  CA    . GLU A 1 37  ? -12.023 -3.260  7.686   1.00 32.81 ? 37  GLU A CA    1 
ATOM   277  C  C     . GLU A 1 37  ? -11.626 -4.671  8.086   1.00 38.95 ? 37  GLU A C     1 
ATOM   278  O  O     . GLU A 1 37  ? -12.282 -5.295  8.922   1.00 39.21 ? 37  GLU A O     1 
ATOM   279  C  CB    . GLU A 1 37  ? -12.125 -2.389  8.942   1.00 33.11 ? 37  GLU A CB    1 
ATOM   280  C  CG    . GLU A 1 37  ? -12.605 -0.969  8.702   1.00 47.50 ? 37  GLU A CG    1 
ATOM   281  C  CD    . GLU A 1 37  ? -11.658 -0.181  7.832   1.00 46.06 ? 37  GLU A CD    1 
ATOM   282  O  OE1   . GLU A 1 37  ? -12.114 0.393   6.817   1.00 42.30 ? 37  GLU A OE1   1 
ATOM   283  O  OE2   . GLU A 1 37  ? -10.454 -0.133  8.162   1.00 57.62 ? 37  GLU A OE2   1 
ATOM   284  N  N     . ASP A 1 38  ? -10.563 -5.174  7.480   1.00 29.39 ? 38  ASP A N     1 
ATOM   285  C  CA    . ASP A 1 38  ? -10.091 -6.520  7.752   1.00 31.62 ? 38  ASP A CA    1 
ATOM   286  C  C     . ASP A 1 38  ? -8.631  -6.441  8.144   1.00 30.85 ? 38  ASP A C     1 
ATOM   287  O  O     . ASP A 1 38  ? -7.885  -5.642  7.595   1.00 32.68 ? 38  ASP A O     1 
ATOM   288  C  CB    . ASP A 1 38  ? -10.258 -7.387  6.505   1.00 32.19 ? 38  ASP A CB    1 
ATOM   289  C  CG    . ASP A 1 38  ? -11.712 -7.592  6.131   1.00 36.67 ? 38  ASP A CG    1 
ATOM   290  O  OD1   . ASP A 1 38  ? -12.568 -7.557  7.034   1.00 34.73 ? 38  ASP A OD1   1 
ATOM   291  O  OD2   . ASP A 1 38  ? -12.006 -7.794  4.938   1.00 34.02 ? 38  ASP A OD2   1 
ATOM   292  N  N     . SER A 1 39  ? -8.211  -7.251  9.103   1.00 35.82 ? 39  SER A N     1 
ATOM   293  C  CA    . SER A 1 39  ? -6.797  -7.277  9.444   1.00 35.04 ? 39  SER A CA    1 
ATOM   294  C  C     . SER A 1 39  ? -6.239  -8.683  9.368   1.00 42.11 ? 39  SER A C     1 
ATOM   295  O  O     . SER A 1 39  ? -6.949  -9.662  9.582   1.00 37.26 ? 39  SER A O     1 
ATOM   296  C  CB    . SER A 1 39  ? -6.529  -6.646  10.812  1.00 43.02 ? 39  SER A CB    1 
ATOM   297  O  OG    . SER A 1 39  ? -7.214  -7.328  11.842  1.00 51.78 ? 39  SER A OG    1 
ATOM   298  N  N     . TYR A 1 40  ? -4.959  -8.777  9.035   1.00 28.13 ? 40  TYR A N     1 
ATOM   299  C  CA    . TYR A 1 40  ? -4.307  -10.054 8.906   1.00 30.64 ? 40  TYR A CA    1 
ATOM   300  C  C     . TYR A 1 40  ? -2.989  -9.992  9.654   1.00 38.27 ? 40  TYR A C     1 
ATOM   301  O  O     . TYR A 1 40  ? -2.430  -8.919  9.842   1.00 34.26 ? 40  TYR A O     1 
ATOM   302  C  CB    . TYR A 1 40  ? -4.057  -10.394 7.434   1.00 29.59 ? 40  TYR A CB    1 
ATOM   303  C  CG    . TYR A 1 40  ? -5.280  -10.325 6.534   1.00 32.27 ? 40  TYR A CG    1 
ATOM   304  C  CD1   . TYR A 1 40  ? -5.980  -11.477 6.194   1.00 32.59 ? 40  TYR A CD1   1 
ATOM   305  C  CD2   . TYR A 1 40  ? -5.720  -9.117  6.012   1.00 25.26 ? 40  TYR A CD2   1 
ATOM   306  C  CE1   . TYR A 1 40  ? -7.085  -11.424 5.371   1.00 32.15 ? 40  TYR A CE1   1 
ATOM   307  C  CE2   . TYR A 1 40  ? -6.834  -9.047  5.190   1.00 26.24 ? 40  TYR A CE2   1 
ATOM   308  C  CZ    . TYR A 1 40  ? -7.512  -10.209 4.869   1.00 33.18 ? 40  TYR A CZ    1 
ATOM   309  O  OH    . TYR A 1 40  ? -8.617  -10.165 4.043   1.00 33.61 ? 40  TYR A OH    1 
ATOM   310  N  N     . ARG A 1 41  ? -2.502  -11.145 10.097  1.00 34.78 ? 41  ARG A N     1 
ATOM   311  C  CA    . ARG A 1 41  ? -1.183  -11.226 10.709  1.00 35.34 ? 41  ARG A CA    1 
ATOM   312  C  C     . ARG A 1 41  ? -0.375  -12.296 9.993   1.00 39.36 ? 41  ARG A C     1 
ATOM   313  O  O     . ARG A 1 41  ? -0.902  -13.353 9.658   1.00 40.51 ? 41  ARG A O     1 
ATOM   314  C  CB    . ARG A 1 41  ? -1.289  -11.547 12.205  1.00 37.50 ? 41  ARG A CB    1 
ATOM   315  C  CG    . ARG A 1 41  ? 0.027   -12.009 12.833  1.00 42.25 ? 41  ARG A CG    1 
ATOM   316  C  CD    . ARG A 1 41  ? -0.013  -11.974 14.365  1.00 42.45 ? 41  ARG A CD    1 
ATOM   317  N  NE    . ARG A 1 41  ? -0.211  -10.622 14.886  1.00 42.81 ? 41  ARG A NE    1 
ATOM   318  C  CZ    . ARG A 1 41  ? -0.196  -10.306 16.176  1.00 55.27 ? 41  ARG A CZ    1 
ATOM   319  N  NH1   . ARG A 1 41  ? 0.011   -11.245 17.090  1.00 60.22 ? 41  ARG A NH1   1 
ATOM   320  N  NH2   . ARG A 1 41  ? -0.387  -9.049  16.555  1.00 47.75 ? 41  ARG A NH2   1 
ATOM   321  N  N     . LYS A 1 42  ? 0.896   -12.016 9.729   1.00 31.81 ? 42  LYS A N     1 
ATOM   322  C  CA    . LYS A 1 42  ? 1.788   -13.037 9.188   1.00 37.15 ? 42  LYS A CA    1 
ATOM   323  C  C     . LYS A 1 42  ? 3.191   -12.869 9.745   1.00 33.73 ? 42  LYS A C     1 
ATOM   324  O  O     . LYS A 1 42  ? 3.694   -11.755 9.846   1.00 35.83 ? 42  LYS A O     1 
ATOM   325  C  CB    . LYS A 1 42  ? 1.835   -13.018 7.658   1.00 41.12 ? 42  LYS A CB    1 
ATOM   326  C  CG    . LYS A 1 42  ? 2.549   -14.246 7.092   1.00 44.06 ? 42  LYS A CG    1 
ATOM   327  C  CD    . LYS A 1 42  ? 2.621   -14.258 5.573   1.00 42.42 ? 42  LYS A CD    1 
ATOM   328  C  CE    . LYS A 1 42  ? 3.108   -15.618 5.069   1.00 46.72 ? 42  LYS A CE    1 
ATOM   329  N  NZ    . LYS A 1 42  ? 3.104   -15.738 3.580   1.00 52.46 ? 42  LYS A NZ    1 
ATOM   330  N  N     . GLN A 1 43  ? 3.801   -13.987 10.120  1.00 38.82 ? 43  GLN A N     1 
ATOM   331  C  CA    . GLN A 1 43  ? 5.165   -14.001 10.614  1.00 36.23 ? 43  GLN A CA    1 
ATOM   332  C  C     . GLN A 1 43  ? 6.113   -14.246 9.452   1.00 35.86 ? 43  GLN A C     1 
ATOM   333  O  O     . GLN A 1 43  ? 5.956   -15.210 8.703   1.00 36.46 ? 43  GLN A O     1 
ATOM   334  C  CB    . GLN A 1 43  ? 5.341   -15.097 11.663  1.00 38.57 ? 43  GLN A CB    1 
ATOM   335  C  CG    . GLN A 1 43  ? 6.771   -15.242 12.157  1.00 38.28 ? 43  GLN A CG    1 
ATOM   336  C  CD    . GLN A 1 43  ? 6.911   -16.278 13.258  1.00 41.16 ? 43  GLN A CD    1 
ATOM   337  O  OE1   . GLN A 1 43  ? 6.539   -16.036 14.404  1.00 50.97 ? 43  GLN A OE1   1 
ATOM   338  N  NE2   . GLN A 1 43  ? 7.453   -17.440 12.912  1.00 55.08 ? 43  GLN A NE2   1 
ATOM   339  N  N     . VAL A 1 44  ? 7.097   -13.364 9.302   1.00 35.09 ? 44  VAL A N     1 
ATOM   340  C  CA    . VAL A 1 44  ? 8.028   -13.437 8.185   1.00 35.62 ? 44  VAL A CA    1 
ATOM   341  C  C     . VAL A 1 44  ? 9.415   -13.025 8.649   1.00 31.58 ? 44  VAL A C     1 
ATOM   342  O  O     . VAL A 1 44  ? 9.563   -12.371 9.682   1.00 36.79 ? 44  VAL A O     1 
ATOM   343  C  CB    . VAL A 1 44  ? 7.605   -12.497 7.040   1.00 35.25 ? 44  VAL A CB    1 
ATOM   344  C  CG1   . VAL A 1 44  ? 6.311   -12.975 6.398   1.00 44.48 ? 44  VAL A CG1   1 
ATOM   345  C  CG2   . VAL A 1 44  ? 7.457   -11.074 7.549   1.00 33.71 ? 44  VAL A CG2   1 
ATOM   346  N  N     . VAL A 1 45  ? 10.430  -13.427 7.902   1.00 34.09 ? 45  VAL A N     1 
ATOM   347  C  CA    . VAL A 1 45  ? 11.784  -12.962 8.168   1.00 31.07 ? 45  VAL A CA    1 
ATOM   348  C  C     . VAL A 1 45  ? 12.049  -11.857 7.166   1.00 26.19 ? 45  VAL A C     1 
ATOM   349  O  O     . VAL A 1 45  ? 11.951  -12.071 5.961   1.00 30.53 ? 45  VAL A O     1 
ATOM   350  C  CB    . VAL A 1 45  ? 12.827  -14.084 8.003   1.00 33.11 ? 45  VAL A CB    1 
ATOM   351  C  CG1   . VAL A 1 45  ? 14.239  -13.521 8.088   1.00 32.76 ? 45  VAL A CG1   1 
ATOM   352  C  CG2   . VAL A 1 45  ? 12.612  -15.172 9.053   1.00 37.99 ? 45  VAL A CG2   1 
ATOM   353  N  N     . ILE A 1 46  ? 12.341  -10.669 7.673   1.00 26.06 ? 46  ILE A N     1 
ATOM   354  C  CA    . ILE A 1 46  ? 12.673  -9.538  6.821   1.00 22.44 ? 46  ILE A CA    1 
ATOM   355  C  C     . ILE A 1 46  ? 14.042  -9.022  7.257   1.00 24.37 ? 46  ILE A C     1 
ATOM   356  O  O     . ILE A 1 46  ? 14.198  -8.498  8.356   1.00 23.18 ? 46  ILE A O     1 
ATOM   357  C  CB    . ILE A 1 46  ? 11.621  -8.417  6.929   1.00 21.21 ? 46  ILE A CB    1 
ATOM   358  C  CG1   . ILE A 1 46  ? 10.219  -8.965  6.607   1.00 25.02 ? 46  ILE A CG1   1 
ATOM   359  C  CG2   . ILE A 1 46  ? 11.963  -7.256  5.984   1.00 26.04 ? 46  ILE A CG2   1 
ATOM   360  C  CD1   . ILE A 1 46  ? 9.106   -7.918  6.666   1.00 26.49 ? 46  ILE A CD1   1 
ATOM   361  N  N     . ASP A 1 47  ? 15.033  -9.197  6.388   1.00 23.23 ? 47  ASP A N     1 
ATOM   362  C  CA    . ASP A 1 47  ? 16.384  -8.711  6.649   1.00 21.68 ? 47  ASP A CA    1 
ATOM   363  C  C     . ASP A 1 47  ? 16.969  -9.233  7.952   1.00 23.31 ? 47  ASP A C     1 
ATOM   364  O  O     . ASP A 1 47  ? 17.540  -8.466  8.727   1.00 26.04 ? 47  ASP A O     1 
ATOM   365  C  CB    . ASP A 1 47  ? 16.405  -7.186  6.649   1.00 25.23 ? 47  ASP A CB    1 
ATOM   366  C  CG    . ASP A 1 47  ? 15.828  -6.602  5.384   1.00 22.47 ? 47  ASP A CG    1 
ATOM   367  O  OD1   . ASP A 1 47  ? 16.187  -7.076  4.281   1.00 24.02 ? 47  ASP A OD1   1 
ATOM   368  O  OD2   . ASP A 1 47  ? 15.000  -5.670  5.498   1.00 21.91 ? 47  ASP A OD2   1 
ATOM   369  N  N     . GLY A 1 48  ? 16.814  -10.531 8.190   1.00 27.48 ? 48  GLY A N     1 
ATOM   370  C  CA    . GLY A 1 48  ? 17.457  -11.181 9.320   1.00 29.22 ? 48  GLY A CA    1 
ATOM   371  C  C     . GLY A 1 48  ? 16.698  -11.094 10.625  1.00 31.13 ? 48  GLY A C     1 
ATOM   372  O  O     . GLY A 1 48  ? 17.163  -11.560 11.665  1.00 32.52 ? 48  GLY A O     1 
ATOM   373  N  N     . GLU A 1 49  ? 15.519  -10.492 10.581  1.00 27.83 ? 49  GLU A N     1 
ATOM   374  C  CA    . GLU A 1 49  ? 14.710  -10.336 11.778  1.00 27.92 ? 49  GLU A CA    1 
ATOM   375  C  C     . GLU A 1 49  ? 13.371  -11.015 11.600  1.00 34.05 ? 49  GLU A C     1 
ATOM   376  O  O     . GLU A 1 49  ? 12.667  -10.786 10.611  1.00 31.31 ? 49  GLU A O     1 
ATOM   377  C  CB    . GLU A 1 49  ? 14.516  -8.852  12.057  1.00 32.73 ? 49  GLU A CB    1 
ATOM   378  C  CG    . GLU A 1 49  ? 13.547  -8.509  13.153  1.00 36.54 ? 49  GLU A CG    1 
ATOM   379  C  CD    . GLU A 1 49  ? 13.309  -7.020  13.203  1.00 40.77 ? 49  GLU A CD    1 
ATOM   380  O  OE1   . GLU A 1 49  ? 12.541  -6.514  12.361  1.00 38.61 ? 49  GLU A OE1   1 
ATOM   381  O  OE2   . GLU A 1 49  ? 13.917  -6.350  14.063  1.00 44.98 ? 49  GLU A OE2   1 
ATOM   382  N  N     . THR A 1 50  ? 13.019  -11.873 12.548  1.00 33.15 ? 50  THR A N     1 
ATOM   383  C  CA    . THR A 1 50  ? 11.697  -12.468 12.528  1.00 30.79 ? 50  THR A CA    1 
ATOM   384  C  C     . THR A 1 50  ? 10.720  -11.442 13.045  1.00 35.02 ? 50  THR A C     1 
ATOM   385  O  O     . THR A 1 50  ? 10.919  -10.875 14.116  1.00 42.57 ? 50  THR A O     1 
ATOM   386  C  CB    . THR A 1 50  ? 11.615  -13.724 13.419  1.00 38.75 ? 50  THR A CB    1 
ATOM   387  O  OG1   . THR A 1 50  ? 12.536  -14.711 12.936  1.00 44.08 ? 50  THR A OG1   1 
ATOM   388  C  CG2   . THR A 1 50  ? 10.204  -14.291 13.384  1.00 42.38 ? 50  THR A CG2   1 
ATOM   389  N  N     . CYS A 1 51  ? 9.667   -11.180 12.286  1.00 32.63 ? 51  CYS A N     1 
ATOM   390  C  CA    . CYS A 1 51  ? 8.700   -10.203 12.742  1.00 36.14 ? 51  CYS A CA    1 
ATOM   391  C  C     . CYS A 1 51  ? 7.269   -10.544 12.360  1.00 33.17 ? 51  CYS A C     1 
ATOM   392  O  O     . CYS A 1 51  ? 7.004   -11.420 11.527  1.00 34.17 ? 51  CYS A O     1 
ATOM   393  C  CB    . CYS A 1 51  ? 9.068   -8.794  12.271  1.00 41.68 ? 51  CYS A CB    1 
ATOM   394  S  SG    . CYS A 1 51  ? 9.548   -8.678  10.537  1.00 44.15 ? 51  CYS A SG    1 
ATOM   395  N  N     . LEU A 1 52  ? 6.356   -9.841  13.003  1.00 30.61 ? 52  LEU A N     1 
ATOM   396  C  CA    . LEU A 1 52  ? 4.940   -10.032 12.793  1.00 33.29 ? 52  LEU A CA    1 
ATOM   397  C  C     . LEU A 1 52  ? 4.420   -8.844  12.018  1.00 24.85 ? 52  LEU A C     1 
ATOM   398  O  O     . LEU A 1 52  ? 4.566   -7.706  12.447  1.00 31.42 ? 52  LEU A O     1 
ATOM   399  C  CB    . LEU A 1 52  ? 4.228   -10.108 14.139  1.00 20.00 ? 52  LEU A CB    1 
ATOM   400  C  CG    . LEU A 1 52  ? 4.426   -11.444 14.861  1.00 20.00 ? 52  LEU A CG    1 
ATOM   401  C  CD1   . LEU A 1 52  ? 3.684   -11.465 16.206  1.00 20.00 ? 52  LEU A CD1   1 
ATOM   402  C  CD2   . LEU A 1 52  ? 3.946   -12.587 13.961  1.00 20.00 ? 52  LEU A CD2   1 
ATOM   403  N  N     . LEU A 1 53  ? 3.843   -9.114  10.861  1.00 30.21 ? 53  LEU A N     1 
ATOM   404  C  CA    . LEU A 1 53  ? 3.187   -8.055  10.116  1.00 30.59 ? 53  LEU A CA    1 
ATOM   405  C  C     . LEU A 1 53  ? 1.712   -8.102  10.419  1.00 29.35 ? 53  LEU A C     1 
ATOM   406  O  O     . LEU A 1 53  ? 1.062   -9.123  10.188  1.00 34.53 ? 53  LEU A O     1 
ATOM   407  C  CB    . LEU A 1 53  ? 3.389   -8.240  8.621   1.00 27.89 ? 53  LEU A CB    1 
ATOM   408  C  CG    . LEU A 1 53  ? 4.834   -8.228  8.130   1.00 32.16 ? 53  LEU A CG    1 
ATOM   409  C  CD1   . LEU A 1 53  ? 4.822   -8.250  6.614   1.00 30.52 ? 53  LEU A CD1   1 
ATOM   410  C  CD2   . LEU A 1 53  ? 5.558   -6.989  8.664   1.00 29.77 ? 53  LEU A CD2   1 
ATOM   411  N  N     . ASP A 1 54  ? 1.193   -7.002  10.941  1.00 27.47 ? 54  ASP A N     1 
ATOM   412  C  CA    . ASP A 1 54  ? -0.241  -6.846  11.112  1.00 28.49 ? 54  ASP A CA    1 
ATOM   413  C  C     . ASP A 1 54  ? -0.740  -5.912  10.027  1.00 30.76 ? 54  ASP A C     1 
ATOM   414  O  O     . ASP A 1 54  ? -0.465  -4.721  10.044  1.00 30.69 ? 54  ASP A O     1 
ATOM   415  C  CB    . ASP A 1 54  ? -0.562  -6.287  12.488  1.00 36.72 ? 54  ASP A CB    1 
ATOM   416  C  CG    . ASP A 1 54  ? -0.209  -7.256  13.596  1.00 41.10 ? 54  ASP A CG    1 
ATOM   417  O  OD1   . ASP A 1 54  ? 0.162   -6.801  14.693  1.00 41.77 ? 54  ASP A OD1   1 
ATOM   418  O  OD2   . ASP A 1 54  ? -0.300  -8.480  13.362  1.00 46.49 ? 54  ASP A OD2   1 
ATOM   419  N  N     . ILE A 1 55  ? -1.460  -6.466  9.069   1.00 27.81 ? 55  ILE A N     1 
ATOM   420  C  CA    . ILE A 1 55  ? -1.862  -5.666  7.918   1.00 27.81 ? 55  ILE A CA    1 
ATOM   421  C  C     . ILE A 1 55  ? -3.332  -5.295  7.999   1.00 26.51 ? 55  ILE A C     1 
ATOM   422  O  O     . ILE A 1 55  ? -4.207  -6.170  8.041   1.00 29.32 ? 55  ILE A O     1 
ATOM   423  C  CB    . ILE A 1 55  ? -1.559  -6.405  6.632   1.00 27.44 ? 55  ILE A CB    1 
ATOM   424  C  CG1   . ILE A 1 55  ? -0.060  -6.718  6.578   1.00 28.75 ? 55  ILE A CG1   1 
ATOM   425  C  CG2   . ILE A 1 55  ? -1.996  -5.563  5.423   1.00 24.42 ? 55  ILE A CG2   1 
ATOM   426  C  CD1   . ILE A 1 55  ? 0.311   -7.671  5.510   1.00 29.88 ? 55  ILE A CD1   1 
ATOM   427  N  N     . LEU A 1 56  ? -3.594  -3.994  8.054   1.00 22.24 ? 56  LEU A N     1 
ATOM   428  C  CA    . LEU A 1 56  ? -4.965  -3.516  8.134   1.00 21.51 ? 56  LEU A CA    1 
ATOM   429  C  C     . LEU A 1 56  ? -5.415  -3.102  6.755   1.00 22.42 ? 56  LEU A C     1 
ATOM   430  O  O     . LEU A 1 56  ? -4.916  -2.130  6.188   1.00 23.32 ? 56  LEU A O     1 
ATOM   431  C  CB    . LEU A 1 56  ? -5.125  -2.350  9.124   1.00 30.18 ? 56  LEU A CB    1 
ATOM   432  C  CG    . LEU A 1 56  ? -6.527  -1.701  9.085   1.00 39.58 ? 56  LEU A CG    1 
ATOM   433  C  CD1   . LEU A 1 56  ? -7.657  -2.738  9.128   1.00 42.04 ? 56  LEU A CD1   1 
ATOM   434  C  CD2   . LEU A 1 56  ? -6.736  -0.655  10.179  1.00 43.36 ? 56  LEU A CD2   1 
ATOM   435  N  N     . ASP A 1 57  ? -6.355  -3.871  6.230   1.00 22.66 ? 57  ASP A N     1 
ATOM   436  C  CA    . ASP A 1 57  ? -6.898  -3.656  4.906   1.00 24.25 ? 57  ASP A CA    1 
ATOM   437  C  C     . ASP A 1 57  ? -8.186  -2.842  5.052   1.00 29.26 ? 57  ASP A C     1 
ATOM   438  O  O     . ASP A 1 57  ? -9.139  -3.296  5.666   1.00 29.91 ? 57  ASP A O     1 
ATOM   439  C  CB    . ASP A 1 57  ? -7.176  -5.028  4.285   1.00 24.08 ? 57  ASP A CB    1 
ATOM   440  C  CG    . ASP A 1 57  ? -7.696  -4.937  2.885   1.00 25.07 ? 57  ASP A CG    1 
ATOM   441  O  OD1   . ASP A 1 57  ? -7.461  -3.904  2.231   1.00 22.50 ? 57  ASP A OD1   1 
ATOM   442  O  OD2   . ASP A 1 57  ? -8.360  -5.901  2.449   1.00 26.27 ? 57  ASP A OD2   1 
ATOM   443  N  N     . THR A 1 58  ? -8.198  -1.639  4.492   1.00 26.14 ? 58  THR A N     1 
ATOM   444  C  CA    . THR A 1 58  ? -9.296  -0.701  4.686   1.00 29.16 ? 58  THR A CA    1 
ATOM   445  C  C     . THR A 1 58  ? -10.234 -0.571  3.488   1.00 26.15 ? 58  THR A C     1 
ATOM   446  O  O     . THR A 1 58  ? -9.917  -0.985  2.365   1.00 25.19 ? 58  THR A O     1 
ATOM   447  C  CB    . THR A 1 58  ? -8.763  0.705   5.002   1.00 28.73 ? 58  THR A CB    1 
ATOM   448  O  OG1   . THR A 1 58  ? -8.073  1.215   3.852   1.00 28.84 ? 58  THR A OG1   1 
ATOM   449  C  CG2   . THR A 1 58  ? -7.802  0.663   6.180   1.00 28.33 ? 58  THR A CG2   1 
ATOM   450  N  N     . ALA A 1 59  ? -11.399 0.018   3.741   1.00 28.26 ? 59  ALA A N     1 
ATOM   451  C  CA    . ALA A 1 59  ? -12.373 0.281   2.702   1.00 30.77 ? 59  ALA A CA    1 
ATOM   452  C  C     . ALA A 1 59  ? -11.918 1.429   1.816   1.00 30.28 ? 59  ALA A C     1 
ATOM   453  O  O     . ALA A 1 59  ? -11.412 2.440   2.296   1.00 31.12 ? 59  ALA A O     1 
ATOM   454  C  CB    . ALA A 1 59  ? -13.718 0.615   3.323   1.00 30.30 ? 59  ALA A CB    1 
ATOM   455  N  N     . GLY A 1 60  ? -12.099 1.267   0.515   1.00 26.56 ? 60  GLY A N     1 
ATOM   456  C  CA    . GLY A 1 60  ? -11.858 2.359   -0.408  1.00 26.79 ? 60  GLY A CA    1 
ATOM   457  C  C     . GLY A 1 60  ? -13.187 2.983   -0.799  1.00 41.73 ? 60  GLY A C     1 
ATOM   458  O  O     . GLY A 1 60  ? -13.238 4.100   -1.317  1.00 39.12 ? 60  GLY A O     1 
ATOM   459  N  N     . GLN A 1 61  ? -14.269 2.250   -0.552  1.00 39.30 ? 61  GLN A N     1 
ATOM   460  C  CA    . GLN A 1 61  ? -15.602 2.692   -0.951  1.00 43.36 ? 61  GLN A CA    1 
ATOM   461  C  C     . GLN A 1 61  ? -16.200 3.670   0.057   1.00 48.50 ? 61  GLN A C     1 
ATOM   462  O  O     . GLN A 1 61  ? -16.373 3.339   1.230   1.00 47.97 ? 61  GLN A O     1 
ATOM   463  C  CB    . GLN A 1 61  ? -16.535 1.492   -1.151  1.00 44.06 ? 61  GLN A CB    1 
ATOM   464  C  CG    . GLN A 1 61  ? -16.255 0.684   -2.420  1.00 40.95 ? 61  GLN A CG    1 
ATOM   465  C  CD    . GLN A 1 61  ? -16.717 1.399   -3.675  1.00 47.83 ? 61  GLN A CD    1 
ATOM   466  O  OE1   . GLN A 1 61  ? -17.695 2.146   -3.651  1.00 49.74 ? 61  GLN A OE1   1 
ATOM   467  N  NE2   . GLN A 1 61  ? -16.012 1.175   -4.781  1.00 55.63 ? 61  GLN A NE2   1 
ATOM   468  N  N     . MET A 1 72  ? -6.510  3.631   11.100  1.00 45.16 ? 72  MET A N     1 
ATOM   469  C  CA    . MET A 1 72  ? -5.379  4.468   10.725  1.00 38.84 ? 72  MET A CA    1 
ATOM   470  C  C     . MET A 1 72  ? -4.624  4.977   11.948  1.00 44.01 ? 72  MET A C     1 
ATOM   471  O  O     . MET A 1 72  ? -3.413  5.188   11.895  1.00 41.40 ? 72  MET A O     1 
ATOM   472  C  CB    . MET A 1 72  ? -5.838  5.625   9.831   1.00 46.14 ? 72  MET A CB    1 
ATOM   473  C  CG    . MET A 1 72  ? -6.061  5.212   8.377   1.00 40.32 ? 72  MET A CG    1 
ATOM   474  S  SD    . MET A 1 72  ? -7.016  6.385   7.400   1.00 58.68 ? 72  MET A SD    1 
ATOM   475  C  CE    . MET A 1 72  ? -6.048  7.861   7.658   1.00 37.43 ? 72  MET A CE    1 
ATOM   476  N  N     . ARG A 1 73  ? -5.333  5.156   13.058  1.00 39.31 ? 73  ARG A N     1 
ATOM   477  C  CA    . ARG A 1 73  ? -4.696  5.660   14.274  1.00 41.68 ? 73  ARG A CA    1 
ATOM   478  C  C     . ARG A 1 73  ? -3.556  4.757   14.745  1.00 37.47 ? 73  ARG A C     1 
ATOM   479  O  O     . ARG A 1 73  ? -2.537  5.231   15.242  1.00 39.66 ? 73  ARG A O     1 
ATOM   480  C  CB    . ARG A 1 73  ? -5.729  5.840   15.394  1.00 42.49 ? 73  ARG A CB    1 
ATOM   481  N  N     . THR A 1 74  ? -3.717  3.451   14.578  1.00 37.37 ? 74  THR A N     1 
ATOM   482  C  CA    . THR A 1 74  ? -2.740  2.525   15.132  1.00 38.99 ? 74  THR A CA    1 
ATOM   483  C  C     . THR A 1 74  ? -1.615  2.172   14.153  1.00 42.78 ? 74  THR A C     1 
ATOM   484  O  O     . THR A 1 74  ? -0.649  1.507   14.528  1.00 39.21 ? 74  THR A O     1 
ATOM   485  C  CB    . THR A 1 74  ? -3.418  1.235   15.628  1.00 40.69 ? 74  THR A CB    1 
ATOM   486  O  OG1   . THR A 1 74  ? -2.504  0.497   16.448  1.00 54.00 ? 74  THR A OG1   1 
ATOM   487  C  CG2   . THR A 1 74  ? -3.873  0.384   14.451  1.00 36.97 ? 74  THR A CG2   1 
ATOM   488  N  N     . GLY A 1 75  ? -1.736  2.628   12.909  1.00 38.32 ? 75  GLY A N     1 
ATOM   489  C  CA    . GLY A 1 75  ? -0.792  2.233   11.875  1.00 31.64 ? 75  GLY A CA    1 
ATOM   490  C  C     . GLY A 1 75  ? 0.584   2.859   12.031  1.00 22.94 ? 75  GLY A C     1 
ATOM   491  O  O     . GLY A 1 75  ? 0.698   4.046   12.355  1.00 30.37 ? 75  GLY A O     1 
ATOM   492  N  N     . GLU A 1 76  ? 1.622   2.061   11.790  1.00 25.92 ? 76  GLU A N     1 
ATOM   493  C  CA    . GLU A 1 76  ? 3.002   2.537   11.841  1.00 27.16 ? 76  GLU A CA    1 
ATOM   494  C  C     . GLU A 1 76  ? 3.528   2.909   10.453  1.00 28.44 ? 76  GLU A C     1 
ATOM   495  O  O     . GLU A 1 76  ? 4.472   3.688   10.335  1.00 25.64 ? 76  GLU A O     1 
ATOM   496  C  CB    . GLU A 1 76  ? 3.918   1.491   12.470  1.00 27.15 ? 76  GLU A CB    1 
ATOM   497  C  CG    . GLU A 1 76  ? 3.629   1.246   13.950  1.00 26.99 ? 76  GLU A CG    1 
ATOM   498  C  CD    . GLU A 1 76  ? 4.406   0.071   14.521  1.00 46.83 ? 76  GLU A CD    1 
ATOM   499  O  OE1   . GLU A 1 76  ? 4.374   -1.019  13.919  1.00 33.99 ? 76  GLU A OE1   1 
ATOM   500  O  OE2   . GLU A 1 76  ? 5.052   0.238   15.579  1.00 51.95 ? 76  GLU A OE2   1 
ATOM   501  N  N     . GLY A 1 77  ? 2.914   2.355   9.411   1.00 22.22 ? 77  GLY A N     1 
ATOM   502  C  CA    . GLY A 1 77  ? 3.296   2.711   8.048   1.00 22.38 ? 77  GLY A CA    1 
ATOM   503  C  C     . GLY A 1 77  ? 2.107   2.502   7.125   1.00 18.43 ? 77  GLY A C     1 
ATOM   504  O  O     . GLY A 1 77  ? 1.227   1.684   7.413   1.00 19.57 ? 77  GLY A O     1 
ATOM   505  N  N     . PHE A 1 78  ? 2.067   3.255   6.032   1.00 18.93 ? 78  PHE A N     1 
ATOM   506  C  CA    . PHE A 1 78  ? 0.915   3.206   5.132   1.00 18.65 ? 78  PHE A CA    1 
ATOM   507  C  C     . PHE A 1 78  ? 1.321   2.929   3.691   1.00 16.75 ? 78  PHE A C     1 
ATOM   508  O  O     . PHE A 1 78  ? 2.244   3.558   3.184   1.00 17.65 ? 78  PHE A O     1 
ATOM   509  C  CB    . PHE A 1 78  ? 0.160   4.535   5.207   1.00 20.27 ? 78  PHE A CB    1 
ATOM   510  C  CG    . PHE A 1 78  ? -0.417  4.811   6.578   1.00 20.52 ? 78  PHE A CG    1 
ATOM   511  C  CD1   . PHE A 1 78  ? 0.406   5.244   7.612   1.00 26.19 ? 78  PHE A CD1   1 
ATOM   512  C  CD2   . PHE A 1 78  ? -1.757  4.607   6.827   1.00 27.02 ? 78  PHE A CD2   1 
ATOM   513  C  CE1   . PHE A 1 78  ? -0.111  5.471   8.882   1.00 26.00 ? 78  PHE A CE1   1 
ATOM   514  C  CE2   . PHE A 1 78  ? -2.294  4.835   8.093   1.00 28.86 ? 78  PHE A CE2   1 
ATOM   515  C  CZ    . PHE A 1 78  ? -1.471  5.276   9.118   1.00 30.48 ? 78  PHE A CZ    1 
ATOM   516  N  N     . LEU A 1 79  ? 0.634   1.973   3.060   1.00 16.01 ? 79  LEU A N     1 
ATOM   517  C  CA    . LEU A 1 79  ? 0.736   1.754   1.619   1.00 15.22 ? 79  LEU A CA    1 
ATOM   518  C  C     . LEU A 1 79  ? -0.384  2.568   1.007   1.00 22.35 ? 79  LEU A C     1 
ATOM   519  O  O     . LEU A 1 79  ? -1.558  2.292   1.252   1.00 23.10 ? 79  LEU A O     1 
ATOM   520  C  CB    . LEU A 1 79  ? 0.519   0.266   1.314   1.00 20.48 ? 79  LEU A CB    1 
ATOM   521  C  CG    . LEU A 1 79  ? 1.468   -0.518  0.418   1.00 32.14 ? 79  LEU A CG    1 
ATOM   522  C  CD1   . LEU A 1 79  ? 2.934   -0.376  0.861   1.00 24.48 ? 79  LEU A CD1   1 
ATOM   523  C  CD2   . LEU A 1 79  ? 1.021   -1.977  0.394   1.00 25.24 ? 79  LEU A CD2   1 
ATOM   524  N  N     . CYS A 1 80  ? -0.033  3.593   0.236   1.00 18.98 ? 80  CYS A N     1 
ATOM   525  C  CA    . CYS A 1 80  ? -1.050  4.369   -0.455  1.00 16.38 ? 80  CYS A CA    1 
ATOM   526  C  C     . CYS A 1 80  ? -1.174  3.836   -1.866  1.00 18.96 ? 80  CYS A C     1 
ATOM   527  O  O     . CYS A 1 80  ? -0.270  4.043   -2.671  1.00 17.83 ? 80  CYS A O     1 
ATOM   528  C  CB    . CYS A 1 80  ? -0.632  5.822   -0.522  1.00 17.19 ? 80  CYS A CB    1 
ATOM   529  S  SG    . CYS A 1 80  ? -0.548  6.605   1.125   1.00 25.57 ? 80  CYS A SG    1 
ATOM   530  N  N     . VAL A 1 81  ? -2.279  3.141   -2.141  1.00 16.44 ? 81  VAL A N     1 
ATOM   531  C  CA    . VAL A 1 81  ? -2.435  2.393   -3.378  1.00 17.20 ? 81  VAL A CA    1 
ATOM   532  C  C     . VAL A 1 81  ? -3.360  3.081   -4.376  1.00 15.92 ? 81  VAL A C     1 
ATOM   533  O  O     . VAL A 1 81  ? -4.448  3.503   -4.016  1.00 16.36 ? 81  VAL A O     1 
ATOM   534  C  CB    . VAL A 1 81  ? -3.027  0.989   -3.103  1.00 17.15 ? 81  VAL A CB    1 
ATOM   535  C  CG1   . VAL A 1 81  ? -2.973  0.159   -4.370  1.00 16.28 ? 81  VAL A CG1   1 
ATOM   536  C  CG2   . VAL A 1 81  ? -2.228  0.277   -1.995  1.00 17.22 ? 81  VAL A CG2   1 
ATOM   537  N  N     . PHE A 1 82  ? -2.916  3.185   -5.630  1.00 15.25 ? 82  PHE A N     1 
ATOM   538  C  CA    . PHE A 1 82  ? -3.818  3.553   -6.721  1.00 15.93 ? 82  PHE A CA    1 
ATOM   539  C  C     . PHE A 1 82  ? -3.682  2.478   -7.793  1.00 16.38 ? 82  PHE A C     1 
ATOM   540  O  O     . PHE A 1 82  ? -2.837  1.586   -7.684  1.00 15.69 ? 82  PHE A O     1 
ATOM   541  C  CB    . PHE A 1 82  ? -3.493  4.973   -7.271  1.00 16.52 ? 82  PHE A CB    1 
ATOM   542  C  CG    . PHE A 1 82  ? -2.174  5.054   -7.996  1.00 15.38 ? 82  PHE A CG    1 
ATOM   543  C  CD1   . PHE A 1 82  ? -0.993  5.315   -7.300  1.00 16.12 ? 82  PHE A CD1   1 
ATOM   544  C  CD2   . PHE A 1 82  ? -2.111  4.847   -9.372  1.00 18.05 ? 82  PHE A CD2   1 
ATOM   545  C  CE1   . PHE A 1 82  ? 0.222   5.369   -7.972  1.00 15.69 ? 82  PHE A CE1   1 
ATOM   546  C  CE2   . PHE A 1 82  ? -0.889  4.888   -10.043 1.00 16.75 ? 82  PHE A CE2   1 
ATOM   547  C  CZ    . PHE A 1 82  ? 0.267   5.154   -9.356  1.00 15.36 ? 82  PHE A CZ    1 
ATOM   548  N  N     . ALA A 1 83  ? -4.513  2.527   -8.823  1.00 15.58 ? 83  ALA A N     1 
ATOM   549  C  CA    . ALA A 1 83  ? -4.348  1.578   -9.928  1.00 15.64 ? 83  ALA A CA    1 
ATOM   550  C  C     . ALA A 1 83  ? -3.949  2.337   -11.182 1.00 18.46 ? 83  ALA A C     1 
ATOM   551  O  O     . ALA A 1 83  ? -4.460  3.440   -11.436 1.00 17.78 ? 83  ALA A O     1 
ATOM   552  C  CB    . ALA A 1 83  ? -5.634  0.798   -10.165 1.00 18.98 ? 83  ALA A CB    1 
ATOM   553  N  N     . ILE A 1 84  ? -3.039  1.754   -11.957 1.00 15.63 ? 84  ILE A N     1 
ATOM   554  C  CA    . ILE A 1 84  ? -2.425  2.481   -13.072 1.00 16.07 ? 84  ILE A CA    1 
ATOM   555  C  C     . ILE A 1 84  ? -3.393  2.730   -14.225 1.00 18.36 ? 84  ILE A C     1 
ATOM   556  O  O     . ILE A 1 84  ? -3.092  3.531   -15.111 1.00 20.17 ? 84  ILE A O     1 
ATOM   557  C  CB    . ILE A 1 84  ? -1.118  1.809   -13.589 1.00 16.81 ? 84  ILE A CB    1 
ATOM   558  C  CG1   . ILE A 1 84  ? -1.349  0.362   -14.034 1.00 21.75 ? 84  ILE A CG1   1 
ATOM   559  C  CG2   . ILE A 1 84  ? -0.042  1.835   -12.477 1.00 20.77 ? 84  ILE A CG2   1 
ATOM   560  C  CD1   . ILE A 1 84  ? -1.873  0.190   -15.430 1.00 29.31 ? 84  ILE A CD1   1 
ATOM   561  N  N     . ASN A 1 85  ? -4.530  2.046   -14.198 1.00 18.74 ? 85  ASN A N     1 
ATOM   562  C  CA    . ASN A 1 85  ? -5.573  2.253   -15.202 1.00 20.10 ? 85  ASN A CA    1 
ATOM   563  C  C     . ASN A 1 85  ? -6.733  3.068   -14.641 1.00 20.17 ? 85  ASN A C     1 
ATOM   564  O  O     . ASN A 1 85  ? -7.869  2.996   -15.140 1.00 21.46 ? 85  ASN A O     1 
ATOM   565  C  CB    . ASN A 1 85  ? -6.108  0.910   -15.701 1.00 20.47 ? 85  ASN A CB    1 
ATOM   566  C  CG    . ASN A 1 85  ? -6.883  0.157   -14.626 1.00 25.69 ? 85  ASN A CG    1 
ATOM   567  O  OD1   . ASN A 1 85  ? -6.537  0.212   -13.455 1.00 23.27 ? 85  ASN A OD1   1 
ATOM   568  N  ND2   . ASN A 1 85  ? -7.943  -0.544  -15.027 1.00 31.71 ? 85  ASN A ND2   1 
ATOM   569  N  N     . ASN A 1 86  ? -6.469  3.834   -13.590 1.00 18.52 ? 86  ASN A N     1 
ATOM   570  C  CA    . ASN A 1 86  ? -7.541  4.501   -12.865 1.00 17.88 ? 86  ASN A CA    1 
ATOM   571  C  C     . ASN A 1 86  ? -7.048  5.867   -12.442 1.00 19.03 ? 86  ASN A C     1 
ATOM   572  O  O     . ASN A 1 86  ? -6.567  6.049   -11.321 1.00 18.74 ? 86  ASN A O     1 
ATOM   573  C  CB    . ASN A 1 86  ? -7.925  3.646   -11.646 1.00 19.63 ? 86  ASN A CB    1 
ATOM   574  C  CG    . ASN A 1 86  ? -9.135  4.169   -10.889 1.00 21.97 ? 86  ASN A CG    1 
ATOM   575  O  OD1   . ASN A 1 86  ? -9.465  5.348   -10.913 1.00 29.15 ? 86  ASN A OD1   1 
ATOM   576  N  ND2   . ASN A 1 86  ? -9.791  3.259   -10.172 1.00 16.12 ? 86  ASN A ND2   1 
ATOM   577  N  N     . THR A 1 87  ? -7.120  6.831   -13.361 1.00 16.58 ? 87  THR A N     1 
ATOM   578  C  CA    . THR A 1 87  ? -6.647  8.179   -13.069 1.00 16.93 ? 87  THR A CA    1 
ATOM   579  C  C     . THR A 1 87  ? -7.266  8.794   -11.803 1.00 18.07 ? 87  THR A C     1 
ATOM   580  O  O     . THR A 1 87  ? -6.563  9.418   -11.015 1.00 19.33 ? 87  THR A O     1 
ATOM   581  C  CB    . THR A 1 87  ? -6.860  9.094   -14.296 1.00 23.27 ? 87  THR A CB    1 
ATOM   582  O  OG1   . THR A 1 87  ? -5.936  8.694   -15.308 1.00 26.08 ? 87  THR A OG1   1 
ATOM   583  C  CG2   . THR A 1 87  ? -6.608  10.548  -13.940 1.00 20.72 ? 87  THR A CG2   1 
ATOM   584  N  N     . LYS A 1 88  ? -8.564  8.605   -11.596 1.00 17.62 ? 88  LYS A N     1 
ATOM   585  C  CA    . LYS A 1 88  ? -9.193  9.138   -10.383 1.00 19.62 ? 88  LYS A CA    1 
ATOM   586  C  C     . LYS A 1 88  ? -8.523  8.609   -9.113  1.00 19.43 ? 88  LYS A C     1 
ATOM   587  O  O     . LYS A 1 88  ? -8.315  9.362   -8.166  1.00 18.76 ? 88  LYS A O     1 
ATOM   588  C  CB    . LYS A 1 88  ? -10.679 8.814   -10.338 1.00 25.22 ? 88  LYS A CB    1 
ATOM   589  C  CG    . LYS A 1 88  ? -11.436 9.546   -9.225  1.00 31.57 ? 88  LYS A CG    1 
ATOM   590  C  CD    . LYS A 1 88  ? -12.941 9.520   -9.508  1.00 48.69 ? 88  LYS A CD    1 
ATOM   591  C  CE    . LYS A 1 88  ? -13.674 10.643  -8.790  1.00 58.93 ? 88  LYS A CE    1 
ATOM   592  N  NZ    . LYS A 1 88  ? -15.123 10.676  -9.166  1.00 63.14 ? 88  LYS A NZ    1 
ATOM   593  N  N     . SER A 1 89  ? -8.182  7.323   -9.091  1.00 19.66 ? 89  SER A N     1 
ATOM   594  C  CA    . SER A 1 89  ? -7.534  6.760   -7.897  1.00 16.98 ? 89  SER A CA    1 
ATOM   595  C  C     . SER A 1 89  ? -6.189  7.412   -7.618  1.00 17.04 ? 89  SER A C     1 
ATOM   596  O  O     . SER A 1 89  ? -5.794  7.525   -6.463  1.00 16.31 ? 89  SER A O     1 
ATOM   597  C  CB    . SER A 1 89  ? -7.397  5.224   -7.958  1.00 16.12 ? 89  SER A CB    1 
ATOM   598  O  OG    . SER A 1 89  ? -6.492  4.782   -8.967  1.00 18.37 ? 89  SER A OG    1 
ATOM   599  N  N     . PHE A 1 90  ? -5.489  7.829   -8.670  1.00 16.65 ? 90  PHE A N     1 
ATOM   600  C  CA    . PHE A 1 90  ? -4.198  8.492   -8.499  1.00 17.36 ? 90  PHE A CA    1 
ATOM   601  C  C     . PHE A 1 90  ? -4.405  9.902   -7.949  1.00 19.77 ? 90  PHE A C     1 
ATOM   602  O  O     . PHE A 1 90  ? -3.708  10.343  -7.026  1.00 18.28 ? 90  PHE A O     1 
ATOM   603  C  CB    . PHE A 1 90  ? -3.472  8.541   -9.840  1.00 15.49 ? 90  PHE A CB    1 
ATOM   604  C  CG    . PHE A 1 90  ? -2.149  9.247   -9.800  1.00 16.28 ? 90  PHE A CG    1 
ATOM   605  C  CD1   . PHE A 1 90  ? -1.066  8.682   -9.141  1.00 16.20 ? 90  PHE A CD1   1 
ATOM   606  C  CD2   . PHE A 1 90  ? -1.970  10.455  -10.453 1.00 18.81 ? 90  PHE A CD2   1 
ATOM   607  C  CE1   . PHE A 1 90  ? 0.166   9.323   -9.116  1.00 18.62 ? 90  PHE A CE1   1 
ATOM   608  C  CE2   . PHE A 1 90  ? -0.742  11.100  -10.431 1.00 20.26 ? 90  PHE A CE2   1 
ATOM   609  C  CZ    . PHE A 1 90  ? 0.330   10.540  -9.769  1.00 22.09 ? 90  PHE A CZ    1 
ATOM   610  N  N     . GLU A 1 91  ? -5.368  10.616  -8.532  1.00 17.02 ? 91  GLU A N     1 
ATOM   611  C  CA    . GLU A 1 91  ? -5.664  11.965  -8.079  1.00 19.05 ? 91  GLU A CA    1 
ATOM   612  C  C     . GLU A 1 91  ? -6.108  11.936  -6.618  1.00 21.54 ? 91  GLU A C     1 
ATOM   613  O  O     . GLU A 1 91  ? -5.817  12.855  -5.860  1.00 25.29 ? 91  GLU A O     1 
ATOM   614  C  CB    . GLU A 1 91  ? -6.725  12.612  -8.975  1.00 18.41 ? 91  GLU A CB    1 
ATOM   615  C  CG    . GLU A 1 91  ? -6.253  12.796  -10.393 1.00 18.51 ? 91  GLU A CG    1 
ATOM   616  C  CD    . GLU A 1 91  ? -7.337  13.280  -11.359 1.00 20.33 ? 91  GLU A CD    1 
ATOM   617  O  OE1   . GLU A 1 91  ? -8.533  13.257  -11.006 1.00 21.98 ? 91  GLU A OE1   1 
ATOM   618  O  OE2   . GLU A 1 91  ? -6.966  13.657  -12.492 1.00 21.21 ? 91  GLU A OE2   1 
ATOM   619  N  N     . ASP A 1 92  ? -6.784  10.861  -6.220  1.00 17.63 ? 92  ASP A N     1 
ATOM   620  C  CA    . ASP A 1 92  ? -7.247  10.696  -4.842  1.00 18.14 ? 92  ASP A CA    1 
ATOM   621  C  C     . ASP A 1 92  ? -6.127  10.534  -3.821  1.00 20.83 ? 92  ASP A C     1 
ATOM   622  O  O     . ASP A 1 92  ? -6.364  10.691  -2.614  1.00 21.30 ? 92  ASP A O     1 
ATOM   623  C  CB    . ASP A 1 92  ? -8.142  9.460   -4.725  1.00 21.07 ? 92  ASP A CB    1 
ATOM   624  C  CG    . ASP A 1 92  ? -9.533  9.678   -5.288  1.00 29.63 ? 92  ASP A CG    1 
ATOM   625  O  OD1   . ASP A 1 92  ? -9.936  10.837  -5.499  1.00 30.30 ? 92  ASP A OD1   1 
ATOM   626  O  OD2   . ASP A 1 92  ? -10.233 8.670   -5.518  1.00 29.21 ? 92  ASP A OD2   1 
ATOM   627  N  N     . ILE A 1 93  ? -4.934  10.168  -4.281  1.00 18.89 ? 93  ILE A N     1 
ATOM   628  C  CA    . ILE A 1 93  ? -3.829  9.898   -3.359  1.00 21.61 ? 93  ILE A CA    1 
ATOM   629  C  C     . ILE A 1 93  ? -3.573  11.094  -2.426  1.00 28.12 ? 93  ILE A C     1 
ATOM   630  O  O     . ILE A 1 93  ? -3.322  10.922  -1.229  1.00 26.89 ? 93  ILE A O     1 
ATOM   631  C  CB    . ILE A 1 93  ? -2.514  9.506   -4.101  1.00 19.05 ? 93  ILE A CB    1 
ATOM   632  C  CG1   . ILE A 1 93  ? -2.654  8.123   -4.766  1.00 18.33 ? 93  ILE A CG1   1 
ATOM   633  C  CG2   . ILE A 1 93  ? -1.318  9.565   -3.144  1.00 22.08 ? 93  ILE A CG2   1 
ATOM   634  C  CD1   . ILE A 1 93  ? -2.746  6.935   -3.780  1.00 21.69 ? 93  ILE A CD1   1 
ATOM   635  N  N     . HIS A 1 94  ? -3.651  12.300  -2.979  1.00 25.10 ? 94  HIS A N     1 
ATOM   636  C  CA    . HIS A 1 94  ? -3.471  13.514  -2.182  1.00 26.64 ? 94  HIS A CA    1 
ATOM   637  C  C     . HIS A 1 94  ? -4.387  13.530  -0.960  1.00 28.73 ? 94  HIS A C     1 
ATOM   638  O  O     . HIS A 1 94  ? -3.954  13.847  0.146   1.00 31.25 ? 94  HIS A O     1 
ATOM   639  C  CB    . HIS A 1 94  ? -3.732  14.758  -3.029  1.00 30.59 ? 94  HIS A CB    1 
ATOM   640  C  CG    . HIS A 1 94  ? -3.809  16.023  -2.230  1.00 42.88 ? 94  HIS A CG    1 
ATOM   641  N  ND1   . HIS A 1 94  ? -4.926  16.378  -1.504  1.00 50.21 ? 94  HIS A ND1   1 
ATOM   642  C  CD2   . HIS A 1 94  ? -2.904  17.013  -2.035  1.00 47.92 ? 94  HIS A CD2   1 
ATOM   643  C  CE1   . HIS A 1 94  ? -4.709  17.534  -0.900  1.00 43.86 ? 94  HIS A CE1   1 
ATOM   644  N  NE2   . HIS A 1 94  ? -3.491  17.940  -1.206  1.00 51.82 ? 94  HIS A NE2   1 
ATOM   645  N  N     . GLN A 1 95  ? -5.650  13.187  -1.168  1.00 29.44 ? 95  GLN A N     1 
ATOM   646  C  CA    . GLN A 1 95  ? -6.627  13.189  -0.095  1.00 28.28 ? 95  GLN A CA    1 
ATOM   647  C  C     . GLN A 1 95  ? -6.348  12.087  0.920   1.00 33.47 ? 95  GLN A C     1 
ATOM   648  O  O     . GLN A 1 95  ? -6.487  12.303  2.129   1.00 28.08 ? 95  GLN A O     1 
ATOM   649  C  CB    . GLN A 1 95  ? -8.049  13.053  -0.659  1.00 30.33 ? 95  GLN A CB    1 
ATOM   650  C  CG    . GLN A 1 95  ? -8.481  14.209  -1.546  1.00 40.88 ? 95  GLN A CG    1 
ATOM   651  C  CD    . GLN A 1 95  ? -8.899  15.431  -0.754  1.00 51.86 ? 95  GLN A CD    1 
ATOM   652  O  OE1   . GLN A 1 95  ? -8.061  16.172  -0.234  1.00 56.22 ? 95  GLN A OE1   1 
ATOM   653  N  NE2   . GLN A 1 95  ? -10.206 15.649  -0.655  1.00 59.47 ? 95  GLN A NE2   1 
ATOM   654  N  N     . TYR A 1 96  ? -5.954  10.906  0.444   1.00 24.68 ? 96  TYR A N     1 
ATOM   655  C  CA    . TYR A 1 96  ? -5.601  9.826   1.366   1.00 27.57 ? 96  TYR A CA    1 
ATOM   656  C  C     . TYR A 1 96  ? -4.411  10.186  2.245   1.00 24.49 ? 96  TYR A C     1 
ATOM   657  O  O     . TYR A 1 96  ? -4.434  9.939   3.450   1.00 28.97 ? 96  TYR A O     1 
ATOM   658  C  CB    . TYR A 1 96  ? -5.362  8.492   0.641   1.00 26.60 ? 96  TYR A CB    1 
ATOM   659  C  CG    . TYR A 1 96  ? -6.653  7.855   0.207   1.00 23.51 ? 96  TYR A CG    1 
ATOM   660  C  CD1   . TYR A 1 96  ? -7.070  7.916   -1.116  1.00 25.14 ? 96  TYR A CD1   1 
ATOM   661  C  CD2   . TYR A 1 96  ? -7.479  7.210   1.126   1.00 28.80 ? 96  TYR A CD2   1 
ATOM   662  C  CE1   . TYR A 1 96  ? -8.259  7.361   -1.507  1.00 24.01 ? 96  TYR A CE1   1 
ATOM   663  C  CE2   . TYR A 1 96  ? -8.675  6.651   0.738   1.00 27.50 ? 96  TYR A CE2   1 
ATOM   664  C  CZ    . TYR A 1 96  ? -9.060  6.726   -0.585  1.00 27.82 ? 96  TYR A CZ    1 
ATOM   665  O  OH    . TYR A 1 96  ? -10.250 6.179   -1.002  1.00 32.46 ? 96  TYR A OH    1 
ATOM   666  N  N     A ARG A 1 97  ? -3.376  10.774  1.654   0.50 24.70 ? 97  ARG A N     1 
ATOM   667  N  N     B ARG A 1 97  ? -3.377  10.777  1.655   0.50 24.69 ? 97  ARG A N     1 
ATOM   668  C  CA    A ARG A 1 97  ? -2.207  11.144  2.440   0.50 27.63 ? 97  ARG A CA    1 
ATOM   669  C  CA    B ARG A 1 97  ? -2.200  11.150  2.431   0.50 27.63 ? 97  ARG A CA    1 
ATOM   670  C  C     A ARG A 1 97  ? -2.566  12.219  3.458   0.50 31.85 ? 97  ARG A C     1 
ATOM   671  C  C     B ARG A 1 97  ? -2.550  12.230  3.449   0.50 31.85 ? 97  ARG A C     1 
ATOM   672  O  O     A ARG A 1 97  ? -2.039  12.231  4.568   0.50 31.88 ? 97  ARG A O     1 
ATOM   673  O  O     B ARG A 1 97  ? -2.008  12.251  4.550   0.50 31.88 ? 97  ARG A O     1 
ATOM   674  C  CB    A ARG A 1 97  ? -1.058  11.644  1.568   0.50 30.16 ? 97  ARG A CB    1 
ATOM   675  C  CB    B ARG A 1 97  ? -1.062  11.639  1.536   0.50 30.15 ? 97  ARG A CB    1 
ATOM   676  C  CG    A ARG A 1 97  ? 0.134   12.108  2.410   0.50 34.62 ? 97  ARG A CG    1 
ATOM   677  C  CG    B ARG A 1 97  ? 0.192   12.068  2.317   0.50 34.65 ? 97  ARG A CG    1 
ATOM   678  C  CD    A ARG A 1 97  ? 1.237   12.729  1.574   0.50 36.14 ? 97  ARG A CD    1 
ATOM   679  C  CD    B ARG A 1 97  ? 1.278   12.555  1.369   0.50 35.77 ? 97  ARG A CD    1 
ATOM   680  N  NE    A ARG A 1 97  ? 2.388   13.122  2.390   0.50 33.85 ? 97  ARG A NE    1 
ATOM   681  N  NE    B ARG A 1 97  ? 2.523   12.968  2.023   0.50 35.38 ? 97  ARG A NE    1 
ATOM   682  C  CZ    A ARG A 1 97  ? 3.409   12.321  2.676   0.50 31.86 ? 97  ARG A CZ    1 
ATOM   683  C  CZ    B ARG A 1 97  ? 2.772   14.202  2.452   0.50 34.49 ? 97  ARG A CZ    1 
ATOM   684  N  NH1   A ARG A 1 97  ? 3.424   11.076  2.219   0.50 33.74 ? 97  ARG A NH1   1 
ATOM   685  N  NH1   B ARG A 1 97  ? 1.853   15.148  2.337   0.50 36.80 ? 97  ARG A NH1   1 
ATOM   686  N  NH2   A ARG A 1 97  ? 4.420   12.761  3.416   0.50 33.81 ? 97  ARG A NH2   1 
ATOM   687  N  NH2   B ARG A 1 97  ? 3.944   14.491  3.008   0.50 45.14 ? 97  ARG A NH2   1 
ATOM   688  N  N     . GLU A 1 98  ? -3.449  13.132  3.078   1.00 30.57 ? 98  GLU A N     1 
ATOM   689  C  CA    . GLU A 1 98  ? -3.841  14.196  3.997   1.00 34.73 ? 98  GLU A CA    1 
ATOM   690  C  C     . GLU A 1 98  ? -4.655  13.617  5.151   1.00 32.15 ? 98  GLU A C     1 
ATOM   691  O  O     . GLU A 1 98  ? -4.451  13.987  6.309   1.00 32.25 ? 98  GLU A O     1 
ATOM   692  C  CB    . GLU A 1 98  ? -4.567  15.340  3.281   1.00 33.01 ? 98  GLU A CB    1 
ATOM   693  C  CG    . GLU A 1 98  ? -3.739  16.021  2.173   1.00 46.55 ? 98  GLU A CG    1 
ATOM   694  C  CD    . GLU A 1 98  ? -2.346  16.491  2.616   1.00 62.61 ? 98  GLU A CD    1 
ATOM   695  O  OE1   . GLU A 1 98  ? -1.954  17.619  2.243   1.00 53.62 ? 98  GLU A OE1   1 
ATOM   696  O  OE2   . GLU A 1 98  ? -1.626  15.734  3.306   1.00 46.62 ? 98  GLU A OE2   1 
ATOM   697  N  N     . GLN A 1 99  ? -5.541  12.677  4.849   1.00 28.67 ? 99  GLN A N     1 
ATOM   698  C  CA    . GLN A 1 99  ? -6.296  12.020  5.900   1.00 28.02 ? 99  GLN A CA    1 
ATOM   699  C  C     . GLN A 1 99  ? -5.351  11.309  6.863   1.00 33.27 ? 99  GLN A C     1 
ATOM   700  O  O     . GLN A 1 99  ? -5.523  11.361  8.079   1.00 28.43 ? 99  GLN A O     1 
ATOM   701  C  CB    . GLN A 1 99  ? -7.319  11.042  5.323   1.00 31.21 ? 99  GLN A CB    1 
ATOM   702  C  CG    . GLN A 1 99  ? -8.173  10.343  6.365   1.00 42.17 ? 99  GLN A CG    1 
ATOM   703  C  CD    . GLN A 1 99  ? -9.222  9.441   5.744   1.00 52.20 ? 99  GLN A CD    1 
ATOM   704  O  OE1   . GLN A 1 99  ? -9.306  9.314   4.519   1.00 62.06 ? 99  GLN A OE1   1 
ATOM   705  N  NE2   . GLN A 1 99  ? -10.030 8.808   6.588   1.00 56.12 ? 99  GLN A NE2   1 
ATOM   706  N  N     . ILE A 1 100 ? -4.339  10.646  6.322   1.00 23.43 ? 100 ILE A N     1 
ATOM   707  C  CA    . ILE A 1 100 ? -3.391  9.943   7.172   1.00 20.48 ? 100 ILE A CA    1 
ATOM   708  C  C     . ILE A 1 100 ? -2.693  10.921  8.107   1.00 29.60 ? 100 ILE A C     1 
ATOM   709  O  O     . ILE A 1 100 ? -2.573  10.673  9.307   1.00 28.39 ? 100 ILE A O     1 
ATOM   710  C  CB    . ILE A 1 100 ? -2.330  9.209   6.336   1.00 26.97 ? 100 ILE A CB    1 
ATOM   711  C  CG1   . ILE A 1 100 ? -2.957  7.975   5.689   1.00 27.27 ? 100 ILE A CG1   1 
ATOM   712  C  CG2   . ILE A 1 100 ? -1.144  8.803   7.214   1.00 29.22 ? 100 ILE A CG2   1 
ATOM   713  C  CD1   . ILE A 1 100 ? -2.160  7.451   4.490   1.00 22.75 ? 100 ILE A CD1   1 
ATOM   714  N  N     A LYS A 1 101 ? -2.232  12.035  7.554   0.50 29.97 ? 101 LYS A N     1 
ATOM   715  N  N     B LYS A 1 101 ? -2.248  12.040  7.558   0.50 29.97 ? 101 LYS A N     1 
ATOM   716  C  CA    A LYS A 1 101 ? -1.504  13.017  8.348   0.50 30.70 ? 101 LYS A CA    1 
ATOM   717  C  CA    B LYS A 1 101 ? -1.513  13.015  8.349   0.50 30.70 ? 101 LYS A CA    1 
ATOM   718  C  C     A LYS A 1 101 ? -2.413  13.711  9.357   0.50 30.59 ? 101 LYS A C     1 
ATOM   719  C  C     B LYS A 1 101 ? -2.415  13.711  9.358   0.50 30.60 ? 101 LYS A C     1 
ATOM   720  O  O     A LYS A 1 101 ? -1.970  14.083  10.443  0.50 31.12 ? 101 LYS A O     1 
ATOM   721  O  O     B LYS A 1 101 ? -1.968  14.085  10.444  0.50 31.12 ? 101 LYS A O     1 
ATOM   722  C  CB    A LYS A 1 101 ? -0.799  14.034  7.452   0.50 32.04 ? 101 LYS A CB    1 
ATOM   723  C  CB    B LYS A 1 101 ? -0.829  14.027  7.440   0.50 32.02 ? 101 LYS A CB    1 
ATOM   724  C  CG    A LYS A 1 101 ? 0.435   13.466  6.777   0.50 33.13 ? 101 LYS A CG    1 
ATOM   725  C  CG    B LYS A 1 101 ? 0.123   13.360  6.481   0.50 33.72 ? 101 LYS A CG    1 
ATOM   726  C  CD    A LYS A 1 101 ? 1.108   14.469  5.865   0.50 36.22 ? 101 LYS A CD    1 
ATOM   727  C  CD    B LYS A 1 101 ? 1.148   14.319  5.955   0.50 36.13 ? 101 LYS A CD    1 
ATOM   728  C  CE    A LYS A 1 101 ? 2.395   13.883  5.313   0.50 36.37 ? 101 LYS A CE    1 
ATOM   729  C  CE    B LYS A 1 101 ? 2.350   13.550  5.459   0.50 35.90 ? 101 LYS A CE    1 
ATOM   730  N  NZ    A LYS A 1 101 ? 3.115   14.807  4.395   0.50 33.66 ? 101 LYS A NZ    1 
ATOM   731  N  NZ    B LYS A 1 101 ? 3.525   14.440  5.319   0.50 43.76 ? 101 LYS A NZ    1 
ATOM   732  N  N     . ARG A 1 102 ? -3.680  13.880  8.994   1.00 29.99 ? 102 ARG A N     1 
ATOM   733  C  CA    . ARG A 1 102 ? -4.667  14.425  9.925   1.00 30.51 ? 102 ARG A CA    1 
ATOM   734  C  C     . ARG A 1 102 ? -4.798  13.473  11.116  1.00 37.95 ? 102 ARG A C     1 
ATOM   735  O  O     . ARG A 1 102 ? -4.668  13.881  12.260  1.00 30.29 ? 102 ARG A O     1 
ATOM   736  C  CB    . ARG A 1 102 ? -6.014  14.630  9.237   1.00 33.06 ? 102 ARG A CB    1 
ATOM   737  C  CG    . ARG A 1 102 ? -7.059  15.353  10.062  1.00 47.15 ? 102 ARG A CG    1 
ATOM   738  C  CD    . ARG A 1 102 ? -8.478  15.024  9.590   1.00 53.17 ? 102 ARG A CD    1 
ATOM   739  N  NE    . ARG A 1 102 ? -9.000  13.816  10.230  1.00 57.90 ? 102 ARG A NE    1 
ATOM   740  C  CZ    . ARG A 1 102 ? -10.284 13.609  10.512  1.00 62.10 ? 102 ARG A CZ    1 
ATOM   741  N  NH1   . ARG A 1 102 ? -11.189 14.528  10.210  1.00 52.70 ? 102 ARG A NH1   1 
ATOM   742  N  NH2   . ARG A 1 102 ? -10.665 12.483  11.104  1.00 57.45 ? 102 ARG A NH2   1 
ATOM   743  N  N     . VAL A 1 103 ? -5.024  12.192  10.865  1.00 27.78 ? 103 VAL A N     1 
ATOM   744  C  CA    . VAL A 1 103 ? -5.187  11.263  11.982  1.00 29.11 ? 103 VAL A CA    1 
ATOM   745  C  C     . VAL A 1 103 ? -3.897  11.055  12.788  1.00 30.16 ? 103 VAL A C     1 
ATOM   746  O  O     . VAL A 1 103 ? -3.953  10.874  14.002  1.00 29.87 ? 103 VAL A O     1 
ATOM   747  C  CB    . VAL A 1 103 ? -5.788  9.898   11.545  1.00 36.12 ? 103 VAL A CB    1 
ATOM   748  C  CG1   . VAL A 1 103 ? -7.202  10.082  11.027  1.00 34.87 ? 103 VAL A CG1   1 
ATOM   749  C  CG2   . VAL A 1 103 ? -4.912  9.244   10.502  1.00 43.28 ? 103 VAL A CG2   1 
ATOM   750  N  N     . LYS A 1 104 ? -2.738  11.101  12.138  1.00 27.16 ? 104 LYS A N     1 
ATOM   751  C  CA    . LYS A 1 104 ? -1.482  10.858  12.852  1.00 25.85 ? 104 LYS A CA    1 
ATOM   752  C  C     . LYS A 1 104 ? -0.925  12.136  13.486  1.00 35.67 ? 104 LYS A C     1 
ATOM   753  O  O     . LYS A 1 104 ? -0.016  12.084  14.325  1.00 33.55 ? 104 LYS A O     1 
ATOM   754  C  CB    . LYS A 1 104 ? -0.438  10.234  11.929  1.00 34.08 ? 104 LYS A CB    1 
ATOM   755  C  CG    . LYS A 1 104 ? -0.849  8.887   11.353  1.00 29.33 ? 104 LYS A CG    1 
ATOM   756  C  CD    . LYS A 1 104 ? -1.104  7.836   12.443  1.00 30.84 ? 104 LYS A CD    1 
ATOM   757  C  CE    . LYS A 1 104 ? 0.171   7.462   13.183  1.00 49.22 ? 104 LYS A CE    1 
ATOM   758  N  NZ    . LYS A 1 104 ? 0.011   6.202   13.974  1.00 41.95 ? 104 LYS A NZ    1 
ATOM   759  N  N     . ASP A 1 105 ? -1.467  13.276  13.070  1.00 32.69 ? 105 ASP A N     1 
ATOM   760  C  CA    . ASP A 1 105 ? -1.032  14.573  13.583  1.00 35.88 ? 105 ASP A CA    1 
ATOM   761  C  C     . ASP A 1 105 ? 0.444   14.828  13.385  1.00 40.24 ? 105 ASP A C     1 
ATOM   762  O  O     . ASP A 1 105 ? 1.115   15.411  14.240  1.00 38.27 ? 105 ASP A O     1 
ATOM   763  C  CB    . ASP A 1 105 ? -1.386  14.690  15.058  1.00 38.39 ? 105 ASP A CB    1 
ATOM   764  C  CG    . ASP A 1 105 ? -2.839  14.939  15.261  1.00 37.23 ? 105 ASP A CG    1 
ATOM   765  O  OD1   . ASP A 1 105 ? -3.221  16.130  15.331  1.00 59.26 ? 105 ASP A OD1   1 
ATOM   766  O  OD2   . ASP A 1 105 ? -3.611  13.959  15.316  1.00 29.62 ? 105 ASP A OD2   1 
ATOM   767  N  N     . SER A 1 106 ? 0.944   14.390  12.240  1.00 34.21 ? 106 SER A N     1 
ATOM   768  C  CA    . SER A 1 106 ? 2.343   14.531  11.913  1.00 32.17 ? 106 SER A CA    1 
ATOM   769  C  C     . SER A 1 106 ? 2.492   14.385  10.411  1.00 36.69 ? 106 SER A C     1 
ATOM   770  O  O     . SER A 1 106 ? 1.634   13.786  9.748   1.00 32.66 ? 106 SER A O     1 
ATOM   771  C  CB    . SER A 1 106 ? 3.156   13.455  12.627  1.00 39.04 ? 106 SER A CB    1 
ATOM   772  O  OG    . SER A 1 106 ? 4.515   13.510  12.241  1.00 39.84 ? 106 SER A OG    1 
ATOM   773  N  N     . ASP A 1 107 ? 3.570   14.944  9.874   1.00 37.13 ? 107 ASP A N     1 
ATOM   774  C  CA    . ASP A 1 107 ? 3.898   14.743  8.471   1.00 36.80 ? 107 ASP A CA    1 
ATOM   775  C  C     . ASP A 1 107 ? 5.017   13.719  8.342   1.00 38.22 ? 107 ASP A C     1 
ATOM   776  O  O     . ASP A 1 107 ? 5.421   13.362  7.237   1.00 42.09 ? 107 ASP A O     1 
ATOM   777  C  CB    . ASP A 1 107 ? 4.296   16.058  7.797   1.00 39.50 ? 107 ASP A CB    1 
ATOM   778  C  CG    . ASP A 1 107 ? 5.526   16.685  8.422   1.00 51.99 ? 107 ASP A CG    1 
ATOM   779  O  OD1   . ASP A 1 107 ? 5.796   16.414  9.609   1.00 52.91 ? 107 ASP A OD1   1 
ATOM   780  O  OD2   . ASP A 1 107 ? 6.225   17.449  7.723   1.00 58.55 ? 107 ASP A OD2   1 
ATOM   781  N  N     . ASP A 1 108 ? 5.509   13.245  9.482   1.00 33.30 ? 108 ASP A N     1 
ATOM   782  C  CA    . ASP A 1 108 ? 6.602   12.286  9.493   1.00 37.78 ? 108 ASP A CA    1 
ATOM   783  C  C     . ASP A 1 108 ? 6.057   10.868  9.627   1.00 38.44 ? 108 ASP A C     1 
ATOM   784  O  O     . ASP A 1 108 ? 6.273   10.192  10.638  1.00 38.24 ? 108 ASP A O     1 
ATOM   785  C  CB    . ASP A 1 108 ? 7.588   12.601  10.624  1.00 42.64 ? 108 ASP A CB    1 
ATOM   786  C  CG    . ASP A 1 108 ? 8.969   12.038  10.356  1.00 57.12 ? 108 ASP A CG    1 
ATOM   787  O  OD1   . ASP A 1 108 ? 9.778   11.954  11.304  1.00 69.72 ? 108 ASP A OD1   1 
ATOM   788  O  OD2   . ASP A 1 108 ? 9.244   11.676  9.189   1.00 59.17 ? 108 ASP A OD2   1 
ATOM   789  N  N     . VAL A 1 109 ? 5.324   10.435  8.604   1.00 32.01 ? 109 VAL A N     1 
ATOM   790  C  CA    . VAL A 1 109 ? 4.682   9.125   8.609   1.00 26.92 ? 109 VAL A CA    1 
ATOM   791  C  C     . VAL A 1 109 ? 5.270   8.276   7.485   1.00 24.18 ? 109 VAL A C     1 
ATOM   792  O  O     . VAL A 1 109 ? 5.250   8.707   6.326   1.00 28.01 ? 109 VAL A O     1 
ATOM   793  C  CB    . VAL A 1 109 ? 3.166   9.270   8.382   1.00 24.76 ? 109 VAL A CB    1 
ATOM   794  C  CG1   . VAL A 1 109 ? 2.473   7.935   8.546   1.00 27.64 ? 109 VAL A CG1   1 
ATOM   795  C  CG2   . VAL A 1 109 ? 2.581   10.304  9.365   1.00 29.75 ? 109 VAL A CG2   1 
ATOM   796  N  N     . PRO A 1 110 ? 5.791   7.077   7.821   1.00 23.15 ? 110 PRO A N     1 
ATOM   797  C  CA    . PRO A 1 110 ? 6.356   6.182   6.802   1.00 18.95 ? 110 PRO A CA    1 
ATOM   798  C  C     . PRO A 1 110 ? 5.263   5.806   5.802   1.00 22.04 ? 110 PRO A C     1 
ATOM   799  O  O     . PRO A 1 110 ? 4.171   5.373   6.208   1.00 19.98 ? 110 PRO A O     1 
ATOM   800  C  CB    . PRO A 1 110 ? 6.779   4.941   7.606   1.00 22.61 ? 110 PRO A CB    1 
ATOM   801  C  CG    . PRO A 1 110 ? 6.939   5.446   9.032   1.00 25.42 ? 110 PRO A CG    1 
ATOM   802  C  CD    . PRO A 1 110 ? 5.845   6.477   9.167   1.00 21.85 ? 110 PRO A CD    1 
ATOM   803  N  N     . MET A 1 111 ? 5.566   5.968   4.518   1.00 21.88 ? 111 MET A N     1 
ATOM   804  C  CA    . MET A 1 111 ? 4.626   5.608   3.467   1.00 21.87 ? 111 MET A CA    1 
ATOM   805  C  C     . MET A 1 111 ? 5.371   5.100   2.244   1.00 19.16 ? 111 MET A C     1 
ATOM   806  O  O     . MET A 1 111 ? 6.552   5.417   2.031   1.00 19.39 ? 111 MET A O     1 
ATOM   807  C  CB    . MET A 1 111 ? 3.754   6.809   3.065   1.00 21.46 ? 111 MET A CB    1 
ATOM   808  C  CG    . MET A 1 111 ? 2.841   7.348   4.155   1.00 27.06 ? 111 MET A CG    1 
ATOM   809  S  SD    . MET A 1 111 ? 1.730   8.598   3.460   1.00 32.48 ? 111 MET A SD    1 
ATOM   810  C  CE    . MET A 1 111 ? 2.005   8.356   1.702   1.00 29.02 ? 111 MET A CE    1 
ATOM   811  N  N     . VAL A 1 112 ? 4.671   4.285   1.455   1.00 16.94 ? 112 VAL A N     1 
ATOM   812  C  CA    . VAL A 1 112 ? 5.121   3.921   0.116   1.00 16.51 ? 112 VAL A CA    1 
ATOM   813  C  C     . VAL A 1 112 ? 3.930   4.171   -0.819  1.00 20.53 ? 112 VAL A C     1 
ATOM   814  O  O     . VAL A 1 112 ? 2.799   3.844   -0.479  1.00 18.69 ? 112 VAL A O     1 
ATOM   815  C  CB    . VAL A 1 112 ? 5.529   2.434   0.052   1.00 19.16 ? 112 VAL A CB    1 
ATOM   816  C  CG1   . VAL A 1 112 ? 5.839   1.996   -1.387  1.00 21.04 ? 112 VAL A CG1   1 
ATOM   817  C  CG2   . VAL A 1 112 ? 6.744   2.185   0.966   1.00 18.92 ? 112 VAL A CG2   1 
ATOM   818  N  N     . LEU A 1 113 ? 4.197   4.738   -1.991  1.00 16.65 ? 113 LEU A N     1 
ATOM   819  C  CA    . LEU A 1 113 ? 3.161   4.904   -3.026  1.00 15.61 ? 113 LEU A CA    1 
ATOM   820  C  C     . LEU A 1 113 ? 3.174   3.671   -3.940  1.00 16.79 ? 113 LEU A C     1 
ATOM   821  O  O     . LEU A 1 113 ? 4.231   3.264   -4.414  1.00 17.42 ? 113 LEU A O     1 
ATOM   822  C  CB    . LEU A 1 113 ? 3.466   6.137   -3.872  1.00 16.07 ? 113 LEU A CB    1 
ATOM   823  C  CG    . LEU A 1 113 ? 2.461   6.403   -4.998  1.00 16.60 ? 113 LEU A CG    1 
ATOM   824  C  CD1   . LEU A 1 113 ? 1.155   6.813   -4.363  1.00 18.36 ? 113 LEU A CD1   1 
ATOM   825  C  CD2   . LEU A 1 113 ? 2.978   7.514   -5.913  1.00 18.01 ? 113 LEU A CD2   1 
ATOM   826  N  N     . VAL A 1 114 ? 2.010   3.066   -4.171  1.00 14.80 ? 114 VAL A N     1 
ATOM   827  C  CA    . VAL A 1 114 ? 1.941   1.819   -4.936  1.00 13.93 ? 114 VAL A CA    1 
ATOM   828  C  C     . VAL A 1 114 ? 1.008   1.988   -6.108  1.00 14.48 ? 114 VAL A C     1 
ATOM   829  O  O     . VAL A 1 114 ? -0.142  2.393   -5.932  1.00 16.28 ? 114 VAL A O     1 
ATOM   830  C  CB    . VAL A 1 114 ? 1.420   0.659   -4.057  1.00 15.61 ? 114 VAL A CB    1 
ATOM   831  C  CG1   . VAL A 1 114 ? 1.183   -0.600  -4.882  1.00 18.36 ? 114 VAL A CG1   1 
ATOM   832  C  CG2   . VAL A 1 114 ? 2.402   0.404   -2.895  1.00 19.30 ? 114 VAL A CG2   1 
ATOM   833  N  N     . GLY A 1 115 ? 1.519   1.703   -7.300  1.00 13.99 ? 115 GLY A N     1 
ATOM   834  C  CA    . GLY A 1 115 ? 0.684   1.721   -8.494  1.00 13.32 ? 115 GLY A CA    1 
ATOM   835  C  C     . GLY A 1 115 ? 0.398   0.284   -8.885  1.00 14.34 ? 115 GLY A C     1 
ATOM   836  O  O     . GLY A 1 115 ? 1.266   -0.405  -9.440  1.00 15.15 ? 115 GLY A O     1 
ATOM   837  N  N     . ASN A 1 116 ? -0.821  -0.148  -8.581  1.00 15.57 ? 116 ASN A N     1 
ATOM   838  C  CA    . ASN A 1 116 ? -1.237  -1.532  -8.773  1.00 16.17 ? 116 ASN A CA    1 
ATOM   839  C  C     . ASN A 1 116 ? -1.874  -1.778  -10.138 1.00 19.85 ? 116 ASN A C     1 
ATOM   840  O  O     . ASN A 1 116 ? -2.180  -0.844  -10.883 1.00 16.40 ? 116 ASN A O     1 
ATOM   841  C  CB    . ASN A 1 116 ? -2.176  -1.974  -7.638  1.00 16.93 ? 116 ASN A CB    1 
ATOM   842  C  CG    . ASN A 1 116 ? -2.405  -3.484  -7.616  1.00 16.08 ? 116 ASN A CG    1 
ATOM   843  O  OD1   . ASN A 1 116 ? -1.465  -4.275  -7.762  1.00 16.16 ? 116 ASN A OD1   1 
ATOM   844  N  ND2   . ASN A 1 116 ? -3.650  -3.879  -7.459  1.00 16.91 ? 116 ASN A ND2   1 
ATOM   845  N  N     . LYS A 1 117 ? -2.042  -3.053  -10.446 1.00 18.75 ? 117 LYS A N     1 
ATOM   846  C  CA    . LYS A 1 117 ? -2.587  -3.527  -11.716 1.00 19.48 ? 117 LYS A CA    1 
ATOM   847  C  C     . LYS A 1 117 ? -1.649  -3.298  -12.899 1.00 19.56 ? 117 LYS A C     1 
ATOM   848  O  O     . LYS A 1 117 ? -2.101  -3.077  -14.018 1.00 21.52 ? 117 LYS A O     1 
ATOM   849  C  CB    . LYS A 1 117 ? -3.978  -2.951  -11.970 1.00 18.52 ? 117 LYS A CB    1 
ATOM   850  C  CG    . LYS A 1 117 ? -4.910  -3.103  -10.758 1.00 16.39 ? 117 LYS A CG    1 
ATOM   851  C  CD    . LYS A 1 117 ? -6.366  -2.979  -11.192 1.00 18.20 ? 117 LYS A CD    1 
ATOM   852  C  CE    . LYS A 1 117 ? -7.315  -2.966  -10.000 1.00 19.19 ? 117 LYS A CE    1 
ATOM   853  N  NZ    . LYS A 1 117 ? -8.758  -2.835  -10.454 1.00 20.65 ? 117 LYS A NZ    1 
ATOM   854  N  N     . CYS A 1 118 ? -0.345  -3.384  -12.661 1.00 18.65 ? 118 CYS A N     1 
ATOM   855  C  CA    . CYS A 1 118 ? 0.624   -3.152  -13.742 1.00 22.10 ? 118 CYS A CA    1 
ATOM   856  C  C     . CYS A 1 118 ? 0.625   -4.254  -14.810 1.00 24.00 ? 118 CYS A C     1 
ATOM   857  O  O     . CYS A 1 118 ? 1.315   -4.139  -15.818 1.00 27.04 ? 118 CYS A O     1 
ATOM   858  C  CB    . CYS A 1 118 ? 2.042   -2.887  -13.208 1.00 21.07 ? 118 CYS A CB    1 
ATOM   859  S  SG    . CYS A 1 118 ? 2.877   -4.362  -12.504 1.00 25.32 ? 118 CYS A SG    1 
ATOM   860  N  N     . ASP A 1 119 ? -0.152  -5.309  -14.598 1.00 21.58 ? 119 ASP A N     1 
ATOM   861  C  CA    . ASP A 1 119 ? -0.330  -6.335  -15.625 1.00 24.17 ? 119 ASP A CA    1 
ATOM   862  C  C     . ASP A 1 119 ? -1.333  -5.903  -16.691 1.00 26.28 ? 119 ASP A C     1 
ATOM   863  O  O     . ASP A 1 119 ? -1.446  -6.560  -17.738 1.00 26.70 ? 119 ASP A O     1 
ATOM   864  C  CB    . ASP A 1 119 ? -0.806  -7.635  -14.983 1.00 23.10 ? 119 ASP A CB    1 
ATOM   865  C  CG    . ASP A 1 119 ? -2.118  -7.455  -14.260 1.00 23.91 ? 119 ASP A CG    1 
ATOM   866  O  OD1   . ASP A 1 119 ? -2.107  -6.859  -13.156 1.00 20.96 ? 119 ASP A OD1   1 
ATOM   867  O  OD2   . ASP A 1 119 ? -3.156  -7.860  -14.814 1.00 24.10 ? 119 ASP A OD2   1 
ATOM   868  N  N     . LEU A 1 120 ? -2.072  -4.819  -16.431 1.00 24.65 ? 120 LEU A N     1 
ATOM   869  C  CA    . LEU A 1 120 ? -3.071  -4.311  -17.391 1.00 25.65 ? 120 LEU A CA    1 
ATOM   870  C  C     . LEU A 1 120 ? -2.507  -3.254  -18.336 1.00 28.76 ? 120 LEU A C     1 
ATOM   871  O  O     . LEU A 1 120 ? -1.645  -2.466  -17.964 1.00 28.14 ? 120 LEU A O     1 
ATOM   872  C  CB    . LEU A 1 120 ? -4.275  -3.700  -16.671 1.00 26.18 ? 120 LEU A CB    1 
ATOM   873  C  CG    . LEU A 1 120 ? -5.159  -4.569  -15.779 1.00 27.20 ? 120 LEU A CG    1 
ATOM   874  C  CD1   . LEU A 1 120 ? -6.244  -3.688  -15.183 1.00 34.57 ? 120 LEU A CD1   1 
ATOM   875  C  CD2   . LEU A 1 120 ? -5.770  -5.719  -16.557 1.00 30.16 ? 120 LEU A CD2   1 
ATOM   876  N  N     . ALA A 1 121 ? -3.045  -3.194  -19.550 1.00 29.03 ? 121 ALA A N     1 
ATOM   877  C  CA    . ALA A 1 121 ? -2.456  -2.330  -20.570 1.00 28.97 ? 121 ALA A CA    1 
ATOM   878  C  C     . ALA A 1 121 ? -3.149  -0.989  -20.753 1.00 36.93 ? 121 ALA A C     1 
ATOM   879  O  O     . ALA A 1 121 ? -2.656  -0.134  -21.487 1.00 38.89 ? 121 ALA A O     1 
ATOM   880  C  CB    . ALA A 1 121 ? -2.386  -3.070  -21.900 1.00 39.54 ? 121 ALA A CB    1 
ATOM   881  N  N     . ALA A 1 122 ? -4.297  -0.798  -20.115 1.00 32.86 ? 122 ALA A N     1 
ATOM   882  C  CA    . ALA A 1 122 ? -5.011  0.466   -20.261 1.00 36.48 ? 122 ALA A CA    1 
ATOM   883  C  C     . ALA A 1 122 ? -4.433  1.524   -19.317 1.00 35.42 ? 122 ALA A C     1 
ATOM   884  O  O     . ALA A 1 122 ? -5.170  2.154   -18.558 1.00 36.80 ? 122 ALA A O     1 
ATOM   885  C  CB    . ALA A 1 122 ? -6.497  0.271   -20.005 1.00 36.40 ? 122 ALA A CB    1 
ATOM   886  N  N     . ARG A 1 123 ? -3.116  1.717   -19.367 1.00 32.69 ? 123 ARG A N     1 
ATOM   887  C  CA    . ARG A 1 123 ? -2.456  2.627   -18.438 1.00 28.29 ? 123 ARG A CA    1 
ATOM   888  C  C     . ARG A 1 123 ? -2.838  4.073   -18.720 1.00 27.17 ? 123 ARG A C     1 
ATOM   889  O  O     . ARG A 1 123 ? -2.741  4.536   -19.851 1.00 29.35 ? 123 ARG A O     1 
ATOM   890  C  CB    . ARG A 1 123 ? -0.931  2.474   -18.509 1.00 32.88 ? 123 ARG A CB    1 
ATOM   891  C  CG    . ARG A 1 123 ? -0.171  3.523   -17.711 1.00 32.68 ? 123 ARG A CG    1 
ATOM   892  C  CD    . ARG A 1 123 ? 1.354   3.356   -17.831 1.00 30.17 ? 123 ARG A CD    1 
ATOM   893  N  NE    . ARG A 1 123 ? 1.831   2.076   -17.319 1.00 34.89 ? 123 ARG A NE    1 
ATOM   894  C  CZ    . ARG A 1 123 ? 2.334   1.888   -16.099 1.00 28.32 ? 123 ARG A CZ    1 
ATOM   895  N  NH1   . ARG A 1 123 ? 2.747   0.679   -15.738 1.00 28.08 ? 123 ARG A NH1   1 
ATOM   896  N  NH2   . ARG A 1 123 ? 2.418   2.894   -15.242 1.00 24.29 ? 123 ARG A NH2   1 
ATOM   897  N  N     . THR A 1 124 ? -3.276  4.786   -17.689 1.00 21.07 ? 124 THR A N     1 
ATOM   898  C  CA    . THR A 1 124 ? -3.518  6.214   -17.816 1.00 21.13 ? 124 THR A CA    1 
ATOM   899  C  C     . THR A 1 124 ? -2.684  7.015   -16.830 1.00 25.50 ? 124 THR A C     1 
ATOM   900  O  O     . THR A 1 124 ? -2.643  8.229   -16.896 1.00 25.64 ? 124 THR A O     1 
ATOM   901  C  CB    . THR A 1 124 ? -5.008  6.575   -17.616 1.00 21.51 ? 124 THR A CB    1 
ATOM   902  O  OG1   . THR A 1 124 ? -5.442  6.121   -16.328 1.00 22.29 ? 124 THR A OG1   1 
ATOM   903  C  CG2   . THR A 1 124 ? -5.871  5.930   -18.706 1.00 21.36 ? 124 THR A CG2   1 
ATOM   904  N  N     . VAL A 1 125 ? -2.029  6.335   -15.896 1.00 23.37 ? 125 VAL A N     1 
ATOM   905  C  CA    . VAL A 1 125 ? -1.067  7.011   -15.031 1.00 21.21 ? 125 VAL A CA    1 
ATOM   906  C  C     . VAL A 1 125 ? 0.337   6.556   -15.431 1.00 21.79 ? 125 VAL A C     1 
ATOM   907  O  O     . VAL A 1 125 ? 0.674   5.393   -15.278 1.00 23.40 ? 125 VAL A O     1 
ATOM   908  C  CB    . VAL A 1 125 ? -1.306  6.687   -13.541 1.00 20.51 ? 125 VAL A CB    1 
ATOM   909  C  CG1   . VAL A 1 125 ? -0.412  7.588   -12.684 1.00 21.77 ? 125 VAL A CG1   1 
ATOM   910  C  CG2   . VAL A 1 125 ? -2.786  6.874   -13.183 1.00 22.65 ? 125 VAL A CG2   1 
ATOM   911  N  N     . GLU A 1 126 ? 1.126   7.465   -15.994 1.00 26.77 ? 126 GLU A N     1 
ATOM   912  C  CA    . GLU A 1 126 ? 2.462   7.113   -16.454 1.00 32.01 ? 126 GLU A CA    1 
ATOM   913  C  C     . GLU A 1 126 ? 3.419   6.998   -15.270 1.00 24.90 ? 126 GLU A C     1 
ATOM   914  O  O     . GLU A 1 126 ? 3.283   7.728   -14.292 1.00 22.70 ? 126 GLU A O     1 
ATOM   915  C  CB    . GLU A 1 126 ? 2.966   8.135   -17.471 1.00 38.37 ? 126 GLU A CB    1 
ATOM   916  C  CG    . GLU A 1 126 ? 2.092   8.227   -18.726 1.00 42.72 ? 126 GLU A CG    1 
ATOM   917  C  CD    . GLU A 1 126 ? 1.281   9.515   -18.803 1.00 55.40 ? 126 GLU A CD    1 
ATOM   918  O  OE1   . GLU A 1 126 ? 0.224   9.611   -18.139 1.00 47.46 ? 126 GLU A OE1   1 
ATOM   919  O  OE2   . GLU A 1 126 ? 1.695   10.432  -19.545 1.00 60.68 ? 126 GLU A OE2   1 
ATOM   920  N  N     . SER A 1 127 ? 4.379   6.084   -15.362 1.00 28.93 ? 127 SER A N     1 
ATOM   921  C  CA    . SER A 1 127 ? 5.340   5.876   -14.270 1.00 25.74 ? 127 SER A CA    1 
ATOM   922  C  C     . SER A 1 127 ? 5.941   7.182   -13.788 1.00 26.55 ? 127 SER A C     1 
ATOM   923  O  O     . SER A 1 127 ? 6.032   7.429   -12.591 1.00 24.61 ? 127 SER A O     1 
ATOM   924  C  CB    . SER A 1 127 ? 6.474   4.950   -14.707 1.00 28.02 ? 127 SER A CB    1 
ATOM   925  O  OG    . SER A 1 127 ? 7.452   4.825   -13.678 1.00 33.27 ? 127 SER A OG    1 
ATOM   926  N  N     . ARG A 1 128 ? 6.382   8.022   -14.721 1.00 26.72 ? 128 ARG A N     1 
ATOM   927  C  CA    . ARG A 1 128 ? 7.038   9.264   -14.343 1.00 30.12 ? 128 ARG A CA    1 
ATOM   928  C  C     . ARG A 1 128 ? 6.149   10.184  -13.507 1.00 27.22 ? 128 ARG A C     1 
ATOM   929  O  O     . ARG A 1 128 ? 6.632   10.861  -12.609 1.00 28.20 ? 128 ARG A O     1 
ATOM   930  C  CB    . ARG A 1 128 ? 7.566   9.998   -15.581 1.00 34.84 ? 128 ARG A CB    1 
ATOM   931  C  CG    . ARG A 1 128 ? 8.372   11.238  -15.254 1.00 43.11 ? 128 ARG A CG    1 
ATOM   932  C  CD    . ARG A 1 128 ? 9.575   10.905  -14.392 1.00 49.64 ? 128 ARG A CD    1 
ATOM   933  N  NE    . ARG A 1 128 ? 10.314  12.106  -14.011 1.00 56.81 ? 128 ARG A NE    1 
ATOM   934  C  CZ    . ARG A 1 128 ? 11.324  12.122  -13.147 1.00 60.26 ? 128 ARG A CZ    1 
ATOM   935  N  NH1   . ARG A 1 128 ? 11.721  10.998  -12.561 1.00 56.53 ? 128 ARG A NH1   1 
ATOM   936  N  NH2   . ARG A 1 128 ? 11.936  13.265  -12.864 1.00 58.24 ? 128 ARG A NH2   1 
ATOM   937  N  N     . GLN A 1 129 ? 4.850   10.221  -13.803 1.00 25.28 ? 129 GLN A N     1 
ATOM   938  C  CA    . GLN A 1 129 ? 3.926   11.025  -13.015 1.00 25.42 ? 129 GLN A CA    1 
ATOM   939  C  C     . GLN A 1 129 ? 3.866   10.546  -11.569 1.00 21.37 ? 129 GLN A C     1 
ATOM   940  O  O     . GLN A 1 129 ? 3.868   11.352  -10.639 1.00 24.31 ? 129 GLN A O     1 
ATOM   941  C  CB    . GLN A 1 129 ? 2.517   11.017  -13.635 1.00 28.48 ? 129 GLN A CB    1 
ATOM   942  C  CG    . GLN A 1 129 ? 2.393   11.927  -14.854 1.00 35.52 ? 129 GLN A CG    1 
ATOM   943  C  CD    . GLN A 1 129 ? 0.965   12.064  -15.370 1.00 42.41 ? 129 GLN A CD    1 
ATOM   944  O  OE1   . GLN A 1 129 ? 0.064   11.340  -14.946 1.00 37.96 ? 129 GLN A OE1   1 
ATOM   945  N  NE2   . GLN A 1 129 ? 0.756   13.010  -16.284 1.00 45.96 ? 129 GLN A NE2   1 
ATOM   946  N  N     . ALA A 1 130 ? 3.803   9.229   -11.393 1.00 23.88 ? 130 ALA A N     1 
ATOM   947  C  CA    . ALA A 1 130 ? 3.772   8.645   -10.055 1.00 21.32 ? 130 ALA A CA    1 
ATOM   948  C  C     . ALA A 1 130 ? 5.112   8.846   -9.341  1.00 20.88 ? 130 ALA A C     1 
ATOM   949  O  O     . ALA A 1 130 ? 5.152   9.175   -8.154  1.00 20.85 ? 130 ALA A O     1 
ATOM   950  C  CB    . ALA A 1 130 ? 3.423   7.152   -10.132 1.00 19.50 ? 130 ALA A CB    1 
ATOM   951  N  N     . GLN A 1 131 ? 6.213   8.646   -10.056 1.00 23.36 ? 131 GLN A N     1 
ATOM   952  C  CA    . GLN A 1 131 ? 7.529   8.907   -9.457  1.00 20.94 ? 131 GLN A CA    1 
ATOM   953  C  C     . GLN A 1 131 ? 7.625   10.333  -8.943  1.00 24.66 ? 131 GLN A C     1 
ATOM   954  O  O     . GLN A 1 131 ? 8.193   10.574  -7.879  1.00 24.79 ? 131 GLN A O     1 
ATOM   955  C  CB    . GLN A 1 131 ? 8.646   8.701   -10.477 1.00 21.65 ? 131 GLN A CB    1 
ATOM   956  C  CG    . GLN A 1 131 ? 8.795   7.289   -10.978 1.00 22.77 ? 131 GLN A CG    1 
ATOM   957  C  CD    . GLN A 1 131 ? 9.901   7.209   -12.015 1.00 26.50 ? 131 GLN A CD    1 
ATOM   958  O  OE1   . GLN A 1 131 ? 10.902  7.919   -11.914 1.00 31.81 ? 131 GLN A OE1   1 
ATOM   959  N  NE2   . GLN A 1 131 ? 9.721   6.357   -13.018 1.00 24.45 ? 131 GLN A NE2   1 
ATOM   960  N  N     . ASP A 1 132 ? 7.104   11.286  -9.716  1.00 23.88 ? 132 ASP A N     1 
ATOM   961  C  CA    . ASP A 1 132 ? 7.184   12.693  -9.318  1.00 27.43 ? 132 ASP A CA    1 
ATOM   962  C  C     . ASP A 1 132 ? 6.340   12.959  -8.073  1.00 24.48 ? 132 ASP A C     1 
ATOM   963  O  O     . ASP A 1 132 ? 6.733   13.735  -7.199  1.00 23.98 ? 132 ASP A O     1 
ATOM   964  C  CB    . ASP A 1 132 ? 6.731   13.631  -10.441 1.00 27.40 ? 132 ASP A CB    1 
ATOM   965  C  CG    . ASP A 1 132 ? 7.706   13.674  -11.618 1.00 41.95 ? 132 ASP A CG    1 
ATOM   966  O  OD1   . ASP A 1 132 ? 8.897   13.320  -11.449 1.00 48.12 ? 132 ASP A OD1   1 
ATOM   967  O  OD2   . ASP A 1 132 ? 7.267   14.076  -12.719 1.00 51.35 ? 132 ASP A OD2   1 
ATOM   968  N  N     . LEU A 1 133 ? 5.168   12.329  -7.998  1.00 20.44 ? 133 LEU A N     1 
ATOM   969  C  CA    . LEU A 1 133 ? 4.333   12.445  -6.814  1.00 21.73 ? 133 LEU A CA    1 
ATOM   970  C  C     . LEU A 1 133 ? 5.084   11.910  -5.585  1.00 24.84 ? 133 LEU A C     1 
ATOM   971  O  O     . LEU A 1 133 ? 5.164   12.576  -4.552  1.00 24.73 ? 133 LEU A O     1 
ATOM   972  C  CB    . LEU A 1 133 ? 3.020   11.676  -6.994  1.00 20.99 ? 133 LEU A CB    1 
ATOM   973  C  CG    . LEU A 1 133 ? 2.060   11.776  -5.806  1.00 26.75 ? 133 LEU A CG    1 
ATOM   974  C  CD1   . LEU A 1 133 ? 1.778   13.229  -5.444  1.00 26.04 ? 133 LEU A CD1   1 
ATOM   975  C  CD2   . LEU A 1 133 ? 0.749   11.022  -6.067  1.00 23.71 ? 133 LEU A CD2   1 
ATOM   976  N  N     . ALA A 1 134 ? 5.614   10.692  -5.697  1.00 22.68 ? 134 ALA A N     1 
ATOM   977  C  CA    . ALA A 1 134 ? 6.374   10.082  -4.604  1.00 18.15 ? 134 ALA A CA    1 
ATOM   978  C  C     . ALA A 1 134 ? 7.560   10.949  -4.202  1.00 22.47 ? 134 ALA A C     1 
ATOM   979  O  O     . ALA A 1 134 ? 7.808   11.153  -3.024  1.00 24.79 ? 134 ALA A O     1 
ATOM   980  C  CB    . ALA A 1 134 ? 6.865   8.668   -4.998  1.00 21.69 ? 134 ALA A CB    1 
ATOM   981  N  N     . ARG A 1 135 ? 8.280   11.458  -5.192  1.00 22.99 ? 135 ARG A N     1 
ATOM   982  C  CA    . ARG A 1 135 ? 9.422   12.330  -4.915  1.00 23.79 ? 135 ARG A CA    1 
ATOM   983  C  C     . ARG A 1 135 ? 9.013   13.558  -4.099  1.00 28.82 ? 135 ARG A C     1 
ATOM   984  O  O     . ARG A 1 135 ? 9.713   13.960  -3.171  1.00 28.90 ? 135 ARG A O     1 
ATOM   985  C  CB    . ARG A 1 135 ? 10.109  12.751  -6.214  1.00 26.04 ? 135 ARG A CB    1 
ATOM   986  C  CG    . ARG A 1 135 ? 11.290  13.705  -5.999  1.00 31.58 ? 135 ARG A CG    1 
ATOM   987  C  CD    . ARG A 1 135 ? 11.790  14.290  -7.320  1.00 34.22 ? 135 ARG A CD    1 
ATOM   988  N  NE    . ARG A 1 135 ? 12.218  13.250  -8.253  1.00 46.30 ? 135 ARG A NE    1 
ATOM   989  C  CZ    . ARG A 1 135 ? 12.826  13.483  -9.415  1.00 58.04 ? 135 ARG A CZ    1 
ATOM   990  N  NH1   . ARG A 1 135 ? 13.092  14.729  -9.794  1.00 61.09 ? 135 ARG A NH1   1 
ATOM   991  N  NH2   . ARG A 1 135 ? 13.176  12.468  -10.197 1.00 54.46 ? 135 ARG A NH2   1 
ATOM   992  N  N     . SER A 1 136 ? 7.873   14.144  -4.434  1.00 30.57 ? 136 SER A N     1 
ATOM   993  C  CA    . SER A 1 136 ? 7.399   15.324  -3.723  1.00 29.20 ? 136 SER A CA    1 
ATOM   994  C  C     . SER A 1 136 ? 7.016   15.013  -2.283  1.00 35.41 ? 136 SER A C     1 
ATOM   995  O  O     . SER A 1 136 ? 6.997   15.915  -1.440  1.00 32.45 ? 136 SER A O     1 
ATOM   996  C  CB    . SER A 1 136 ? 6.205   15.945  -4.443  1.00 31.03 ? 136 SER A CB    1 
ATOM   997  O  OG    . SER A 1 136 ? 5.001   15.287  -4.068  1.00 35.72 ? 136 SER A OG    1 
ATOM   998  N  N     . TYR A 1 137 ? 6.687   13.747  -2.009  1.00 28.41 ? 137 TYR A N     1 
ATOM   999  C  CA    . TYR A 1 137 ? 6.350   13.296  -0.656  1.00 25.86 ? 137 TYR A CA    1 
ATOM   1000 C  C     . TYR A 1 137 ? 7.571   12.764  0.112   1.00 26.96 ? 137 TYR A C     1 
ATOM   1001 O  O     . TYR A 1 137 ? 7.492   12.519  1.314   1.00 30.05 ? 137 TYR A O     1 
ATOM   1002 C  CB    . TYR A 1 137 ? 5.320   12.164  -0.713  1.00 27.88 ? 137 TYR A CB    1 
ATOM   1003 C  CG    . TYR A 1 137 ? 3.938   12.572  -1.174  1.00 24.98 ? 137 TYR A CG    1 
ATOM   1004 C  CD1   . TYR A 1 137 ? 3.598   13.909  -1.341  1.00 29.72 ? 137 TYR A CD1   1 
ATOM   1005 C  CD2   . TYR A 1 137 ? 2.959   11.609  -1.422  1.00 31.73 ? 137 TYR A CD2   1 
ATOM   1006 C  CE1   . TYR A 1 137 ? 2.326   14.275  -1.760  1.00 29.29 ? 137 TYR A CE1   1 
ATOM   1007 C  CE2   . TYR A 1 137 ? 1.693   11.966  -1.837  1.00 29.58 ? 137 TYR A CE2   1 
ATOM   1008 C  CZ    . TYR A 1 137 ? 1.378   13.300  -2.000  1.00 31.30 ? 137 TYR A CZ    1 
ATOM   1009 O  OH    . TYR A 1 137 ? 0.104   13.650  -2.411  1.00 32.68 ? 137 TYR A OH    1 
ATOM   1010 N  N     . GLY A 1 138 ? 8.670   12.543  -0.600  1.00 25.94 ? 138 GLY A N     1 
ATOM   1011 C  CA    . GLY A 1 138 ? 9.873   11.972  -0.017  1.00 28.73 ? 138 GLY A CA    1 
ATOM   1012 C  C     . GLY A 1 138 ? 9.752   10.477  0.256   1.00 29.18 ? 138 GLY A C     1 
ATOM   1013 O  O     . GLY A 1 138 ? 10.307  9.962   1.232   1.00 25.99 ? 138 GLY A O     1 
ATOM   1014 N  N     . ILE A 1 139 ? 9.025   9.779   -0.614  1.00 24.81 ? 139 ILE A N     1 
ATOM   1015 C  CA    . ILE A 1 139 ? 8.766   8.351   -0.431  1.00 21.95 ? 139 ILE A CA    1 
ATOM   1016 C  C     . ILE A 1 139 ? 9.028   7.590   -1.718  1.00 22.76 ? 139 ILE A C     1 
ATOM   1017 O  O     . ILE A 1 139 ? 9.088   8.200   -2.789  1.00 23.47 ? 139 ILE A O     1 
ATOM   1018 C  CB    . ILE A 1 139 ? 7.308   8.110   0.022   1.00 23.46 ? 139 ILE A CB    1 
ATOM   1019 C  CG1   . ILE A 1 139 ? 6.315   8.498   -1.095  1.00 23.61 ? 139 ILE A CG1   1 
ATOM   1020 C  CG2   . ILE A 1 139 ? 7.023   8.896   1.293   1.00 25.49 ? 139 ILE A CG2   1 
ATOM   1021 C  CD1   . ILE A 1 139 ? 4.842   8.335   -0.683  1.00 23.93 ? 139 ILE A CD1   1 
ATOM   1022 N  N     . PRO A 1 140 ? 9.205   6.254   -1.626  1.00 21.35 ? 140 PRO A N     1 
ATOM   1023 C  CA    . PRO A 1 140 ? 9.415   5.403   -2.803  1.00 15.93 ? 140 PRO A CA    1 
ATOM   1024 C  C     . PRO A 1 140 ? 8.112   5.170   -3.561  1.00 19.55 ? 140 PRO A C     1 
ATOM   1025 O  O     . PRO A 1 140 ? 7.044   5.168   -2.958  1.00 19.20 ? 140 PRO A O     1 
ATOM   1026 C  CB    . PRO A 1 140 ? 9.854   4.058   -2.203  1.00 24.69 ? 140 PRO A CB    1 
ATOM   1027 C  CG    . PRO A 1 140 ? 10.181  4.346   -0.768  1.00 29.31 ? 140 PRO A CG    1 
ATOM   1028 C  CD    . PRO A 1 140 ? 9.292   5.477   -0.382  1.00 21.38 ? 140 PRO A CD    1 
ATOM   1029 N  N     . TYR A 1 141 ? 8.227   4.994   -4.874  1.00 16.08 ? 141 TYR A N     1 
ATOM   1030 C  CA    . TYR A 1 141 ? 7.115   4.533   -5.707  1.00 17.34 ? 141 TYR A CA    1 
ATOM   1031 C  C     . TYR A 1 141 ? 7.431   3.138   -6.171  1.00 16.85 ? 141 TYR A C     1 
ATOM   1032 O  O     . TYR A 1 141 ? 8.533   2.887   -6.652  1.00 16.90 ? 141 TYR A O     1 
ATOM   1033 C  CB    . TYR A 1 141 ? 6.974   5.435   -6.941  1.00 16.85 ? 141 TYR A CB    1 
ATOM   1034 C  CG    . TYR A 1 141 ? 5.947   4.928   -7.946  1.00 18.59 ? 141 TYR A CG    1 
ATOM   1035 C  CD1   . TYR A 1 141 ? 4.634   4.677   -7.561  1.00 19.29 ? 141 TYR A CD1   1 
ATOM   1036 C  CD2   . TYR A 1 141 ? 6.290   4.708   -9.277  1.00 18.00 ? 141 TYR A CD2   1 
ATOM   1037 C  CE1   . TYR A 1 141 ? 3.697   4.225   -8.462  1.00 17.49 ? 141 TYR A CE1   1 
ATOM   1038 C  CE2   . TYR A 1 141 ? 5.334   4.250   -10.200 1.00 17.24 ? 141 TYR A CE2   1 
ATOM   1039 C  CZ    . TYR A 1 141 ? 4.046   4.021   -9.784  1.00 18.15 ? 141 TYR A CZ    1 
ATOM   1040 O  OH    . TYR A 1 141 ? 3.093   3.568   -10.678 1.00 19.40 ? 141 TYR A OH    1 
ATOM   1041 N  N     . ILE A 1 142 ? 6.466   2.229   -6.019  1.00 16.55 ? 142 ILE A N     1 
ATOM   1042 C  CA    . ILE A 1 142 ? 6.635   0.850   -6.446  1.00 14.36 ? 142 ILE A CA    1 
ATOM   1043 C  C     . ILE A 1 142 ? 5.401   0.422   -7.224  1.00 15.90 ? 142 ILE A C     1 
ATOM   1044 O  O     . ILE A 1 142 ? 4.273   0.629   -6.769  1.00 17.60 ? 142 ILE A O     1 
ATOM   1045 C  CB    . ILE A 1 142 ? 6.819   -0.058  -5.206  1.00 16.81 ? 142 ILE A CB    1 
ATOM   1046 C  CG1   . ILE A 1 142 ? 8.124   0.346   -4.500  1.00 16.98 ? 142 ILE A CG1   1 
ATOM   1047 C  CG2   . ILE A 1 142 ? 6.816   -1.537  -5.599  1.00 17.38 ? 142 ILE A CG2   1 
ATOM   1048 C  CD1   . ILE A 1 142 ? 8.354   -0.353  -3.153  1.00 19.51 ? 142 ILE A CD1   1 
ATOM   1049 N  N     . GLU A 1 143 ? 5.605   -0.165  -8.401  1.00 16.69 ? 143 GLU A N     1 
ATOM   1050 C  CA    . GLU A 1 143 ? 4.475   -0.724  -9.149  1.00 13.93 ? 143 GLU A CA    1 
ATOM   1051 C  C     . GLU A 1 143 ? 4.303   -2.196  -8.846  1.00 18.55 ? 143 GLU A C     1 
ATOM   1052 O  O     . GLU A 1 143 ? 5.285   -2.931  -8.647  1.00 20.95 ? 143 GLU A O     1 
ATOM   1053 C  CB    . GLU A 1 143 ? 4.619   -0.521  -10.660 1.00 18.55 ? 143 GLU A CB    1 
ATOM   1054 C  CG    . GLU A 1 143 ? 4.447   0.919   -11.039 1.00 19.04 ? 143 GLU A CG    1 
ATOM   1055 C  CD    . GLU A 1 143 ? 4.149   1.144   -12.514 1.00 20.60 ? 143 GLU A CD    1 
ATOM   1056 O  OE1   . GLU A 1 143 ? 4.263   0.195   -13.342 1.00 21.94 ? 143 GLU A OE1   1 
ATOM   1057 O  OE2   . GLU A 1 143 ? 3.808   2.305   -12.802 1.00 19.60 ? 143 GLU A OE2   1 
ATOM   1058 N  N     . THR A 1 144 ? 3.053   -2.627  -8.836  1.00 16.14 ? 144 THR A N     1 
ATOM   1059 C  CA    . THR A 1 144 ? 2.727   -3.993  -8.440  1.00 17.49 ? 144 THR A CA    1 
ATOM   1060 C  C     . THR A 1 144 ? 1.661   -4.590  -9.353  1.00 16.49 ? 144 THR A C     1 
ATOM   1061 O  O     . THR A 1 144 ? 0.903   -3.880  -10.014 1.00 18.03 ? 144 THR A O     1 
ATOM   1062 C  CB    . THR A 1 144 ? 2.160   -4.027  -6.997  1.00 17.60 ? 144 THR A CB    1 
ATOM   1063 O  OG1   . THR A 1 144 ? 0.934   -3.280  -6.964  1.00 17.68 ? 144 THR A OG1   1 
ATOM   1064 C  CG2   . THR A 1 144 ? 3.144   -3.406  -5.995  1.00 18.90 ? 144 THR A CG2   1 
ATOM   1065 N  N     . SER A 1 145 ? 1.619   -5.915  -9.382  1.00 17.19 ? 145 SER A N     1 
ATOM   1066 C  CA    . SER A 1 145 ? 0.452   -6.634  -9.857  1.00 17.10 ? 145 SER A CA    1 
ATOM   1067 C  C     . SER A 1 145 ? 0.092   -7.691  -8.821  1.00 21.72 ? 145 SER A C     1 
ATOM   1068 O  O     . SER A 1 145 ? 0.869   -8.613  -8.591  1.00 20.23 ? 145 SER A O     1 
ATOM   1069 C  CB    . SER A 1 145 ? 0.742   -7.345  -11.186 1.00 20.19 ? 145 SER A CB    1 
ATOM   1070 O  OG    . SER A 1 145 ? -0.374  -8.148  -11.539 1.00 20.21 ? 145 SER A OG    1 
ATOM   1071 N  N     . ALA A 1 146 ? -1.082  -7.565  -8.207  1.00 18.91 ? 146 ALA A N     1 
ATOM   1072 C  CA    . ALA A 1 146 ? -1.591  -8.629  -7.338  1.00 19.52 ? 146 ALA A CA    1 
ATOM   1073 C  C     . ALA A 1 146 ? -1.855  -9.901  -8.139  1.00 20.66 ? 146 ALA A C     1 
ATOM   1074 O  O     . ALA A 1 146 ? -1.879  -10.988 -7.578  1.00 23.79 ? 146 ALA A O     1 
ATOM   1075 C  CB    . ALA A 1 146 ? -2.869  -8.187  -6.634  1.00 23.33 ? 146 ALA A CB    1 
ATOM   1076 N  N     . LYS A 1 147 ? -2.087  -9.755  -9.439  1.00 20.09 ? 147 LYS A N     1 
ATOM   1077 C  CA    . LYS A 1 147 ? -2.389  -10.917 -10.269 1.00 23.31 ? 147 LYS A CA    1 
ATOM   1078 C  C     . LYS A 1 147 ? -1.148  -11.780 -10.483 1.00 27.74 ? 147 LYS A C     1 
ATOM   1079 O  O     . LYS A 1 147 ? -1.190  -12.995 -10.270 1.00 26.47 ? 147 LYS A O     1 
ATOM   1080 C  CB    . LYS A 1 147 ? -2.990  -10.478 -11.607 1.00 23.11 ? 147 LYS A CB    1 
ATOM   1081 C  CG    . LYS A 1 147 ? -3.393  -11.639 -12.541 1.00 28.84 ? 147 LYS A CG    1 
ATOM   1082 C  CD    . LYS A 1 147 ? -4.099  -11.072 -13.769 1.00 31.46 ? 147 LYS A CD    1 
ATOM   1083 C  CE    . LYS A 1 147 ? -4.595  -12.152 -14.717 1.00 46.87 ? 147 LYS A CE    1 
ATOM   1084 N  NZ    . LYS A 1 147 ? -5.248  -11.551 -15.921 1.00 53.08 ? 147 LYS A NZ    1 
ATOM   1085 N  N     . THR A 1 148 ? -0.042  -11.155 -10.887 1.00 25.21 ? 148 THR A N     1 
ATOM   1086 C  CA    . THR A 1 148 ? 1.204   -11.896 -11.181 1.00 24.63 ? 148 THR A CA    1 
ATOM   1087 C  C     . THR A 1 148 ? 2.146   -12.020 -9.980  1.00 26.03 ? 148 THR A C     1 
ATOM   1088 O  O     . THR A 1 148 ? 3.147   -12.741 -10.040 1.00 30.04 ? 148 THR A O     1 
ATOM   1089 C  CB    . THR A 1 148 ? 2.011   -11.221 -12.301 1.00 26.57 ? 148 THR A CB    1 
ATOM   1090 O  OG1   . THR A 1 148 ? 2.506   -9.959  -11.823 1.00 25.32 ? 148 THR A OG1   1 
ATOM   1091 C  CG2   . THR A 1 148 ? 1.157   -11.003 -13.533 1.00 25.95 ? 148 THR A CG2   1 
ATOM   1092 N  N     . ARG A 1 149 ? 1.818   -11.309 -8.900  1.00 23.25 ? 149 ARG A N     1 
ATOM   1093 C  CA    . ARG A 1 149 ? 2.676   -11.161 -7.717  1.00 26.95 ? 149 ARG A CA    1 
ATOM   1094 C  C     . ARG A 1 149 ? 3.894   -10.239 -7.889  1.00 23.95 ? 149 ARG A C     1 
ATOM   1095 O  O     . ARG A 1 149 ? 4.632   -9.985  -6.933  1.00 28.01 ? 149 ARG A O     1 
ATOM   1096 C  CB    . ARG A 1 149 ? 3.084   -12.522 -7.110  1.00 31.71 ? 149 ARG A CB    1 
ATOM   1097 C  CG    . ARG A 1 149 ? 3.190   -12.461 -5.574  1.00 35.40 ? 149 ARG A CG    1 
ATOM   1098 C  CD    . ARG A 1 149 ? 3.351   -13.834 -4.915  1.00 40.93 ? 149 ARG A CD    1 
ATOM   1099 N  NE    . ARG A 1 149 ? 3.134   -13.767 -3.465  1.00 37.60 ? 149 ARG A NE    1 
ATOM   1100 C  CZ    . ARG A 1 149 ? 4.077   -13.454 -2.582  1.00 45.50 ? 149 ARG A CZ    1 
ATOM   1101 N  NH1   . ARG A 1 149 ? 5.306   -13.173 -2.992  1.00 45.30 ? 149 ARG A NH1   1 
ATOM   1102 N  NH2   . ARG A 1 149 ? 3.791   -13.417 -1.285  1.00 47.34 ? 149 ARG A NH2   1 
ATOM   1103 N  N     . GLN A 1 150 ? 4.096   -9.706  -9.088  1.00 22.45 ? 150 GLN A N     1 
ATOM   1104 C  CA    . GLN A 1 150 ? 5.245   -8.836  -9.306  1.00 24.65 ? 150 GLN A CA    1 
ATOM   1105 C  C     . GLN A 1 150 ? 5.166   -7.602  -8.412  1.00 21.68 ? 150 GLN A C     1 
ATOM   1106 O  O     . GLN A 1 150 ? 4.131   -6.954  -8.360  1.00 21.73 ? 150 GLN A O     1 
ATOM   1107 C  CB    . GLN A 1 150 ? 5.315   -8.415  -10.769 1.00 27.35 ? 150 GLN A CB    1 
ATOM   1108 C  CG    . GLN A 1 150 ? 5.693   -9.558  -11.704 1.00 33.83 ? 150 GLN A CG    1 
ATOM   1109 C  CD    . GLN A 1 150 ? 5.399   -9.223  -13.141 1.00 41.03 ? 150 GLN A CD    1 
ATOM   1110 O  OE1   . GLN A 1 150 ? 4.244   -9.076  -13.531 1.00 52.80 ? 150 GLN A OE1   1 
ATOM   1111 N  NE2   . GLN A 1 150 ? 6.453   -9.074  -13.940 1.00 28.45 ? 150 GLN A NE2   1 
ATOM   1112 N  N     . GLY A 1 151 ? 6.258   -7.297  -7.706  1.00 20.94 ? 151 GLY A N     1 
ATOM   1113 C  CA    . GLY A 1 151 ? 6.330   -6.109  -6.871  1.00 20.90 ? 151 GLY A CA    1 
ATOM   1114 C  C     . GLY A 1 151 ? 5.633   -6.171  -5.516  1.00 17.20 ? 151 GLY A C     1 
ATOM   1115 O  O     . GLY A 1 151 ? 5.756   -5.241  -4.723  1.00 18.64 ? 151 GLY A O     1 
ATOM   1116 N  N     . VAL A 1 152 ? 4.898   -7.246  -5.255  1.00 19.38 ? 152 VAL A N     1 
ATOM   1117 C  CA    . VAL A 1 152 ? 4.101   -7.323  -4.031  1.00 17.48 ? 152 VAL A CA    1 
ATOM   1118 C  C     . VAL A 1 152 ? 5.004   -7.362  -2.798  1.00 19.11 ? 152 VAL A C     1 
ATOM   1119 O  O     . VAL A 1 152 ? 4.837   -6.587  -1.865  1.00 19.39 ? 152 VAL A O     1 
ATOM   1120 C  CB    . VAL A 1 152 ? 3.110   -8.499  -4.022  1.00 18.70 ? 152 VAL A CB    1 
ATOM   1121 C  CG1   . VAL A 1 152 ? 2.359   -8.552  -2.679  1.00 19.34 ? 152 VAL A CG1   1 
ATOM   1122 C  CG2   . VAL A 1 152 ? 2.120   -8.363  -5.197  1.00 19.43 ? 152 VAL A CG2   1 
ATOM   1123 N  N     . GLU A 1 153 ? 5.974   -8.260  -2.802  1.00 18.53 ? 153 GLU A N     1 
ATOM   1124 C  CA    . GLU A 1 153 ? 6.948   -8.250  -1.715  1.00 20.96 ? 153 GLU A CA    1 
ATOM   1125 C  C     . GLU A 1 153 ? 7.718   -6.922  -1.653  1.00 20.11 ? 153 GLU A C     1 
ATOM   1126 O  O     . GLU A 1 153 ? 7.923   -6.388  -0.568  1.00 20.44 ? 153 GLU A O     1 
ATOM   1127 C  CB    . GLU A 1 153 ? 7.898   -9.454  -1.801  1.00 20.64 ? 153 GLU A CB    1 
ATOM   1128 C  CG    . GLU A 1 153 ? 8.983   -9.443  -0.730  1.00 19.74 ? 153 GLU A CG    1 
ATOM   1129 C  CD    . GLU A 1 153 ? 10.256  -8.769  -1.209  1.00 24.47 ? 153 GLU A CD    1 
ATOM   1130 O  OE1   . GLU A 1 153 ? 10.482  -8.794  -2.419  1.00 22.93 ? 153 GLU A OE1   1 
ATOM   1131 O  OE2   . GLU A 1 153 ? 11.033  -8.235  -0.398  1.00 22.96 ? 153 GLU A OE2   1 
ATOM   1132 N  N     . ASP A 1 154 ? 8.143   -6.377  -2.799  1.00 17.44 ? 154 ASP A N     1 
ATOM   1133 C  CA    . ASP A 1 154 ? 8.824   -5.088  -2.776  1.00 17.37 ? 154 ASP A CA    1 
ATOM   1134 C  C     . ASP A 1 154 ? 7.985   -4.069  -2.017  1.00 18.24 ? 154 ASP A C     1 
ATOM   1135 O  O     . ASP A 1 154 ? 8.496   -3.319  -1.205  1.00 17.41 ? 154 ASP A O     1 
ATOM   1136 C  CB    . ASP A 1 154 ? 9.048   -4.521  -4.186  1.00 18.79 ? 154 ASP A CB    1 
ATOM   1137 C  CG    . ASP A 1 154 ? 10.102  -5.256  -4.946  1.00 27.25 ? 154 ASP A CG    1 
ATOM   1138 O  OD1   . ASP A 1 154 ? 10.260  -6.438  -4.686  1.00 29.06 ? 154 ASP A OD1   1 
ATOM   1139 O  OD2   . ASP A 1 154 ? 10.748  -4.673  -5.822  1.00 21.29 ? 154 ASP A OD2   1 
ATOM   1140 N  N     . ALA A 1 155 ? 6.694   -4.000  -2.333  1.00 16.80 ? 155 ALA A N     1 
ATOM   1141 C  CA    . ALA A 1 155 ? 5.862   -2.939  -1.753  1.00 15.82 ? 155 ALA A CA    1 
ATOM   1142 C  C     . ALA A 1 155 ? 5.778   -3.043  -0.227  1.00 16.25 ? 155 ALA A C     1 
ATOM   1143 O  O     . ALA A 1 155 ? 6.056   -2.079  0.476   1.00 17.64 ? 155 ALA A O     1 
ATOM   1144 C  CB    . ALA A 1 155 ? 4.466   -2.950  -2.346  1.00 16.57 ? 155 ALA A CB    1 
ATOM   1145 N  N     . PHE A 1 156 ? 5.410   -4.221  0.263   1.00 17.44 ? 156 PHE A N     1 
ATOM   1146 C  CA    . PHE A 1 156 ? 5.218   -4.406  1.697   1.00 17.76 ? 156 PHE A CA    1 
ATOM   1147 C  C     . PHE A 1 156 ? 6.555   -4.380  2.446   1.00 17.68 ? 156 PHE A C     1 
ATOM   1148 O  O     . PHE A 1 156 ? 6.650   -3.748  3.490   1.00 19.07 ? 156 PHE A O     1 
ATOM   1149 C  CB    . PHE A 1 156 ? 4.461   -5.706  1.980   1.00 17.55 ? 156 PHE A CB    1 
ATOM   1150 C  CG    . PHE A 1 156 ? 2.973   -5.610  1.707   1.00 19.88 ? 156 PHE A CG    1 
ATOM   1151 C  CD1   . PHE A 1 156 ? 2.115   -5.077  2.666   1.00 19.93 ? 156 PHE A CD1   1 
ATOM   1152 C  CD2   . PHE A 1 156 ? 2.446   -6.029  0.495   1.00 21.80 ? 156 PHE A CD2   1 
ATOM   1153 C  CE1   . PHE A 1 156 ? 0.737   -4.984  2.420   1.00 17.20 ? 156 PHE A CE1   1 
ATOM   1154 C  CE2   . PHE A 1 156 ? 1.066   -5.934  0.240   1.00 18.76 ? 156 PHE A CE2   1 
ATOM   1155 C  CZ    . PHE A 1 156 ? 0.215   -5.411  1.218   1.00 20.23 ? 156 PHE A CZ    1 
ATOM   1156 N  N     . TYR A 1 157 ? 7.585   -5.037  1.909   1.00 17.80 ? 157 TYR A N     1 
ATOM   1157 C  CA    . TYR A 1 157 ? 8.877   -5.037  2.612   1.00 19.12 ? 157 TYR A CA    1 
ATOM   1158 C  C     . TYR A 1 157 ? 9.560   -3.659  2.579   1.00 18.87 ? 157 TYR A C     1 
ATOM   1159 O  O     . TYR A 1 157 ? 10.208  -3.251  3.545   1.00 18.96 ? 157 TYR A O     1 
ATOM   1160 C  CB    . TYR A 1 157 ? 9.822   -6.133  2.099   1.00 15.96 ? 157 TYR A CB    1 
ATOM   1161 C  CG    . TYR A 1 157 ? 9.448   -7.546  2.520   1.00 20.40 ? 157 TYR A CG    1 
ATOM   1162 C  CD1   . TYR A 1 157 ? 8.144   -7.870  2.851   1.00 21.67 ? 157 TYR A CD1   1 
ATOM   1163 C  CD2   . TYR A 1 157 ? 10.416  -8.535  2.607   1.00 26.35 ? 157 TYR A CD2   1 
ATOM   1164 C  CE1   . TYR A 1 157 ? 7.804   -9.159  3.236   1.00 28.82 ? 157 TYR A CE1   1 
ATOM   1165 C  CE2   . TYR A 1 157 ? 10.091  -9.822  2.987   1.00 29.20 ? 157 TYR A CE2   1 
ATOM   1166 C  CZ    . TYR A 1 157 ? 8.781   -10.129 3.302   1.00 32.72 ? 157 TYR A CZ    1 
ATOM   1167 O  OH    . TYR A 1 157 ? 8.441   -11.410 3.681   1.00 35.25 ? 157 TYR A OH    1 
ATOM   1168 N  N     . THR A 1 158 ? 9.404   -2.915  1.486   1.00 17.89 ? 158 THR A N     1 
ATOM   1169 C  CA    . THR A 1 158 ? 9.942   -1.560  1.483   1.00 15.85 ? 158 THR A CA    1 
ATOM   1170 C  C     . THR A 1 158 ? 9.266   -0.683  2.543   1.00 16.86 ? 158 THR A C     1 
ATOM   1171 O  O     . THR A 1 158 ? 9.918   0.155   3.169   1.00 19.79 ? 158 THR A O     1 
ATOM   1172 C  CB    . THR A 1 158 ? 9.820   -0.894  0.084   1.00 14.60 ? 158 THR A CB    1 
ATOM   1173 O  OG1   . THR A 1 158 ? 10.551  -1.690  -0.874  1.00 18.12 ? 158 THR A OG1   1 
ATOM   1174 C  CG2   . THR A 1 158 ? 10.354  0.533   0.123   1.00 17.97 ? 158 THR A CG2   1 
ATOM   1175 N  N     . LEU A 1 159 ? 7.962   -0.875  2.756   1.00 18.64 ? 159 LEU A N     1 
ATOM   1176 C  CA    . LEU A 1 159 ? 7.268   -0.151  3.823   1.00 18.67 ? 159 LEU A CA    1 
ATOM   1177 C  C     . LEU A 1 159 ? 7.863   -0.492  5.203   1.00 18.26 ? 159 LEU A C     1 
ATOM   1178 O  O     . LEU A 1 159 ? 8.111   0.396   6.009   1.00 20.21 ? 159 LEU A O     1 
ATOM   1179 C  CB    . LEU A 1 159 ? 5.758   -0.420  3.803   1.00 17.12 ? 159 LEU A CB    1 
ATOM   1180 C  CG    . LEU A 1 159 ? 4.956   0.401   4.829   1.00 18.29 ? 159 LEU A CG    1 
ATOM   1181 C  CD1   . LEU A 1 159 ? 5.263   1.898   4.713   1.00 19.50 ? 159 LEU A CD1   1 
ATOM   1182 C  CD2   . LEU A 1 159 ? 3.456   0.127   4.686   1.00 20.56 ? 159 LEU A CD2   1 
ATOM   1183 N  N     . VAL A 1 160 ? 8.091   -1.771  5.455   1.00 18.75 ? 160 VAL A N     1 
ATOM   1184 C  CA    . VAL A 1 160 ? 8.744   -2.183  6.707   1.00 18.38 ? 160 VAL A CA    1 
ATOM   1185 C  C     . VAL A 1 160 ? 10.104  -1.489  6.836   1.00 20.47 ? 160 VAL A C     1 
ATOM   1186 O  O     . VAL A 1 160 ? 10.460  -0.941  7.885   1.00 21.50 ? 160 VAL A O     1 
ATOM   1187 C  CB    . VAL A 1 160 ? 8.911   -3.716  6.771   1.00 18.76 ? 160 VAL A CB    1 
ATOM   1188 C  CG1   . VAL A 1 160 ? 9.863   -4.104  7.931   1.00 22.00 ? 160 VAL A CG1   1 
ATOM   1189 C  CG2   . VAL A 1 160 ? 7.561   -4.412  6.914   1.00 20.59 ? 160 VAL A CG2   1 
ATOM   1190 N  N     . ARG A 1 161 ? 10.874  -1.500  5.756   1.00 19.56 ? 161 ARG A N     1 
ATOM   1191 C  CA    . ARG A 1 161 ? 12.173  -0.846  5.775   1.00 18.39 ? 161 ARG A CA    1 
ATOM   1192 C  C     . ARG A 1 161 ? 12.096  0.674   5.982   1.00 24.08 ? 161 ARG A C     1 
ATOM   1193 O  O     . ARG A 1 161 ? 13.020  1.260   6.527   1.00 24.73 ? 161 ARG A O     1 
ATOM   1194 C  CB    . ARG A 1 161 ? 12.968  -1.208  4.520   1.00 16.71 ? 161 ARG A CB    1 
ATOM   1195 C  CG    . ARG A 1 161 ? 13.217  -2.701  4.438   1.00 18.28 ? 161 ARG A CG    1 
ATOM   1196 C  CD    . ARG A 1 161 ? 13.764  -3.143  3.106   1.00 19.60 ? 161 ARG A CD    1 
ATOM   1197 N  NE    . ARG A 1 161 ? 14.090  -4.568  3.115   1.00 19.24 ? 161 ARG A NE    1 
ATOM   1198 C  CZ    . ARG A 1 161 ? 13.876  -5.390  2.095   1.00 20.97 ? 161 ARG A CZ    1 
ATOM   1199 N  NH1   . ARG A 1 161 ? 13.332  -4.923  0.975   1.00 21.19 ? 161 ARG A NH1   1 
ATOM   1200 N  NH2   . ARG A 1 161 ? 14.218  -6.672  2.188   1.00 21.73 ? 161 ARG A NH2   1 
ATOM   1201 N  N     . GLU A 1 162 ? 11.001  1.300   5.549   1.00 18.80 ? 162 GLU A N     1 
ATOM   1202 C  CA    . GLU A 1 162 ? 10.774  2.716   5.804   1.00 19.82 ? 162 GLU A CA    1 
ATOM   1203 C  C     . GLU A 1 162 ? 10.430  2.968   7.259   1.00 20.92 ? 162 GLU A C     1 
ATOM   1204 O  O     . GLU A 1 162 ? 10.894  3.935   7.865   1.00 24.67 ? 162 GLU A O     1 
ATOM   1205 C  CB    . GLU A 1 162 ? 9.626   3.228   4.931   1.00 24.06 ? 162 GLU A CB    1 
ATOM   1206 C  CG    . GLU A 1 162 ? 9.999   3.404   3.482   1.00 33.59 ? 162 GLU A CG    1 
ATOM   1207 C  CD    . GLU A 1 162 ? 11.046  4.477   3.298   1.00 37.10 ? 162 GLU A CD    1 
ATOM   1208 O  OE1   . GLU A 1 162 ? 10.782  5.647   3.661   1.00 36.63 ? 162 GLU A OE1   1 
ATOM   1209 O  OE2   . GLU A 1 162 ? 12.143  4.142   2.814   1.00 42.15 ? 162 GLU A OE2   1 
ATOM   1210 N  N     . ILE A 1 163 ? 9.593   2.107   7.815   1.00 20.96 ? 163 ILE A N     1 
ATOM   1211 C  CA    . ILE A 1 163 ? 9.249   2.227   9.229   1.00 22.63 ? 163 ILE A CA    1 
ATOM   1212 C  C     . ILE A 1 163 ? 10.526  2.168   10.080  1.00 25.57 ? 163 ILE A C     1 
ATOM   1213 O  O     . ILE A 1 163 ? 10.693  2.945   11.021  1.00 25.83 ? 163 ILE A O     1 
ATOM   1214 C  CB    . ILE A 1 163 ? 8.242   1.159   9.653   1.00 23.00 ? 163 ILE A CB    1 
ATOM   1215 C  CG1   . ILE A 1 163 ? 6.914   1.396   8.930   1.00 23.66 ? 163 ILE A CG1   1 
ATOM   1216 C  CG2   . ILE A 1 163 ? 8.020   1.211   11.170  1.00 29.03 ? 163 ILE A CG2   1 
ATOM   1217 C  CD1   . ILE A 1 163 ? 5.895   0.256   9.049   1.00 25.02 ? 163 ILE A CD1   1 
ATOM   1218 N  N     . ARG A 1 164 ? 11.430  1.260   9.737   1.00 24.02 ? 164 ARG A N     1 
ATOM   1219 C  CA    . ARG A 1 164 ? 12.692  1.129   10.476  1.00 24.40 ? 164 ARG A CA    1 
ATOM   1220 C  C     . ARG A 1 164 ? 13.591  2.357   10.401  1.00 32.79 ? 164 ARG A C     1 
ATOM   1221 O  O     . ARG A 1 164 ? 14.540  2.482   11.182  1.00 32.32 ? 164 ARG A O     1 
ATOM   1222 C  CB    . ARG A 1 164 ? 13.482  -0.069  9.963   1.00 24.02 ? 164 ARG A CB    1 
ATOM   1223 C  CG    . ARG A 1 164 ? 12.873  -1.397  10.308  1.00 23.64 ? 164 ARG A CG    1 
ATOM   1224 C  CD    . ARG A 1 164 ? 13.583  -2.479  9.532   1.00 23.61 ? 164 ARG A CD    1 
ATOM   1225 N  NE    . ARG A 1 164 ? 13.141  -3.815  9.894   1.00 23.93 ? 164 ARG A NE    1 
ATOM   1226 C  CZ    . ARG A 1 164 ? 13.408  -4.881  9.150   1.00 28.17 ? 164 ARG A CZ    1 
ATOM   1227 N  NH1   . ARG A 1 164 ? 14.081  -4.723  8.013   1.00 21.46 ? 164 ARG A NH1   1 
ATOM   1228 N  NH2   . ARG A 1 164 ? 12.993  -6.087  9.523   1.00 27.10 ? 164 ARG A NH2   1 
ATOM   1229 N  N     . GLN A 1 165 ? 13.313  3.246   9.452   1.00 26.99 ? 165 GLN A N     1 
ATOM   1230 C  CA    . GLN A 1 165 ? 14.092  4.472   9.300   1.00 30.96 ? 165 GLN A CA    1 
ATOM   1231 C  C     . GLN A 1 165 ? 13.527  5.616   10.132  1.00 34.22 ? 165 GLN A C     1 
ATOM   1232 O  O     . GLN A 1 165 ? 14.176  6.637   10.300  1.00 34.27 ? 165 GLN A O     1 
ATOM   1233 C  CB    . GLN A 1 165 ? 14.168  4.894   7.831   1.00 29.41 ? 165 GLN A CB    1 
ATOM   1234 C  CG    . GLN A 1 165 ? 14.895  3.906   6.956   1.00 29.62 ? 165 GLN A CG    1 
ATOM   1235 C  CD    . GLN A 1 165 ? 14.784  4.240   5.481   1.00 30.10 ? 165 GLN A CD    1 
ATOM   1236 O  OE1   . GLN A 1 165 ? 15.146  5.338   5.053   1.00 33.69 ? 165 GLN A OE1   1 
ATOM   1237 N  NE2   . GLN A 1 165 ? 14.282  3.295   4.695   1.00 36.71 ? 165 GLN A NE2   1 
ATOM   1238 N  N     . HIS A 1 166 ? 12.315  5.449   10.644  1.00 34.97 ? 166 HIS A N     1 
ATOM   1239 C  CA    . HIS A 1 166 ? 11.704  6.484   11.474  1.00 36.54 ? 166 HIS A CA    1 
ATOM   1240 C  C     . HIS A 1 166 ? 11.839  6.171   12.958  1.00 42.72 ? 166 HIS A C     1 
ATOM   1241 O  O     . HIS A 1 166 ? 12.715  5.404   13.362  1.00 43.83 ? 166 HIS A O     1 
ATOM   1242 C  CB    . HIS A 1 166 ? 10.234  6.670   11.108  1.00 34.69 ? 166 HIS A CB    1 
ATOM   1243 C  CG    . HIS A 1 166 ? 10.020  7.330   9.781   1.00 41.14 ? 166 HIS A CG    1 
ATOM   1244 N  ND1   . HIS A 1 166 ? 10.409  6.752   8.592   1.00 46.61 ? 166 HIS A ND1   1 
ATOM   1245 C  CD2   . HIS A 1 166 ? 9.453   8.516   9.455   1.00 44.34 ? 166 HIS A CD2   1 
ATOM   1246 C  CE1   . HIS A 1 166 ? 10.092  7.553   7.590   1.00 42.55 ? 166 HIS A CE1   1 
ATOM   1247 N  NE2   . HIS A 1 166 ? 9.507   8.629   8.087   1.00 48.13 ? 166 HIS A NE2   1 
HETATM 1248 P  PG    . GNP B 2 .   ? -12.278 -1.999  -1.751  1.00 21.83 ? 190 GNP A PG    1 
HETATM 1249 O  O1G   . GNP B 2 .   ? -13.724 -1.833  -2.168  1.00 22.68 ? 190 GNP A O1G   1 
HETATM 1250 O  O2G   . GNP B 2 .   ? -12.191 -2.978  -0.631  1.00 22.75 ? 190 GNP A O2G   1 
HETATM 1251 O  O3G   . GNP B 2 .   ? -11.746 -0.628  -1.425  1.00 23.74 ? 190 GNP A O3G   1 
HETATM 1252 N  N3B   . GNP B 2 .   ? -11.494 -2.620  -3.034  1.00 19.88 ? 190 GNP A N3B   1 
HETATM 1253 P  PB    . GNP B 2 .   ? -9.956  -3.112  -3.107  1.00 19.42 ? 190 GNP A PB    1 
HETATM 1254 O  O1B   . GNP B 2 .   ? -9.025  -1.966  -3.299  1.00 18.39 ? 190 GNP A O1B   1 
HETATM 1255 O  O2B   . GNP B 2 .   ? -9.628  -3.985  -1.965  1.00 20.45 ? 190 GNP A O2B   1 
HETATM 1256 O  O3A   . GNP B 2 .   ? -9.846  -3.970  -4.405  1.00 17.03 ? 190 GNP A O3A   1 
HETATM 1257 P  PA    . GNP B 2 .   ? -9.832  -5.547  -4.564  1.00 19.36 ? 190 GNP A PA    1 
HETATM 1258 O  O1A   . GNP B 2 .   ? -8.585  -6.101  -4.029  1.00 19.61 ? 190 GNP A O1A   1 
HETATM 1259 O  O2A   . GNP B 2 .   ? -11.102 -6.095  -4.036  1.00 21.72 ? 190 GNP A O2A   1 
HETATM 1260 O  "O5'" . GNP B 2 .   ? -9.792  -5.792  -6.120  1.00 19.05 ? 190 GNP A "O5'" 1 
HETATM 1261 C  "C5'" . GNP B 2 .   ? -10.830 -5.279  -6.948  1.00 19.02 ? 190 GNP A "C5'" 1 
HETATM 1262 C  "C4'" . GNP B 2 .   ? -10.836 -5.961  -8.298  1.00 21.88 ? 190 GNP A "C4'" 1 
HETATM 1263 O  "O4'" . GNP B 2 .   ? -9.601  -5.654  -8.994  1.00 20.91 ? 190 GNP A "O4'" 1 
HETATM 1264 C  "C3'" . GNP B 2 .   ? -10.926 -7.490  -8.218  1.00 22.50 ? 190 GNP A "C3'" 1 
HETATM 1265 O  "O3'" . GNP B 2 .   ? -11.719 -7.970  -9.287  1.00 22.59 ? 190 GNP A "O3'" 1 
HETATM 1266 C  "C2'" . GNP B 2 .   ? -9.466  -7.919  -8.368  1.00 21.08 ? 190 GNP A "C2'" 1 
HETATM 1267 O  "O2'" . GNP B 2 .   ? -9.301  -9.210  -8.940  1.00 20.29 ? 190 GNP A "O2'" 1 
HETATM 1268 C  "C1'" . GNP B 2 .   ? -8.945  -6.848  -9.336  1.00 20.35 ? 190 GNP A "C1'" 1 
HETATM 1269 N  N9    . GNP B 2 .   ? -7.519  -6.634  -9.163  1.00 20.57 ? 190 GNP A N9    1 
HETATM 1270 C  C8    . GNP B 2 .   ? -6.870  -6.316  -8.002  1.00 19.36 ? 190 GNP A C8    1 
HETATM 1271 N  N7    . GNP B 2 .   ? -5.585  -6.217  -8.151  1.00 18.15 ? 190 GNP A N7    1 
HETATM 1272 C  C5    . GNP B 2 .   ? -5.364  -6.473  -9.495  1.00 16.53 ? 190 GNP A C5    1 
HETATM 1273 C  C6    . GNP B 2 .   ? -4.161  -6.522  -10.243 1.00 18.66 ? 190 GNP A C6    1 
HETATM 1274 O  O6    . GNP B 2 .   ? -2.993  -6.294  -9.870  1.00 20.13 ? 190 GNP A O6    1 
HETATM 1275 N  N1    . GNP B 2 .   ? -4.394  -6.829  -11.591 1.00 21.79 ? 190 GNP A N1    1 
HETATM 1276 C  C2    . GNP B 2 .   ? -5.632  -7.090  -12.130 1.00 22.23 ? 190 GNP A C2    1 
HETATM 1277 N  N2    . GNP B 2 .   ? -5.665  -7.388  -13.440 1.00 21.44 ? 190 GNP A N2    1 
HETATM 1278 N  N3    . GNP B 2 .   ? -6.758  -7.049  -11.440 1.00 21.00 ? 190 GNP A N3    1 
HETATM 1279 C  C4    . GNP B 2 .   ? -6.551  -6.742  -10.134 1.00 18.66 ? 190 GNP A C4    1 
HETATM 1280 C  C5    . RSF C 3 .   ? -12.758 -11.214 -1.590  1.00 37.21 ? 203 RSF A C5    1 
HETATM 1281 C  C6    . RSF C 3 .   ? -12.014 -10.128 -0.862  1.00 36.39 ? 203 RSF A C6    1 
HETATM 1282 O  O1    . RSF C 3 .   ? -12.328 -12.419 -1.048  1.00 45.45 ? 203 RSF A O1    1 
HETATM 1283 C  C4    . RSF C 3 .   ? -10.485 -11.837 1.789   1.00 37.73 ? 203 RSF A C4    1 
HETATM 1284 O  O2    . RSF C 3 .   ? -11.423 -12.572 1.046   1.00 41.83 ? 203 RSF A O2    1 
HETATM 1285 C  C1    . RSF C 3 .   ? -11.195 -12.238 -0.287  1.00 39.51 ? 203 RSF A C1    1 
HETATM 1286 C  C2    . RSF C 3 .   ? -10.805 -10.839 -0.351  1.00 36.39 ? 203 RSF A C2    1 
HETATM 1287 C  C3    . RSF C 3 .   ? -10.505 -10.526 1.062   1.00 34.47 ? 203 RSF A C3    1 
HETATM 1288 O  O3    . RSF C 3 .   ? -11.498 -9.729  1.593   1.00 40.16 ? 203 RSF A O3    1 
HETATM 1289 C  C5    . RSF D 3 .   ? -3.183  -15.500 -12.909 1.00 45.89 ? 204 RSF A C5    1 
HETATM 1290 C  C6    . RSF D 3 .   ? -4.109  -16.428 -12.172 1.00 52.63 ? 204 RSF A C6    1 
HETATM 1291 O  O1    . RSF D 3 .   ? -4.002  -14.886 -13.854 1.00 58.93 ? 204 RSF A O1    1 
HETATM 1292 C  C4    . RSF D 3 .   ? -7.230  -15.908 -13.794 1.00 47.75 ? 204 RSF A C4    1 
HETATM 1293 O  O2    . RSF D 3 .   ? -6.228  -15.091 -14.345 1.00 60.43 ? 204 RSF A O2    1 
HETATM 1294 C  C1    . RSF D 3 .   ? -5.007  -15.755 -14.227 1.00 50.88 ? 204 RSF A C1    1 
HETATM 1295 C  C2    . RSF D 3 .   ? -5.109  -16.787 -13.209 1.00 51.41 ? 204 RSF A C2    1 
HETATM 1296 C  C3    . RSF D 3 .   ? -6.494  -16.652 -12.724 1.00 47.84 ? 204 RSF A C3    1 
HETATM 1297 O  O3    . RSF D 3 .   ? -6.546  -15.951 -11.526 1.00 35.93 ? 204 RSF A O3    1 
HETATM 1298 C  C5    . RSF E 3 .   ? -14.893 -10.120 -11.301 1.00 50.95 ? 206 RSF A C5    1 
HETATM 1299 C  C6    . RSF E 3 .   ? -15.269 -9.488  -12.612 1.00 55.79 ? 206 RSF A C6    1 
HETATM 1300 O  O1    . RSF E 3 .   ? -15.075 -9.077  -10.393 1.00 51.31 ? 206 RSF A O1    1 
HETATM 1301 C  C4    . RSF E 3 .   ? -15.703 -6.046  -11.747 1.00 59.44 ? 206 RSF A C4    1 
HETATM 1302 O  O2    . RSF E 3 .   ? -15.491 -6.838  -10.611 1.00 58.64 ? 206 RSF A O2    1 
HETATM 1303 C  C1    . RSF E 3 .   ? -14.682 -7.903  -11.003 1.00 48.96 ? 206 RSF A C1    1 
HETATM 1304 C  C2    . RSF E 3 .   ? -14.790 -8.091  -12.440 1.00 52.20 ? 206 RSF A C2    1 
HETATM 1305 C  C3    . RSF E 3 .   ? -15.807 -7.098  -12.803 1.00 59.73 ? 206 RSF A C3    1 
HETATM 1306 O  O3    . RSF E 3 .   ? -17.059 -7.682  -12.760 1.00 60.93 ? 206 RSF A O3    1 
HETATM 1307 C  C5    . RSF F 3 .   ? -7.721  -9.627  -15.266 1.00 56.24 ? 209 RSF A C5    1 
HETATM 1308 C  C6    . RSF F 3 .   ? -9.090  -9.049  -15.496 1.00 56.93 ? 209 RSF A C6    1 
HETATM 1309 O  O1    . RSF F 3 .   ? -7.819  -10.158 -13.978 1.00 56.54 ? 209 RSF A O1    1 
HETATM 1310 C  C4    . RSF F 3 .   ? -10.629 -9.396  -12.285 1.00 45.49 ? 209 RSF A C4    1 
HETATM 1311 O  O2    . RSF F 3 .   ? -9.352  -9.967  -12.290 1.00 46.96 ? 209 RSF A O2    1 
HETATM 1312 C  C1    . RSF F 3 .   ? -8.577  -9.285  -13.229 1.00 41.77 ? 209 RSF A C1    1 
HETATM 1313 C  C2    . RSF F 3 .   ? -9.444  -8.556  -14.141 1.00 49.64 ? 209 RSF A C2    1 
HETATM 1314 C  C3    . RSF F 3 .   ? -10.795 -8.956  -13.703 1.00 42.78 ? 209 RSF A C3    1 
HETATM 1315 O  O3    . RSF F 3 .   ? -11.285 -9.989  -14.480 1.00 59.07 ? 209 RSF A O3    1 
HETATM 1316 C  C5    . RSF G 3 .   ? 6.181   -15.370 3.236   1.00 57.20 ? 207 RSF A C5    1 
HETATM 1317 C  C6    . RSF G 3 .   ? 7.094   -15.373 2.041   1.00 60.05 ? 207 RSF A C6    1 
HETATM 1318 O  O1    . RSF G 3 .   ? 5.422   -14.205 3.089   1.00 59.01 ? 207 RSF A O1    1 
HETATM 1319 C  C4    . RSF G 3 .   ? 6.307   -12.330 0.389   1.00 49.73 ? 207 RSF A C4    1 
HETATM 1320 O  O2    . RSF G 3 .   ? 5.439   -12.591 1.459   1.00 54.04 ? 207 RSF A O2    1 
HETATM 1321 C  C1    . RSF G 3 .   ? 6.179   -13.252 2.435   1.00 48.03 ? 207 RSF A C1    1 
HETATM 1322 C  C2    . RSF G 3 .   ? 7.307   -13.923 1.801   1.00 53.70 ? 207 RSF A C2    1 
HETATM 1323 C  C3    . RSF G 3 .   ? 7.154   -13.561 0.386   1.00 56.08 ? 207 RSF A C3    1 
HETATM 1324 O  O3    . RSF G 3 .   ? 6.519   -14.591 -0.280  1.00 64.01 ? 207 RSF A O3    1 
HETATM 1325 C  C5    . RSF H 3 .   ? -19.780 -8.243  -1.450  1.00 42.33 ? 211 RSF A C5    1 
HETATM 1326 C  C6    . RSF H 3 .   ? -19.874 -9.401  -2.398  1.00 50.53 ? 211 RSF A C6    1 
HETATM 1327 O  O1    . RSF H 3 .   ? -20.797 -7.377  -1.863  1.00 62.04 ? 211 RSF A O1    1 
HETATM 1328 C  C4    . RSF H 3 .   ? -22.591 -8.495  -4.515  1.00 60.43 ? 211 RSF A C4    1 
HETATM 1329 O  O2    . RSF H 3 .   ? -22.399 -7.569  -3.482  1.00 60.50 ? 211 RSF A O2    1 
HETATM 1330 C  C1    . RSF H 3 .   ? -21.030 -7.536  -3.214  1.00 55.94 ? 211 RSF A C1    1 
HETATM 1331 C  C2    . RSF H 3 .   ? -20.432 -8.794  -3.635  1.00 45.18 ? 211 RSF A C2    1 
HETATM 1332 C  C3    . RSF H 3 .   ? -21.586 -9.540  -4.161  1.00 50.52 ? 211 RSF A C3    1 
HETATM 1333 O  O3    . RSF H 3 .   ? -22.099 -10.369 -3.184  1.00 63.22 ? 211 RSF A O3    1 
HETATM 1334 C  C5    . RSF I 3 .   ? -12.680 1.090   -10.027 1.00 50.33 ? 208 RSF A C5    1 
HETATM 1335 C  C6    . RSF I 3 .   ? -11.959 -0.154  -9.597  1.00 49.37 ? 208 RSF A C6    1 
HETATM 1336 O  O1    . RSF I 3 .   ? -13.855 0.594   -10.590 1.00 59.87 ? 208 RSF A O1    1 
HETATM 1337 C  C4    . RSF I 3 .   ? -13.975 -2.774  -10.936 1.00 56.76 ? 208 RSF A C4    1 
HETATM 1338 O  O2    . RSF I 3 .   ? -14.577 -1.518  -11.102 1.00 65.41 ? 208 RSF A O2    1 
HETATM 1339 C  C1    . RSF I 3 .   ? -13.554 -0.582  -11.244 1.00 55.69 ? 208 RSF A C1    1 
HETATM 1340 C  C2    . RSF I 3 .   ? -12.325 -1.116  -10.668 1.00 50.25 ? 208 RSF A C2    1 
HETATM 1341 C  C3    . RSF I 3 .   ? -12.738 -2.434  -10.167 1.00 48.02 ? 208 RSF A C3    1 
HETATM 1342 O  O3    . RSF I 3 .   ? -13.019 -2.373  -8.816  1.00 52.14 ? 208 RSF A O3    1 
HETATM 1343 C  C5    . RSF J 3 .   ? -11.642 3.676   6.730   1.00 62.62 ? 212 RSF A C5    1 
HETATM 1344 C  C6    . RSF J 3 .   ? -12.543 4.087   5.597   1.00 60.15 ? 212 RSF A C6    1 
HETATM 1345 O  O1    . RSF J 3 .   ? -10.405 4.243   6.409   1.00 68.68 ? 212 RSF A O1    1 
HETATM 1346 C  C4    . RSF J 3 .   ? -10.361 6.018   3.552   1.00 57.23 ? 212 RSF A C4    1 
HETATM 1347 O  O2    . RSF J 3 .   ? -9.673  5.502   4.657   1.00 56.22 ? 212 RSF A O2    1 
HETATM 1348 C  C1    . RSF J 3 .   ? -10.272 4.307   5.038   1.00 45.78 ? 212 RSF A C1    1 
HETATM 1349 C  C2    . RSF J 3 .   ? -11.599 4.227   4.455   1.00 48.68 ? 212 RSF A C2    1 
HETATM 1350 C  C3    . RSF J 3 .   ? -11.750 5.503   3.741   1.00 55.93 ? 212 RSF A C3    1 
HETATM 1351 O  O3    . RSF J 3 .   ? -12.502 6.385   4.496   1.00 65.13 ? 212 RSF A O3    1 
HETATM 1352 C  C5    . RSF K 3 .   ? -8.250  16.128  5.452   1.00 54.35 ? 213 RSF A C5    1 
HETATM 1353 C  C6    . RSF K 3 .   ? -8.619  14.672  5.498   1.00 47.53 ? 213 RSF A C6    1 
HETATM 1354 O  O1    . RSF K 3 .   ? -8.920  16.581  4.317   1.00 60.86 ? 213 RSF A O1    1 
HETATM 1355 C  C4    . RSF K 3 .   ? -10.329 14.175  2.406   1.00 55.75 ? 213 RSF A C4    1 
HETATM 1356 O  O2    . RSF K 3 .   ? -10.035 15.529  2.619   1.00 59.82 ? 213 RSF A O2    1 
HETATM 1357 C  C1    . RSF K 3 .   ? -8.855  15.595  3.358   1.00 52.55 ? 213 RSF A C1    1 
HETATM 1358 C  C2    . RSF K 3 .   ? -8.644  14.332  4.049   1.00 51.47 ? 213 RSF A C2    1 
HETATM 1359 C  C3    . RSF K 3 .   ? -9.821  13.540  3.662   1.00 55.97 ? 213 RSF A C3    1 
HETATM 1360 O  O3    . RSF K 3 .   ? -10.774 13.585  4.664   1.00 61.03 ? 213 RSF A O3    1 
HETATM 1361 C  C5    . RSF L 3 .   ? 9.431   -2.924  -11.183 1.00 35.22 ? 214 RSF A C5    1 
HETATM 1362 C  C6    . RSF L 3 .   ? 7.975   -3.191  -10.935 1.00 49.02 ? 214 RSF A C6    1 
HETATM 1363 O  O1    . RSF L 3 .   ? 10.117  -4.081  -10.817 1.00 52.51 ? 214 RSF A O1    1 
HETATM 1364 C  C4    . RSF L 3 .   ? 8.114   -6.691  -10.425 1.00 48.99 ? 214 RSF A C4    1 
HETATM 1365 O  O2    . RSF L 3 .   ? 9.413   -6.176  -10.363 1.00 58.26 ? 214 RSF A O2    1 
HETATM 1366 C  C1    . RSF L 3 .   ? 9.356   -4.847  -9.963  1.00 46.68 ? 214 RSF A C1    1 
HETATM 1367 C  C2    . RSF L 3 .   ? 7.984   -4.361  -10.016 1.00 48.33 ? 214 RSF A C2    1 
HETATM 1368 C  C3    . RSF L 3 .   ? 7.250   -5.482  -10.612 1.00 48.90 ? 214 RSF A C3    1 
HETATM 1369 O  O3    . RSF L 3 .   ? 7.029   -5.229  -11.954 1.00 59.46 ? 214 RSF A O3    1 
HETATM 1370 C  C5    . RSF M 3 .   ? -10.908 4.530   -7.782  1.00 41.49 ? 205 RSF A C5    1 
HETATM 1371 C  C6    . RSF M 3 .   ? -11.494 5.861   -8.159  1.00 37.25 ? 205 RSF A C6    1 
HETATM 1372 O  O1    . RSF M 3 .   ? -11.998 3.684   -7.867  1.00 39.18 ? 205 RSF A O1    1 
HETATM 1373 C  C4    . RSF M 3 .   ? -14.960 5.347   -8.263  1.00 57.86 ? 205 RSF A C4    1 
HETATM 1374 O  O2    . RSF M 3 .   ? -14.196 4.175   -8.325  1.00 56.22 ? 205 RSF A O2    1 
HETATM 1375 C  C1    . RSF M 3 .   ? -13.123 4.378   -7.462  1.00 45.60 ? 205 RSF A C1    1 
HETATM 1376 C  C2    . RSF M 3 .   ? -12.801 5.794   -7.463  1.00 47.90 ? 205 RSF A C2    1 
HETATM 1377 C  C3    . RSF M 3 .   ? -13.881 6.376   -8.266  1.00 48.29 ? 205 RSF A C3    1 
HETATM 1378 O  O3    . RSF M 3 .   ? -13.424 6.556   -9.556  1.00 64.71 ? 205 RSF A O3    1 
HETATM 1379 C  C5    . RSF N 3 .   ? -4.449  -14.801 6.852   1.00 45.20 ? 215 RSF A C5    1 
HETATM 1380 C  C6    . RSF N 3 .   ? -3.516  -14.411 7.973   1.00 41.02 ? 215 RSF A C6    1 
HETATM 1381 O  O1    . RSF N 3 .   ? -3.992  -16.031 6.370   1.00 46.91 ? 215 RSF A O1    1 
HETATM 1382 C  C4    . RSF N 3 .   ? -1.377  -17.237 8.262   1.00 49.07 ? 215 RSF A C4    1 
HETATM 1383 O  O2    . RSF N 3 .   ? -2.367  -17.421 7.283   1.00 52.79 ? 215 RSF A O2    1 
HETATM 1384 C  C1    . RSF N 3 .   ? -2.652  -16.194 6.695   1.00 43.91 ? 215 RSF A C1    1 
HETATM 1385 C  C2    . RSF N 3 .   ? -2.262  -15.127 7.611   1.00 49.54 ? 215 RSF A C2    1 
HETATM 1386 C  C3    . RSF N 3 .   ? -1.591  -15.829 8.721   1.00 50.75 ? 215 RSF A C3    1 
HETATM 1387 O  O3    . RSF N 3 .   ? -2.366  -15.765 9.865   1.00 57.04 ? 215 RSF A O3    1 
HETATM 1388 C  C5    . RSF O 3 .   ? -18.553 -6.901  5.030   1.00 53.10 ? 210 RSF A C5    1 
HETATM 1389 C  C6    . RSF O 3 .   ? -17.985 -6.435  3.720   1.00 46.67 ? 210 RSF A C6    1 
HETATM 1390 O  O1    . RSF O 3 .   ? -19.909 -7.097  4.755   1.00 58.25 ? 210 RSF A O1    1 
HETATM 1391 C  C4    . RSF O 3 .   ? -20.814 -6.296  1.588   1.00 54.88 ? 210 RSF A C4    1 
HETATM 1392 O  O2    . RSF O 3 .   ? -21.151 -6.784  2.858   1.00 56.47 ? 210 RSF A O2    1 
HETATM 1393 C  C1    . RSF O 3 .   ? -20.312 -6.187  3.801   1.00 56.23 ? 210 RSF A C1    1 
HETATM 1394 C  C2    . RSF O 3 .   ? -19.121 -5.669  3.143   1.00 51.56 ? 210 RSF A C2    1 
HETATM 1395 C  C3    . RSF O 3 .   ? -19.360 -5.937  1.709   1.00 51.19 ? 210 RSF A C3    1 
HETATM 1396 O  O3    . RSF O 3 .   ? -18.544 -6.944  1.213   1.00 52.04 ? 210 RSF A O3    1 
HETATM 1397 MG MG    . MG  P 4 .   ? -10.811 -4.500  -0.300  1.00 22.91 ? 592 MG  A MG    1 
HETATM 1398 CA CA    . CA  Q 5 .   ? -8.332  -16.702 -7.600  1.00 21.94 ? 591 CA  A CA    1 
HETATM 1399 CA CA    . CA  R 5 .   ? 11.663  -8.232  -4.427  0.50 21.99 ? 596 CA  A CA    1 
HETATM 1400 CA CA    . CA  S 5 .   ? -5.346  15.255  14.079  0.50 26.03 ? 593 CA  A CA    1 
HETATM 1401 O  O     . HOH T 6 .   ? -11.938 -5.898  -1.547  1.00 20.35 ? 301 HOH A O     1 
HETATM 1402 O  O     . HOH T 6 .   ? -8.687  3.218   2.081   1.00 25.08 ? 302 HOH A O     1 
HETATM 1403 O  O     . HOH T 6 .   ? -9.645  -3.186  0.950   1.00 22.49 ? 303 HOH A O     1 
HETATM 1404 O  O     . HOH T 6 .   ? -12.260 -8.544  -3.745  1.00 22.53 ? 304 HOH A O     1 
HETATM 1405 O  O     . HOH T 6 .   ? -14.787 -0.618  0.201   1.00 36.24 ? 305 HOH A O     1 
HETATM 1406 O  O     . HOH T 6 .   ? -6.314  5.467   -4.524  1.00 18.12 ? 306 HOH A O     1 
HETATM 1407 O  O     . HOH T 6 .   ? -4.951  -11.726 -4.094  1.00 20.94 ? 307 HOH A O     1 
HETATM 1408 O  O     . HOH T 6 .   ? -13.465 5.153   -3.839  1.00 42.59 ? 308 HOH A O     1 
HETATM 1409 O  O     . HOH T 6 .   ? -6.391  -17.352 -9.072  1.00 29.88 ? 309 HOH A O     1 
HETATM 1410 O  O     . HOH T 6 .   ? -9.781  -8.047  3.282   1.00 33.93 ? 310 HOH A O     1 
HETATM 1411 O  O     . HOH T 6 .   ? 15.705  -2.706  7.139   1.00 20.97 ? 311 HOH A O     1 
HETATM 1412 O  O     . HOH T 6 .   ? -3.605  -17.486 -7.879  1.00 28.84 ? 312 HOH A O     1 
HETATM 1413 O  O     . HOH T 6 .   ? -9.032  -0.010  -11.323 1.00 28.06 ? 313 HOH A O     1 
HETATM 1414 O  O     . HOH T 6 .   ? 6.389   -10.344 -4.990  1.00 28.53 ? 314 HOH A O     1 
HETATM 1415 O  O     . HOH T 6 .   ? 13.118  -2.259  -0.068  1.00 21.27 ? 315 HOH A O     1 
HETATM 1416 O  O     . HOH T 6 .   ? 15.617  0.100   6.872   1.00 22.00 ? 316 HOH A O     1 
HETATM 1417 O  O     . HOH T 6 .   ? 4.846   4.454   -17.593 1.00 34.73 ? 317 HOH A O     1 
HETATM 1418 O  O     . HOH T 6 .   ? 8.637   -9.147  -8.712  1.00 42.84 ? 318 HOH A O     1 
HETATM 1419 O  O     . HOH T 6 .   ? -18.198 -11.519 -5.799  1.00 33.25 ? 319 HOH A O     1 
HETATM 1420 O  O     . HOH T 6 .   ? 8.378   6.820   4.046   1.00 34.37 ? 320 HOH A O     1 
HETATM 1421 O  O     . HOH T 6 .   ? 8.654   -8.074  -5.464  1.00 23.55 ? 321 HOH A O     1 
HETATM 1422 O  O     . HOH T 6 .   ? 2.095   -16.570 10.201  1.00 44.83 ? 322 HOH A O     1 
HETATM 1423 O  O     . HOH T 6 .   ? 5.941   -1.860  -13.932 1.00 34.03 ? 323 HOH A O     1 
HETATM 1424 O  O     . HOH T 6 .   ? 9.376   -15.438 5.589   1.00 47.11 ? 324 HOH A O     1 
HETATM 1425 O  O     . HOH T 6 .   ? -10.597 14.124  -12.394 1.00 31.91 ? 325 HOH A O     1 
HETATM 1426 O  O     . HOH T 6 .   ? -14.517 -7.119  4.574   1.00 38.30 ? 326 HOH A O     1 
HETATM 1427 O  O     . HOH T 6 .   ? -9.485  -4.855  -12.336 1.00 36.36 ? 333 HOH A O     1 
HETATM 1428 O  O     . HOH T 6 .   ? -3.435  10.187  -15.621 1.00 36.02 ? 338 HOH A O     1 
HETATM 1429 O  O     . HOH T 6 .   ? -3.444  8.961   -19.756 1.00 39.21 ? 342 HOH A O     1 
HETATM 1430 O  O     . HOH T 6 .   ? 4.898   -2.229  16.191  1.00 29.65 ? 343 HOH A O     1 
HETATM 1431 O  O     . HOH T 6 .   ? -4.759  15.256  -6.161  1.00 43.18 ? 344 HOH A O     1 
HETATM 1432 O  O     . HOH T 6 .   ? 10.081  8.937   -6.253  1.00 35.89 ? 346 HOH A O     1 
HETATM 1433 O  O     . HOH T 6 .   ? 2.613   -1.952  -17.103 1.00 40.59 ? 383 HOH A O     1 
HETATM 1434 O  O     . HOH T 6 .   ? 10.531  -13.135 4.251   1.00 41.33 ? 389 HOH A O     1 
HETATM 1435 O  O     . HOH T 6 .   ? 14.554  -12.393 15.044  1.00 43.87 ? 391 HOH A O     1 
HETATM 1436 O  O     . HOH T 6 .   ? 13.477  4.885   1.208   0.90 46.17 ? 392 HOH A O     1 
HETATM 1437 O  O     . HOH T 6 .   ? 5.647   10.131  4.061   1.00 37.82 ? 394 HOH A O     1 
HETATM 1438 O  O     . HOH T 6 .   ? -1.170  -15.810 -8.305  1.00 41.74 ? 409 HOH A O     1 
HETATM 1439 O  O     . HOH T 6 .   ? 13.216  6.406   3.058   1.00 30.71 ? 422 HOH A O     1 
HETATM 1440 O  O     . HOH T 6 .   ? -10.895 9.745   1.118   1.00 52.68 ? 431 HOH A O     1 
HETATM 1441 O  O     . HOH T 6 .   ? -1.148  10.102  -19.995 1.00 65.89 ? 438 HOH A O     1 
HETATM 1442 O  O     . HOH T 6 .   ? 2.862   11.781  -21.557 0.90 53.59 ? 440 HOH A O     1 
HETATM 1443 O  O     . HOH T 6 .   ? 0.925   -4.464  -20.290 1.00 52.04 ? 472 HOH A O     1 
HETATM 1444 O  O     . HOH T 6 .   ? -14.218 -6.641  8.384   1.00 26.37 ? 525 HOH A O     1 
HETATM 1445 O  O     . HOH T 6 .   ? -2.758  10.170  -18.131 1.00 31.06 ? 526 HOH A O     1 
HETATM 1446 O  O     . HOH T 6 .   ? -2.254  -9.348  -22.135 1.00 59.32 ? 527 HOH A O     1 
HETATM 1447 O  O     . HOH T 6 .   ? -20.884 -2.070  -2.281  1.00 60.83 ? 528 HOH A O     1 
HETATM 1448 O  O     . HOH T 6 .   ? -6.492  17.900  3.466   1.00 51.12 ? 529 HOH A O     1 
# 
